data_3AYL
#
_entry.id   3AYL
#
_cell.length_a   101.269
_cell.length_b   112.843
_cell.length_c   136.490
_cell.angle_alpha   90.00
_cell.angle_beta   90.00
_cell.angle_gamma   90.00
#
_symmetry.space_group_name_H-M   'P 21 21 21'
#
loop_
_entity.id
_entity.type
_entity.pdbx_description
1 polymer 'Pro-enzyme of L-phenylalanine oxidase'
2 non-polymer 'SULFATE ION'
3 non-polymer 'FLAVIN-ADENINE DINUCLEOTIDE'
4 non-polymer METHIONINE
5 non-polymer GLYCEROL
6 water water
#
_entity_poly.entity_id   1
_entity_poly.type   'polypeptide(L)'
_entity_poly.pdbx_seq_one_letter_code
;GVTVIPRLLGLKDEKKIATTVGEARLSGINYRHPDSALVSYPVAAAAPLGRLPAGNYRIAIVGGGAGGIAALYELGRLAA
TLPAGSGIDVQIYEADPDSFLHDRPGIKAIKVRGLKAGRVSAALVHNGDPASGDTIYEVGAMRFPEIAGLTWHYASAAFG
DAAPIKVFPNPGKVPTEFVFGNRVDRYVGSDPKDWEDPDSPTLKVLGVVAGGLVGNPQGENVAMYPIANVDPAKIAAILN
AATPPADALERIQTKYWPEFIAQYDGLTLGAAVREIVTVAFEKGTLPPVDGVLDVDESISYYVELFGRFGFGTGGFKPLY
NISLVEMMRLILWDYSNEYTLPVTENVEFIRNLFLKAQNVGAGKLVVQVRQERVANACHSGTASARAQLLSYDSHNAVHS
EAYDFVILAVPHDQLTPIVSRSGFEHAASQNLGDAGLGLETHTYNQVYPPLLLSDSSPAANARIVTAIGQLHMARSSKVF
ATVKTAALDQPWVPQWRGEPIKAVVSDSGLAASYVVPSPIVEDGQAPEYSSLLASYTWEDDSTRLRHDFGLYPQNPATET
GTADGMYRTMVNRAYRYVKYAGASNAQPWWFYQLLAEARTADRFVFDWTTNKTAGGFKLDMTGDHHQSNLCFRYHTHALA
ASLDNRFFIASDSYSHLGGWLEGAFMSALNAVAGLIVRANRGDVSALSTEARPLVIGLRPVVKVPAAELATSQLEHHHHH
H
;
_entity_poly.pdbx_strand_id   A,B
#
loop_
_chem_comp.id
_chem_comp.type
_chem_comp.name
_chem_comp.formula
FAD non-polymer 'FLAVIN-ADENINE DINUCLEOTIDE' 'C27 H33 N9 O15 P2'
GOL non-polymer GLYCEROL 'C3 H8 O3'
SO4 non-polymer 'SULFATE ION' 'O4 S -2'
#
# COMPACT_ATOMS: atom_id res chain seq x y z
N LYS A 16 3.32 25.86 -28.01
CA LYS A 16 1.91 25.45 -28.24
C LYS A 16 1.21 25.40 -26.88
N ILE A 17 1.65 26.30 -26.06
CA ILE A 17 1.23 26.37 -24.68
C ILE A 17 -0.11 27.09 -24.63
N ALA A 18 -1.08 26.52 -23.93
CA ALA A 18 -2.37 27.16 -23.71
C ALA A 18 -2.20 28.25 -22.68
N THR A 19 -2.87 29.38 -22.85
CA THR A 19 -2.70 30.53 -21.98
C THR A 19 -4.00 30.97 -21.28
N THR A 20 -5.15 30.42 -21.67
CA THR A 20 -6.43 30.74 -21.09
C THR A 20 -7.20 29.46 -20.86
N VAL A 21 -8.22 29.56 -20.01
CA VAL A 21 -9.18 28.48 -19.80
C VAL A 21 -9.74 28.04 -21.16
N GLY A 22 -10.13 28.96 -22.01
CA GLY A 22 -10.76 28.60 -23.28
C GLY A 22 -9.84 27.82 -24.17
N GLU A 23 -8.56 28.25 -24.22
CA GLU A 23 -7.58 27.52 -25.02
C GLU A 23 -7.40 26.08 -24.56
N ALA A 24 -7.28 25.88 -23.25
CA ALA A 24 -7.26 24.52 -22.74
C ALA A 24 -8.56 23.77 -23.02
N ARG A 25 -9.72 24.44 -22.80
CA ARG A 25 -11.00 23.82 -23.02
C ARG A 25 -11.10 23.27 -24.43
N LEU A 26 -10.76 24.08 -25.42
CA LEU A 26 -10.90 23.66 -26.80
C LEU A 26 -9.89 22.57 -27.16
N SER A 27 -8.73 22.58 -26.52
CA SER A 27 -7.73 21.58 -26.78
C SER A 27 -8.20 20.16 -26.57
N GLY A 28 -8.97 19.96 -25.48
CA GLY A 28 -9.45 18.69 -25.06
C GLY A 28 -10.90 18.40 -25.32
N ILE A 29 -11.57 19.25 -26.07
CA ILE A 29 -13.03 19.12 -26.22
C ILE A 29 -13.46 17.83 -26.89
N ASN A 30 -12.59 17.29 -27.72
CA ASN A 30 -12.88 16.11 -28.46
C ASN A 30 -12.53 14.78 -27.79
N TYR A 31 -11.67 14.87 -26.78
CA TYR A 31 -11.01 13.67 -26.35
C TYR A 31 -11.97 12.72 -25.62
N ARG A 32 -11.93 11.47 -26.06
CA ARG A 32 -12.71 10.37 -25.52
C ARG A 32 -11.80 9.37 -24.88
N HIS A 33 -12.12 8.97 -23.66
CA HIS A 33 -11.30 7.98 -22.93
C HIS A 33 -11.64 6.58 -23.42
N PRO A 34 -10.74 5.61 -23.32
CA PRO A 34 -10.92 4.32 -24.01
C PRO A 34 -12.03 3.42 -23.47
N ASP A 35 -12.40 3.66 -22.20
CA ASP A 35 -13.55 2.96 -21.61
C ASP A 35 -14.87 3.64 -21.90
N SER A 36 -14.86 4.77 -22.54
CA SER A 36 -16.03 5.53 -22.92
C SER A 36 -15.76 6.19 -24.27
N ALA A 37 -15.30 5.40 -25.22
CA ALA A 37 -14.78 5.92 -26.46
C ALA A 37 -15.87 6.43 -27.36
N LEU A 38 -17.13 6.13 -27.10
CA LEU A 38 -18.23 6.61 -27.90
C LEU A 38 -18.77 7.97 -27.47
N VAL A 39 -18.13 8.64 -26.55
CA VAL A 39 -18.64 9.94 -26.16
C VAL A 39 -17.47 10.85 -25.71
N SER A 40 -17.56 12.09 -26.17
CA SER A 40 -16.78 13.19 -25.59
C SER A 40 -17.61 13.80 -24.49
N TYR A 41 -17.18 13.65 -23.23
CA TYR A 41 -17.92 14.18 -22.16
C TYR A 41 -18.19 15.72 -22.26
N PRO A 42 -17.21 16.52 -22.70
CA PRO A 42 -17.47 17.95 -22.89
C PRO A 42 -18.63 18.23 -23.85
N VAL A 43 -18.72 17.42 -24.89
CA VAL A 43 -19.79 17.59 -25.88
C VAL A 43 -21.13 17.23 -25.24
N ALA A 44 -21.15 16.12 -24.52
CA ALA A 44 -22.35 15.72 -23.80
C ALA A 44 -22.81 16.79 -22.77
N ALA A 45 -21.84 17.49 -22.16
CA ALA A 45 -22.13 18.49 -21.15
C ALA A 45 -22.45 19.87 -21.69
N ALA A 46 -22.41 20.06 -23.01
CA ALA A 46 -22.56 21.40 -23.57
C ALA A 46 -23.95 21.96 -23.28
N ALA A 47 -24.96 21.19 -23.51
CA ALA A 47 -26.39 21.54 -23.25
C ALA A 47 -26.85 20.77 -22.01
N PRO A 48 -27.98 21.16 -21.41
CA PRO A 48 -28.52 20.35 -20.32
C PRO A 48 -28.60 18.89 -20.76
N LEU A 49 -28.43 17.96 -19.82
CA LEU A 49 -28.26 16.57 -20.19
C LEU A 49 -29.56 15.94 -20.72
N GLY A 50 -30.71 16.47 -20.39
CA GLY A 50 -32.02 15.87 -20.83
C GLY A 50 -33.13 16.67 -20.23
N ARG A 51 -34.27 15.97 -20.16
CA ARG A 51 -35.47 16.50 -19.68
C ARG A 51 -36.10 15.59 -18.65
N LEU A 52 -36.76 16.23 -17.69
CA LEU A 52 -37.52 15.53 -16.67
C LEU A 52 -38.98 15.76 -16.88
N PRO A 53 -39.81 14.78 -16.48
CA PRO A 53 -41.24 15.04 -16.43
C PRO A 53 -41.58 16.14 -15.44
N ALA A 54 -42.71 16.80 -15.63
CA ALA A 54 -43.17 17.77 -14.66
C ALA A 54 -43.24 17.14 -13.30
N GLY A 55 -42.94 17.96 -12.28
CA GLY A 55 -43.00 17.52 -10.89
C GLY A 55 -42.18 18.41 -10.00
N ASN A 56 -42.33 18.14 -8.72
CA ASN A 56 -41.63 18.81 -7.70
C ASN A 56 -40.73 17.76 -7.05
N TYR A 57 -39.48 17.71 -7.46
CA TYR A 57 -38.61 16.62 -7.07
C TYR A 57 -37.88 16.93 -5.76
N ARG A 58 -37.62 15.90 -4.99
CA ARG A 58 -36.84 16.01 -3.77
C ARG A 58 -35.62 15.06 -3.96
N ILE A 59 -34.45 15.69 -4.08
CA ILE A 59 -33.22 15.00 -4.36
C ILE A 59 -32.22 15.25 -3.22
N ALA A 60 -31.41 14.26 -2.92
CA ALA A 60 -30.27 14.47 -1.99
C ALA A 60 -28.99 14.23 -2.76
N ILE A 61 -27.98 15.02 -2.42
CA ILE A 61 -26.61 14.76 -2.84
C ILE A 61 -25.82 14.62 -1.54
N VAL A 62 -25.17 13.48 -1.42
CA VAL A 62 -24.28 13.18 -0.26
C VAL A 62 -22.88 13.47 -0.72
N GLY A 63 -22.33 14.56 -0.18
CA GLY A 63 -20.98 15.01 -0.50
C GLY A 63 -20.94 16.24 -1.32
N GLY A 64 -20.22 17.25 -0.85
CA GLY A 64 -20.01 18.52 -1.51
C GLY A 64 -18.59 18.73 -2.02
N GLY A 65 -18.06 17.69 -2.64
CA GLY A 65 -16.81 17.79 -3.38
C GLY A 65 -17.10 18.02 -4.86
N ALA A 66 -16.07 17.84 -5.67
CA ALA A 66 -16.20 18.05 -7.10
C ALA A 66 -17.32 17.25 -7.70
N GLY A 67 -17.46 15.99 -7.33
CA GLY A 67 -18.52 15.18 -7.87
C GLY A 67 -19.90 15.68 -7.52
N GLY A 68 -20.13 15.96 -6.23
CA GLY A 68 -21.44 16.39 -5.78
C GLY A 68 -21.83 17.76 -6.32
N ILE A 69 -20.83 18.67 -6.37
CA ILE A 69 -21.14 19.99 -6.87
C ILE A 69 -21.34 20.04 -8.37
N ALA A 70 -20.57 19.25 -9.13
CA ALA A 70 -20.85 19.16 -10.55
C ALA A 70 -22.26 18.57 -10.78
N ALA A 71 -22.62 17.56 -9.98
CA ALA A 71 -23.95 16.96 -10.10
C ALA A 71 -25.00 18.06 -9.80
N LEU A 72 -24.79 18.85 -8.75
CA LEU A 72 -25.71 19.92 -8.41
C LEU A 72 -25.86 20.91 -9.57
N TYR A 73 -24.73 21.28 -10.17
CA TYR A 73 -24.74 22.17 -11.33
C TYR A 73 -25.59 21.59 -12.46
N GLU A 74 -25.40 20.34 -12.77
CA GLU A 74 -26.21 19.73 -13.84
C GLU A 74 -27.67 19.65 -13.48
N LEU A 75 -27.98 19.41 -12.22
CA LEU A 75 -29.37 19.48 -11.74
C LEU A 75 -29.94 20.87 -11.88
N GLY A 76 -29.16 21.91 -11.63
CA GLY A 76 -29.60 23.27 -11.82
C GLY A 76 -29.98 23.51 -13.27
N ARG A 77 -29.11 23.02 -14.18
CA ARG A 77 -29.38 23.19 -15.60
C ARG A 77 -30.70 22.50 -16.00
N LEU A 78 -30.90 21.32 -15.44
CA LEU A 78 -32.16 20.61 -15.66
C LEU A 78 -33.34 21.36 -15.08
N ALA A 79 -33.22 21.85 -13.86
CA ALA A 79 -34.27 22.54 -13.17
C ALA A 79 -34.77 23.70 -14.03
N ALA A 80 -33.84 24.44 -14.67
CA ALA A 80 -34.24 25.63 -15.40
C ALA A 80 -35.12 25.28 -16.57
N THR A 81 -35.10 24.03 -17.02
CA THR A 81 -35.93 23.58 -18.16
C THR A 81 -37.31 23.13 -17.78
N LEU A 82 -37.59 23.04 -16.49
CA LEU A 82 -38.85 22.51 -16.02
C LEU A 82 -39.95 23.58 -16.25
N PRO A 83 -41.20 23.13 -16.38
CA PRO A 83 -42.31 24.07 -16.61
C PRO A 83 -42.72 24.79 -15.34
N ALA A 84 -43.54 25.85 -15.50
CA ALA A 84 -44.10 26.57 -14.38
C ALA A 84 -44.80 25.58 -13.46
N GLY A 85 -44.53 25.73 -12.15
CA GLY A 85 -45.13 24.86 -11.14
C GLY A 85 -44.22 23.71 -10.74
N SER A 86 -43.20 23.40 -11.54
CA SER A 86 -42.23 22.32 -11.25
C SER A 86 -40.92 22.85 -10.67
N GLY A 87 -40.14 21.98 -10.04
CA GLY A 87 -38.85 22.41 -9.55
C GLY A 87 -38.14 21.25 -8.93
N ILE A 88 -36.95 21.53 -8.47
CA ILE A 88 -36.10 20.53 -7.76
C ILE A 88 -35.64 21.16 -6.44
N ASP A 89 -35.82 20.41 -5.36
CA ASP A 89 -35.20 20.71 -4.07
C ASP A 89 -34.07 19.72 -3.87
N VAL A 90 -32.92 20.28 -3.49
CA VAL A 90 -31.77 19.42 -3.21
C VAL A 90 -31.33 19.69 -1.78
N GLN A 91 -31.20 18.60 -1.01
CA GLN A 91 -30.51 18.59 0.28
C GLN A 91 -29.11 18.07 -0.01
N ILE A 92 -28.10 18.87 0.32
CA ILE A 92 -26.72 18.47 0.16
C ILE A 92 -26.14 18.22 1.55
N TYR A 93 -25.72 16.98 1.76
CA TYR A 93 -25.11 16.58 3.00
C TYR A 93 -23.62 16.73 2.92
N GLU A 94 -23.00 17.40 3.88
CA GLU A 94 -21.55 17.62 3.89
C GLU A 94 -21.07 17.57 5.35
N ALA A 95 -20.39 16.49 5.65
CA ALA A 95 -19.88 16.21 7.02
C ALA A 95 -18.65 16.99 7.40
N ASP A 96 -17.86 17.45 6.43
CA ASP A 96 -16.57 18.08 6.74
C ASP A 96 -16.84 19.46 7.34
N PRO A 97 -16.43 19.72 8.60
CA PRO A 97 -16.67 21.00 9.19
C PRO A 97 -15.95 22.16 8.49
N ASP A 98 -14.91 21.83 7.73
CA ASP A 98 -14.10 22.78 7.02
C ASP A 98 -14.57 23.06 5.60
N SER A 99 -15.65 22.42 5.16
CA SER A 99 -16.18 22.66 3.84
C SER A 99 -16.53 24.12 3.62
N PHE A 100 -16.26 24.60 2.41
CA PHE A 100 -16.77 25.90 2.01
C PHE A 100 -18.28 26.08 2.12
N LEU A 101 -19.01 24.96 2.14
CA LEU A 101 -20.46 25.00 2.25
C LEU A 101 -20.94 25.49 3.58
N HIS A 102 -20.09 25.40 4.60
CA HIS A 102 -20.47 25.81 5.95
C HIS A 102 -19.88 27.13 6.34
N ASP A 103 -19.24 27.81 5.41
CA ASP A 103 -18.64 29.11 5.61
C ASP A 103 -19.30 30.15 4.74
N ARG A 104 -20.63 30.08 4.63
CA ARG A 104 -21.49 30.94 3.77
C ARG A 104 -21.34 30.60 2.26
N ALA A 109 0.24 31.33 11.08
CA ALA A 109 -1.02 30.58 11.33
C ALA A 109 -1.41 29.92 10.03
N ILE A 110 -2.14 28.82 10.13
CA ILE A 110 -2.60 28.08 8.98
C ILE A 110 -4.10 27.91 9.12
N LYS A 111 -4.87 28.52 8.24
CA LYS A 111 -6.31 28.42 8.22
C LYS A 111 -6.73 27.40 7.18
N VAL A 112 -7.65 26.50 7.57
CA VAL A 112 -8.28 25.57 6.66
C VAL A 112 -9.81 25.70 6.66
N ARG A 113 -10.40 26.34 7.66
CA ARG A 113 -11.84 26.43 7.75
C ARG A 113 -12.39 27.19 6.56
N GLY A 114 -13.35 26.57 5.88
CA GLY A 114 -13.99 27.11 4.70
C GLY A 114 -13.20 26.94 3.43
N LEU A 115 -12.03 26.31 3.48
CA LEU A 115 -11.13 26.25 2.37
C LEU A 115 -11.02 24.86 1.79
N LYS A 116 -11.98 23.98 2.13
CA LYS A 116 -12.02 22.65 1.53
C LYS A 116 -13.31 22.44 0.76
N ALA A 117 -13.12 21.71 -0.35
CA ALA A 117 -14.23 21.09 -1.11
C ALA A 117 -13.78 19.67 -1.33
N GLY A 118 -13.89 18.86 -0.29
CA GLY A 118 -13.37 17.50 -0.29
C GLY A 118 -11.86 17.49 -0.45
N ARG A 119 -11.42 16.83 -1.50
CA ARG A 119 -10.01 16.68 -1.84
C ARG A 119 -9.46 17.81 -2.68
N VAL A 120 -10.27 18.85 -2.94
CA VAL A 120 -9.75 20.14 -3.39
C VAL A 120 -9.63 20.96 -2.10
N SER A 121 -8.42 21.19 -1.61
CA SER A 121 -8.24 21.58 -0.21
C SER A 121 -7.06 22.54 -0.09
N ALA A 122 -7.34 23.76 0.39
CA ALA A 122 -6.30 24.79 0.53
C ALA A 122 -6.07 25.06 1.99
N ALA A 123 -4.79 25.41 2.29
CA ALA A 123 -4.41 25.86 3.62
C ALA A 123 -3.81 27.25 3.44
N LEU A 124 -4.38 28.24 4.09
CA LEU A 124 -3.96 29.64 3.98
C LEU A 124 -2.99 29.99 5.11
N VAL A 125 -1.77 30.37 4.72
CA VAL A 125 -0.75 30.73 5.68
C VAL A 125 -0.83 32.25 5.87
N HIS A 126 -1.02 32.71 7.11
CA HIS A 126 -1.20 34.14 7.36
C HIS A 126 -0.62 34.44 8.73
N ASN A 127 -0.54 35.74 9.04
CA ASN A 127 -0.02 36.15 10.36
C ASN A 127 -1.01 36.83 11.21
N GLY A 128 -2.29 36.51 11.06
CA GLY A 128 -3.31 37.09 11.98
C GLY A 128 -4.48 37.65 11.23
N ASP A 129 -4.23 38.13 10.04
CA ASP A 129 -5.23 38.63 9.15
C ASP A 129 -5.32 37.72 7.88
N PRO A 130 -6.36 36.85 7.79
CA PRO A 130 -6.45 35.95 6.67
C PRO A 130 -6.70 36.63 5.34
N ALA A 131 -7.18 37.85 5.37
CA ALA A 131 -7.34 38.62 4.10
C ALA A 131 -6.00 39.13 3.57
N SER A 132 -4.89 38.97 4.33
CA SER A 132 -3.56 39.43 3.91
C SER A 132 -2.55 38.32 4.13
N GLY A 133 -2.75 37.20 3.44
CA GLY A 133 -1.93 36.04 3.68
C GLY A 133 -0.60 36.04 2.96
N ASP A 134 0.20 35.07 3.33
CA ASP A 134 1.52 34.92 2.75
C ASP A 134 1.50 33.97 1.55
N THR A 135 0.89 32.79 1.71
CA THR A 135 0.85 31.78 0.64
C THR A 135 -0.33 30.86 0.90
N ILE A 136 -0.55 29.98 -0.06
CA ILE A 136 -1.57 28.92 0.00
C ILE A 136 -0.82 27.59 -0.21
N TYR A 137 -1.12 26.59 0.58
CA TYR A 137 -0.74 25.22 0.33
C TYR A 137 -1.90 24.55 -0.37
N GLU A 138 -1.67 23.98 -1.55
CA GLU A 138 -2.68 23.17 -2.24
C GLU A 138 -2.49 21.75 -1.76
N VAL A 139 -3.34 21.34 -0.81
CA VAL A 139 -3.17 20.11 -0.09
C VAL A 139 -3.62 18.91 -0.89
N GLY A 140 -4.58 19.08 -1.80
CA GLY A 140 -5.09 18.03 -2.70
C GLY A 140 -4.84 18.38 -4.15
N ALA A 141 -5.89 18.51 -4.92
CA ALA A 141 -5.71 18.74 -6.35
C ALA A 141 -4.92 19.98 -6.60
N MET A 142 -4.03 19.95 -7.62
CA MET A 142 -3.20 21.11 -7.95
C MET A 142 -2.83 21.28 -9.38
N ARG A 143 -2.90 20.26 -10.24
CA ARG A 143 -2.35 20.38 -11.58
C ARG A 143 -3.30 19.64 -12.55
N PHE A 144 -3.62 20.31 -13.67
CA PHE A 144 -4.78 19.91 -14.47
C PHE A 144 -4.36 19.70 -15.92
N PRO A 145 -4.50 18.46 -16.43
CA PRO A 145 -4.04 18.15 -17.80
C PRO A 145 -4.70 19.09 -18.81
N GLU A 146 -3.94 19.45 -19.86
CA GLU A 146 -4.51 20.27 -20.94
C GLU A 146 -5.73 19.64 -21.54
N ILE A 147 -5.68 18.34 -21.74
CA ILE A 147 -6.79 17.64 -22.43
C ILE A 147 -7.85 17.09 -21.50
N ALA A 148 -7.87 17.58 -20.24
CA ALA A 148 -8.94 17.30 -19.27
C ALA A 148 -10.14 18.12 -19.69
N GLY A 149 -10.85 17.69 -20.73
CA GLY A 149 -11.82 18.53 -21.36
C GLY A 149 -13.01 18.88 -20.49
N LEU A 150 -13.47 17.95 -19.66
CA LEU A 150 -14.59 18.25 -18.78
C LEU A 150 -14.23 19.19 -17.65
N THR A 151 -12.99 19.04 -17.14
CA THR A 151 -12.42 19.91 -16.17
C THR A 151 -12.45 21.35 -16.67
N TRP A 152 -11.93 21.54 -17.90
CA TRP A 152 -11.88 22.89 -18.48
C TRP A 152 -13.25 23.39 -18.89
N HIS A 153 -14.18 22.53 -19.27
CA HIS A 153 -15.56 22.90 -19.49
C HIS A 153 -16.14 23.54 -18.28
N TYR A 154 -15.97 22.89 -17.12
CA TYR A 154 -16.48 23.44 -15.87
C TYR A 154 -15.68 24.66 -15.42
N ALA A 155 -14.35 24.68 -15.70
CA ALA A 155 -13.60 25.87 -15.39
C ALA A 155 -14.09 27.05 -16.17
N SER A 156 -14.53 26.84 -17.43
CA SER A 156 -15.09 27.92 -18.21
C SER A 156 -16.42 28.37 -17.63
N ALA A 157 -17.29 27.45 -17.19
CA ALA A 157 -18.53 27.84 -16.54
C ALA A 157 -18.26 28.71 -15.30
N ALA A 158 -17.24 28.36 -14.56
CA ALA A 158 -16.88 29.05 -13.33
C ALA A 158 -16.18 30.39 -13.60
N PHE A 159 -15.28 30.48 -14.55
CA PHE A 159 -14.38 31.61 -14.66
C PHE A 159 -14.37 32.32 -16.01
N GLY A 160 -14.96 31.73 -17.01
CA GLY A 160 -14.96 32.23 -18.38
C GLY A 160 -13.75 31.75 -19.17
N ASP A 161 -13.92 31.69 -20.47
CA ASP A 161 -12.86 31.27 -21.36
C ASP A 161 -11.61 32.16 -21.31
N ALA A 162 -11.82 33.46 -21.08
CA ALA A 162 -10.73 34.43 -21.14
C ALA A 162 -9.77 34.30 -19.95
N ALA A 163 -10.12 33.61 -18.90
CA ALA A 163 -9.33 33.63 -17.66
C ALA A 163 -7.96 32.99 -17.90
N PRO A 164 -6.88 33.60 -17.39
CA PRO A 164 -5.52 33.11 -17.67
C PRO A 164 -5.18 31.90 -16.85
N ILE A 165 -4.39 31.03 -17.46
CA ILE A 165 -3.83 29.83 -16.81
C ILE A 165 -2.33 29.83 -17.02
N LYS A 166 -1.62 29.10 -16.15
CA LYS A 166 -0.18 28.94 -16.16
C LYS A 166 0.21 27.49 -16.29
N VAL A 167 1.39 27.22 -16.83
CA VAL A 167 1.96 25.85 -16.86
C VAL A 167 2.26 25.46 -15.44
N PHE A 168 1.79 24.30 -14.98
CA PHE A 168 2.14 23.86 -13.63
C PHE A 168 3.65 23.57 -13.58
N PRO A 169 4.37 23.99 -12.57
CA PRO A 169 5.84 23.85 -12.52
C PRO A 169 6.30 22.44 -12.11
N ASN A 170 5.95 21.46 -12.95
CA ASN A 170 6.34 20.06 -12.81
C ASN A 170 7.81 19.89 -12.99
N PRO A 171 8.36 18.80 -12.48
CA PRO A 171 9.73 18.40 -12.88
C PRO A 171 9.82 18.35 -14.39
N GLY A 172 10.83 18.96 -14.92
CA GLY A 172 10.99 19.11 -16.35
C GLY A 172 10.37 20.34 -16.97
N LYS A 173 9.36 20.94 -16.36
CA LYS A 173 8.77 22.17 -16.86
C LYS A 173 9.52 23.36 -16.38
N VAL A 174 10.12 23.31 -15.21
CA VAL A 174 11.00 24.29 -14.64
C VAL A 174 12.33 23.56 -14.44
N PRO A 175 13.41 24.30 -14.16
CA PRO A 175 14.69 23.62 -13.89
C PRO A 175 14.52 22.70 -12.74
N THR A 176 15.03 21.46 -12.93
CA THR A 176 14.80 20.34 -12.05
C THR A 176 16.12 19.64 -11.70
N GLU A 177 16.26 19.25 -10.43
CA GLU A 177 17.32 18.32 -10.04
C GLU A 177 16.66 16.96 -9.74
N PHE A 178 17.28 15.94 -10.30
CA PHE A 178 16.91 14.54 -10.13
C PHE A 178 18.06 13.78 -9.47
N VAL A 179 17.73 13.00 -8.44
CA VAL A 179 18.71 12.21 -7.74
C VAL A 179 18.13 10.80 -7.54
N PHE A 180 18.86 9.79 -8.00
CA PHE A 180 18.57 8.37 -7.76
C PHE A 180 19.88 7.70 -7.52
N GLY A 181 20.08 7.08 -6.36
CA GLY A 181 21.34 6.41 -6.12
C GLY A 181 22.48 7.40 -6.35
N ASN A 182 23.48 6.95 -7.11
CA ASN A 182 24.63 7.74 -7.47
C ASN A 182 24.40 8.72 -8.61
N ARG A 183 23.25 8.68 -9.25
CA ARG A 183 23.01 9.50 -10.41
C ARG A 183 22.37 10.83 -10.07
N VAL A 184 22.88 11.91 -10.59
CA VAL A 184 22.29 13.24 -10.51
C VAL A 184 22.11 13.77 -11.92
N ASP A 185 21.00 14.44 -12.13
CA ASP A 185 20.75 15.20 -13.35
C ASP A 185 20.14 16.54 -13.03
N ARG A 186 20.41 17.52 -13.87
CA ARG A 186 19.79 18.83 -13.82
C ARG A 186 19.29 19.12 -15.24
N TYR A 187 18.00 19.47 -15.39
CA TYR A 187 17.39 19.46 -16.71
C TYR A 187 16.15 20.29 -16.78
N VAL A 188 15.76 20.58 -18.02
CA VAL A 188 14.46 21.05 -18.43
C VAL A 188 14.04 20.21 -19.63
N GLY A 189 12.83 19.70 -19.63
CA GLY A 189 12.30 18.97 -20.78
C GLY A 189 13.09 17.73 -21.14
N SER A 190 13.03 17.33 -22.40
CA SER A 190 13.59 16.08 -22.87
C SER A 190 14.60 16.30 -24.01
N ASP A 191 14.90 17.53 -24.37
CA ASP A 191 15.91 17.75 -25.40
C ASP A 191 17.23 17.71 -24.74
N PRO A 192 18.17 16.88 -25.18
CA PRO A 192 19.47 16.77 -24.54
C PRO A 192 20.21 18.09 -24.43
N LYS A 193 19.94 19.05 -25.34
CA LYS A 193 20.55 20.35 -25.26
C LYS A 193 20.23 21.10 -23.97
N ASP A 194 19.13 20.70 -23.34
CA ASP A 194 18.61 21.32 -22.12
C ASP A 194 18.93 20.53 -20.88
N TRP A 195 19.71 19.49 -21.00
CA TRP A 195 20.23 18.66 -19.90
C TRP A 195 21.66 19.04 -19.59
N GLU A 196 22.05 19.14 -18.32
CA GLU A 196 23.43 19.42 -17.98
C GLU A 196 24.37 18.36 -18.53
N ASP A 197 23.93 17.10 -18.50
CA ASP A 197 24.63 15.97 -19.09
C ASP A 197 23.78 15.44 -20.26
N PRO A 198 24.11 15.88 -21.50
CA PRO A 198 23.28 15.42 -22.61
C PRO A 198 23.40 13.92 -22.90
N ASP A 199 24.42 13.27 -22.35
CA ASP A 199 24.65 11.85 -22.50
C ASP A 199 24.09 11.06 -21.34
N SER A 200 23.24 11.70 -20.52
CA SER A 200 22.76 11.12 -19.29
C SER A 200 22.11 9.75 -19.57
N PRO A 201 22.40 8.75 -18.74
CA PRO A 201 21.65 7.50 -18.81
C PRO A 201 20.18 7.67 -18.46
N THR A 202 19.86 8.67 -17.66
CA THR A 202 18.46 8.93 -17.28
C THR A 202 17.66 9.29 -18.52
N LEU A 203 18.20 10.19 -19.32
CA LEU A 203 17.50 10.62 -20.50
C LEU A 203 17.44 9.42 -21.47
N LYS A 204 18.45 8.56 -21.54
CA LYS A 204 18.42 7.42 -22.39
C LYS A 204 17.36 6.41 -21.98
N VAL A 205 17.25 6.11 -20.69
CA VAL A 205 16.23 5.18 -20.23
C VAL A 205 14.84 5.77 -20.43
N LEU A 206 14.67 7.07 -20.24
CA LEU A 206 13.40 7.67 -20.54
C LEU A 206 12.98 7.40 -22.01
N GLY A 207 13.89 7.62 -22.94
CA GLY A 207 13.59 7.38 -24.31
C GLY A 207 13.21 5.93 -24.61
N VAL A 208 13.88 4.98 -23.97
CA VAL A 208 13.58 3.56 -24.12
C VAL A 208 12.20 3.27 -23.57
N VAL A 209 11.90 3.76 -22.38
CA VAL A 209 10.62 3.37 -21.73
C VAL A 209 9.47 4.07 -22.41
N ALA A 210 9.60 5.37 -22.70
CA ALA A 210 8.58 6.10 -23.48
C ALA A 210 8.37 5.46 -24.85
N GLY A 211 9.43 5.11 -25.59
CA GLY A 211 9.29 4.43 -26.85
C GLY A 211 8.54 3.13 -26.70
N GLY A 212 8.86 2.37 -25.65
CA GLY A 212 8.25 1.10 -25.48
C GLY A 212 6.82 1.16 -25.03
N LEU A 213 6.42 2.21 -24.32
CA LEU A 213 5.05 2.34 -23.81
C LEU A 213 4.17 3.10 -24.75
N VAL A 214 4.63 4.24 -25.29
CA VAL A 214 3.84 5.17 -26.06
C VAL A 214 4.03 4.93 -27.56
N GLY A 215 5.24 4.73 -28.00
CA GLY A 215 5.57 4.59 -29.42
C GLY A 215 5.39 5.87 -30.16
N ASN A 216 5.18 5.71 -31.46
CA ASN A 216 5.20 6.80 -32.43
C ASN A 216 3.85 7.09 -33.04
N PRO A 217 3.47 8.36 -33.17
CA PRO A 217 2.19 8.66 -33.83
C PRO A 217 2.19 8.48 -35.34
N GLN A 218 3.37 8.41 -35.95
CA GLN A 218 3.51 8.20 -37.39
C GLN A 218 4.59 7.19 -37.60
N GLY A 219 4.53 6.48 -38.72
CA GLY A 219 5.61 5.56 -39.07
C GLY A 219 5.58 4.28 -38.34
N GLU A 220 6.73 3.60 -38.27
CA GLU A 220 6.85 2.28 -37.71
C GLU A 220 6.30 2.26 -36.28
N ASN A 221 5.68 1.14 -35.98
CA ASN A 221 5.25 0.85 -34.63
C ASN A 221 6.42 0.29 -33.86
N VAL A 222 6.75 0.98 -32.78
CA VAL A 222 7.86 0.62 -31.91
C VAL A 222 7.46 0.32 -30.47
N ALA A 223 6.21 0.44 -30.11
CA ALA A 223 5.75 0.16 -28.75
C ALA A 223 5.63 -1.35 -28.54
N MET A 224 5.85 -1.72 -27.27
CA MET A 224 5.81 -3.13 -26.84
C MET A 224 4.45 -3.66 -26.64
N TYR A 225 3.47 -2.79 -26.31
CA TYR A 225 2.13 -3.23 -25.93
C TYR A 225 1.13 -2.53 -26.86
N PRO A 226 0.90 -3.04 -28.07
CA PRO A 226 0.05 -2.37 -29.01
C PRO A 226 -1.41 -2.38 -28.58
N ILE A 227 -2.15 -1.45 -29.14
CA ILE A 227 -3.61 -1.40 -29.08
C ILE A 227 -4.06 -1.47 -30.53
N ALA A 228 -4.95 -2.39 -30.88
CA ALA A 228 -5.40 -2.53 -32.28
C ALA A 228 -4.17 -2.73 -33.19
N ASN A 229 -3.16 -3.42 -32.71
CA ASN A 229 -1.95 -3.73 -33.49
C ASN A 229 -1.07 -2.54 -33.81
N VAL A 230 -1.32 -1.37 -33.20
CA VAL A 230 -0.51 -0.16 -33.46
C VAL A 230 -0.06 0.45 -32.13
N ASP A 231 0.87 1.39 -32.25
CA ASP A 231 1.38 2.06 -31.07
C ASP A 231 0.27 2.84 -30.42
N PRO A 232 0.27 2.94 -29.07
CA PRO A 232 -0.72 3.78 -28.38
C PRO A 232 -0.80 5.21 -28.87
N ALA A 233 0.34 5.79 -29.26
CA ALA A 233 0.31 7.15 -29.79
C ALA A 233 -0.64 7.27 -30.93
N LYS A 234 -0.75 6.25 -31.79
CA LYS A 234 -1.66 6.29 -32.93
C LYS A 234 -3.13 6.24 -32.47
N ILE A 235 -3.39 5.48 -31.42
CA ILE A 235 -4.78 5.42 -30.89
C ILE A 235 -5.14 6.72 -30.19
N ALA A 236 -4.20 7.34 -29.48
CA ALA A 236 -4.49 8.63 -28.85
C ALA A 236 -4.92 9.65 -29.89
N ALA A 237 -4.31 9.65 -31.08
CA ALA A 237 -4.71 10.63 -32.11
C ALA A 237 -6.14 10.37 -32.56
N ILE A 238 -6.59 9.14 -32.62
CA ILE A 238 -8.01 8.79 -32.99
C ILE A 238 -8.91 9.23 -31.87
N LEU A 239 -8.61 8.93 -30.62
CA LEU A 239 -9.45 9.33 -29.49
C LEU A 239 -9.60 10.83 -29.38
N ASN A 240 -8.58 11.55 -29.86
CA ASN A 240 -8.60 13.01 -29.83
C ASN A 240 -8.98 13.68 -31.12
N ALA A 241 -9.48 12.92 -32.10
CA ALA A 241 -9.68 13.42 -33.44
C ALA A 241 -10.70 14.37 -33.40
N ALA A 242 -10.43 15.45 -34.19
CA ALA A 242 -11.34 16.58 -34.38
C ALA A 242 -12.57 16.17 -35.17
N THR A 243 -12.44 15.08 -36.00
CA THR A 243 -13.50 14.08 -36.56
C THR A 243 -13.11 12.39 -36.86
N PRO A 244 -13.32 11.39 -36.00
CA PRO A 244 -12.83 10.05 -36.37
C PRO A 244 -13.91 9.23 -37.02
N PRO A 245 -13.44 8.12 -37.55
CA PRO A 245 -14.48 7.06 -37.84
C PRO A 245 -15.19 6.91 -36.46
N ALA A 246 -16.48 7.12 -36.59
CA ALA A 246 -17.43 6.37 -35.78
C ALA A 246 -17.10 4.87 -35.69
N ASP A 247 -16.77 4.19 -36.86
CA ASP A 247 -16.52 2.82 -36.76
C ASP A 247 -15.31 2.59 -35.96
N ALA A 248 -14.29 3.41 -36.10
CA ALA A 248 -13.04 3.20 -35.38
C ALA A 248 -13.27 3.31 -33.89
N LEU A 249 -14.04 4.29 -33.45
CA LEU A 249 -14.40 4.47 -32.01
C LEU A 249 -15.14 3.31 -31.44
N GLU A 250 -16.14 2.82 -32.18
CA GLU A 250 -16.86 1.64 -31.75
C GLU A 250 -15.97 0.44 -31.64
N ARG A 251 -15.06 0.25 -32.57
CA ARG A 251 -14.20 -0.89 -32.50
C ARG A 251 -13.20 -0.74 -31.36
N ILE A 252 -12.73 0.44 -31.04
CA ILE A 252 -11.94 0.62 -29.82
C ILE A 252 -12.75 0.25 -28.57
N GLN A 253 -13.96 0.79 -28.48
CA GLN A 253 -14.84 0.60 -27.33
C GLN A 253 -15.13 -0.86 -27.06
N THR A 254 -15.49 -1.57 -28.14
CA THR A 254 -16.04 -2.90 -28.00
C THR A 254 -15.05 -4.03 -28.20
N LYS A 255 -14.00 -3.78 -29.00
CA LYS A 255 -13.05 -4.80 -29.39
C LYS A 255 -11.65 -4.50 -28.85
N TYR A 256 -11.04 -3.44 -29.33
CA TYR A 256 -9.62 -3.28 -29.12
C TYR A 256 -9.21 -2.92 -27.72
N TRP A 257 -9.95 -2.01 -27.07
CA TRP A 257 -9.61 -1.73 -25.67
C TRP A 257 -9.94 -2.91 -24.79
N PRO A 258 -11.12 -3.58 -24.92
CA PRO A 258 -11.31 -4.80 -24.20
C PRO A 258 -10.25 -5.86 -24.37
N GLU A 259 -9.73 -5.98 -25.59
CA GLU A 259 -8.67 -6.95 -25.85
C GLU A 259 -7.37 -6.56 -25.16
N PHE A 260 -7.07 -5.28 -25.11
CA PHE A 260 -5.92 -4.81 -24.35
C PHE A 260 -6.07 -5.14 -22.89
N ILE A 261 -7.24 -4.89 -22.33
CA ILE A 261 -7.54 -5.23 -20.94
C ILE A 261 -7.38 -6.71 -20.72
N ALA A 262 -7.92 -7.55 -21.58
CA ALA A 262 -7.82 -8.98 -21.40
C ALA A 262 -6.40 -9.43 -21.36
N GLN A 263 -5.54 -8.82 -22.18
CA GLN A 263 -4.16 -9.20 -22.21
C GLN A 263 -3.31 -8.66 -21.05
N TYR A 264 -3.59 -7.44 -20.65
CA TYR A 264 -2.66 -6.68 -19.82
C TYR A 264 -3.16 -6.20 -18.47
N ASP A 265 -4.45 -6.48 -18.13
CA ASP A 265 -4.91 -6.13 -16.84
C ASP A 265 -4.20 -6.85 -15.71
N GLY A 266 -3.58 -7.98 -16.02
CA GLY A 266 -2.79 -8.75 -15.11
C GLY A 266 -1.32 -8.42 -15.10
N LEU A 267 -0.89 -7.36 -15.78
CA LEU A 267 0.53 -6.94 -15.86
C LEU A 267 0.69 -5.63 -15.16
N THR A 268 1.58 -5.51 -14.17
CA THR A 268 1.84 -4.25 -13.51
C THR A 268 2.69 -3.35 -14.40
N LEU A 269 2.59 -2.04 -14.08
CA LEU A 269 3.50 -1.05 -14.69
C LEU A 269 4.95 -1.41 -14.46
N GLY A 270 5.27 -1.80 -13.23
CA GLY A 270 6.67 -2.16 -12.94
C GLY A 270 7.13 -3.35 -13.77
N ALA A 271 6.27 -4.36 -13.96
CA ALA A 271 6.63 -5.47 -14.78
C ALA A 271 6.83 -5.06 -16.22
N ALA A 272 5.96 -4.16 -16.74
CA ALA A 272 6.05 -3.69 -18.11
C ALA A 272 7.35 -2.92 -18.32
N VAL A 273 7.70 -2.02 -17.37
CA VAL A 273 8.97 -1.30 -17.50
C VAL A 273 10.12 -2.30 -17.58
N ARG A 274 10.14 -3.31 -16.75
CA ARG A 274 11.22 -4.30 -16.76
C ARG A 274 11.24 -5.07 -18.06
N GLU A 275 10.10 -5.43 -18.63
CA GLU A 275 10.11 -6.09 -19.93
C GLU A 275 10.73 -5.23 -21.02
N ILE A 276 10.34 -3.94 -21.05
CA ILE A 276 10.86 -3.00 -22.02
C ILE A 276 12.38 -2.83 -21.86
N VAL A 277 12.84 -2.60 -20.64
CA VAL A 277 14.24 -2.39 -20.40
C VAL A 277 15.03 -3.66 -20.74
N THR A 278 14.51 -4.86 -20.47
CA THR A 278 15.17 -6.12 -20.77
C THR A 278 15.44 -6.27 -22.26
N VAL A 279 14.43 -5.96 -23.07
CA VAL A 279 14.60 -6.09 -24.50
C VAL A 279 15.61 -5.07 -24.99
N ALA A 280 15.57 -3.82 -24.52
CA ALA A 280 16.49 -2.76 -24.92
C ALA A 280 17.91 -3.10 -24.52
N PHE A 281 18.05 -3.68 -23.35
CA PHE A 281 19.35 -4.08 -22.89
C PHE A 281 19.90 -5.19 -23.79
N GLU A 282 19.10 -6.16 -24.11
CA GLU A 282 19.53 -7.30 -24.97
C GLU A 282 19.83 -6.72 -26.31
N LYS A 283 19.17 -5.73 -26.87
CA LYS A 283 19.48 -5.20 -28.21
C LYS A 283 20.74 -4.33 -28.19
N GLY A 284 21.16 -3.88 -27.01
CA GLY A 284 22.28 -3.00 -26.90
C GLY A 284 22.00 -1.52 -26.93
N THR A 285 20.72 -1.20 -26.82
CA THR A 285 20.30 0.20 -26.81
C THR A 285 20.66 0.86 -25.47
N LEU A 286 20.65 0.06 -24.40
CA LEU A 286 21.08 0.49 -23.10
C LEU A 286 22.36 -0.29 -22.81
N PRO A 287 23.37 0.39 -22.41
CA PRO A 287 24.62 -0.30 -22.05
C PRO A 287 24.70 -0.80 -20.60
N PRO A 288 25.70 -1.74 -20.31
CA PRO A 288 25.90 -2.13 -18.94
C PRO A 288 26.13 -0.87 -18.09
N VAL A 289 25.59 -0.83 -16.91
CA VAL A 289 25.69 0.29 -15.99
C VAL A 289 27.16 0.25 -15.39
N ASP A 290 27.79 1.40 -15.41
CA ASP A 290 29.19 1.54 -14.89
C ASP A 290 30.15 0.77 -15.73
N GLY A 291 29.65 0.04 -16.69
CA GLY A 291 30.47 -0.95 -17.43
C GLY A 291 30.63 -2.24 -16.60
N VAL A 292 30.00 -2.40 -15.44
CA VAL A 292 30.51 -3.40 -14.35
C VAL A 292 29.36 -4.26 -13.71
N LEU A 293 28.21 -3.66 -13.64
CA LEU A 293 27.08 -4.43 -13.16
C LEU A 293 26.77 -5.55 -14.15
N ASP A 294 26.36 -6.74 -13.63
CA ASP A 294 25.98 -7.88 -14.50
C ASP A 294 24.62 -7.58 -15.20
N VAL A 295 24.11 -8.48 -16.03
CA VAL A 295 22.93 -8.18 -16.85
C VAL A 295 21.77 -7.86 -15.97
N ASP A 296 21.47 -8.68 -15.03
CA ASP A 296 20.32 -8.42 -14.23
C ASP A 296 20.43 -7.22 -13.31
N GLU A 297 21.64 -6.95 -12.82
CA GLU A 297 21.86 -5.74 -12.05
C GLU A 297 21.72 -4.51 -12.89
N SER A 298 22.19 -4.53 -14.12
CA SER A 298 22.03 -3.41 -15.00
C SER A 298 20.53 -3.18 -15.32
N ILE A 299 19.82 -4.22 -15.69
CA ILE A 299 18.40 -4.05 -16.00
C ILE A 299 17.70 -3.46 -14.77
N SER A 300 17.96 -4.02 -13.60
CA SER A 300 17.31 -3.58 -12.38
C SER A 300 17.63 -2.13 -12.03
N TYR A 301 18.90 -1.74 -12.21
CA TYR A 301 19.30 -0.37 -12.03
C TYR A 301 18.47 0.54 -12.94
N TYR A 302 18.37 0.21 -14.24
CA TYR A 302 17.59 1.04 -15.15
C TYR A 302 16.13 1.08 -14.79
N VAL A 303 15.52 -0.04 -14.44
CA VAL A 303 14.13 -0.09 -14.02
C VAL A 303 13.89 0.87 -12.87
N GLU A 304 14.79 0.84 -11.92
CA GLU A 304 14.63 1.64 -10.70
C GLU A 304 14.97 3.10 -10.94
N LEU A 305 15.94 3.37 -11.81
CA LEU A 305 16.28 4.71 -12.22
C LEU A 305 15.06 5.33 -12.89
N PHE A 306 14.50 4.68 -13.90
CA PHE A 306 13.27 5.20 -14.51
C PHE A 306 12.17 5.35 -13.51
N GLY A 307 12.08 4.40 -12.58
CA GLY A 307 11.07 4.43 -11.55
C GLY A 307 11.09 5.72 -10.78
N ARG A 308 12.30 6.19 -10.41
CA ARG A 308 12.36 7.42 -9.68
C ARG A 308 12.17 8.66 -10.53
N PHE A 309 12.50 8.56 -11.84
CA PHE A 309 12.44 9.70 -12.74
C PHE A 309 11.04 10.03 -13.17
N GLY A 310 10.33 9.07 -13.75
CA GLY A 310 8.91 9.25 -14.12
C GLY A 310 8.65 9.76 -15.51
N PHE A 311 7.39 10.17 -15.68
CA PHE A 311 6.72 10.51 -16.92
C PHE A 311 6.40 11.98 -17.06
N GLY A 312 6.86 12.81 -16.15
CA GLY A 312 6.61 14.26 -16.15
C GLY A 312 6.03 14.81 -14.88
N THR A 313 5.68 13.93 -13.92
CA THR A 313 5.15 14.39 -12.63
C THR A 313 5.88 13.72 -11.45
N GLY A 314 7.14 13.31 -11.67
CA GLY A 314 7.94 12.70 -10.64
C GLY A 314 7.89 11.17 -10.72
N GLY A 315 8.65 10.49 -9.88
CA GLY A 315 8.79 9.09 -10.04
C GLY A 315 7.45 8.34 -9.92
N PHE A 316 7.24 7.39 -10.83
CA PHE A 316 6.14 6.45 -10.75
C PHE A 316 6.52 5.12 -10.16
N LYS A 317 7.75 4.95 -9.67
CA LYS A 317 8.13 3.80 -8.84
C LYS A 317 7.03 3.48 -7.80
N PRO A 318 6.57 4.46 -7.02
CA PRO A 318 5.57 4.08 -6.00
C PRO A 318 4.27 3.59 -6.59
N LEU A 319 4.02 3.92 -7.85
CA LEU A 319 2.83 3.50 -8.63
C LEU A 319 3.08 2.28 -9.46
N TYR A 320 4.18 1.56 -9.28
CA TYR A 320 4.55 0.45 -10.14
C TYR A 320 3.57 -0.72 -10.03
N ASN A 321 2.76 -0.80 -8.99
CA ASN A 321 1.80 -1.89 -8.89
C ASN A 321 0.49 -1.62 -9.65
N ILE A 322 0.30 -0.41 -10.16
CA ILE A 322 -0.90 -0.20 -10.98
C ILE A 322 -0.85 -1.12 -12.20
N SER A 323 -2.02 -1.47 -12.74
CA SER A 323 -2.06 -2.23 -13.97
C SER A 323 -1.46 -1.38 -15.08
N LEU A 324 -0.90 -2.05 -16.10
CA LEU A 324 -0.51 -1.37 -17.31
C LEU A 324 -1.73 -0.68 -17.95
N VAL A 325 -2.91 -1.27 -17.81
CA VAL A 325 -4.11 -0.66 -18.32
C VAL A 325 -4.33 0.74 -17.76
N GLU A 326 -4.17 0.88 -16.44
CA GLU A 326 -4.32 2.17 -15.78
C GLU A 326 -3.25 3.16 -16.30
N MET A 327 -2.01 2.74 -16.36
CA MET A 327 -0.99 3.63 -16.90
C MET A 327 -1.29 4.06 -18.34
N MET A 328 -1.80 3.08 -19.12
CA MET A 328 -2.08 3.36 -20.52
C MET A 328 -3.17 4.42 -20.68
N ARG A 329 -4.17 4.46 -19.78
CA ARG A 329 -5.13 5.55 -19.82
C ARG A 329 -4.45 6.90 -19.74
N LEU A 330 -3.47 7.01 -18.86
CA LEU A 330 -2.75 8.26 -18.68
C LEU A 330 -1.87 8.62 -19.84
N ILE A 331 -1.26 7.60 -20.45
CA ILE A 331 -0.45 7.78 -21.68
C ILE A 331 -1.34 8.32 -22.79
N LEU A 332 -2.48 7.72 -23.02
CA LEU A 332 -3.36 8.13 -24.12
C LEU A 332 -3.82 9.58 -23.95
N TRP A 333 -3.98 10.00 -22.67
CA TRP A 333 -4.45 11.31 -22.28
C TRP A 333 -3.38 12.41 -22.27
N ASP A 334 -2.12 12.02 -22.51
CA ASP A 334 -0.99 12.98 -22.37
C ASP A 334 -1.07 13.65 -21.03
N TYR A 335 -1.21 12.87 -19.96
CA TYR A 335 -1.66 13.41 -18.66
C TYR A 335 -0.70 14.42 -18.07
N SER A 336 0.60 14.39 -18.40
CA SER A 336 1.59 15.17 -17.68
C SER A 336 1.59 16.64 -18.10
N ASN A 337 0.96 16.98 -19.23
CA ASN A 337 0.99 18.32 -19.75
C ASN A 337 -0.07 19.13 -19.05
N GLU A 338 0.30 19.81 -17.97
CA GLU A 338 -0.68 20.34 -16.99
C GLU A 338 -0.56 21.82 -16.72
N TYR A 339 -1.67 22.38 -16.22
CA TYR A 339 -1.83 23.80 -15.96
C TYR A 339 -2.46 24.04 -14.60
N THR A 340 -2.39 25.28 -14.16
CA THR A 340 -3.08 25.79 -13.00
C THR A 340 -4.42 26.36 -13.39
N LEU A 341 -5.24 26.63 -12.36
CA LEU A 341 -6.51 27.34 -12.48
C LEU A 341 -6.38 28.79 -12.22
N PRO A 342 -7.31 29.62 -12.69
CA PRO A 342 -7.23 31.07 -12.52
C PRO A 342 -7.79 31.52 -11.19
N VAL A 343 -7.08 31.13 -10.11
CA VAL A 343 -7.55 31.27 -8.74
C VAL A 343 -6.39 31.50 -7.85
N THR A 344 -6.65 32.01 -6.65
CA THR A 344 -5.70 31.99 -5.53
C THR A 344 -5.69 30.63 -4.83
N GLU A 345 -6.85 29.99 -4.73
CA GLU A 345 -7.02 28.73 -4.04
C GLU A 345 -7.99 27.89 -4.91
N ASN A 346 -7.60 26.64 -5.15
CA ASN A 346 -8.39 25.77 -6.03
C ASN A 346 -9.81 25.55 -5.57
N VAL A 347 -10.06 25.61 -4.25
CA VAL A 347 -11.40 25.47 -3.73
C VAL A 347 -12.32 26.52 -4.35
N GLU A 348 -11.81 27.70 -4.74
CA GLU A 348 -12.66 28.68 -5.40
C GLU A 348 -13.38 28.13 -6.62
N PHE A 349 -12.75 27.20 -7.33
CA PHE A 349 -13.40 26.58 -8.48
C PHE A 349 -14.71 25.92 -8.07
N ILE A 350 -14.64 25.09 -7.03
CA ILE A 350 -15.82 24.37 -6.59
C ILE A 350 -16.85 25.31 -5.97
N ARG A 351 -16.40 26.28 -5.19
CA ARG A 351 -17.32 27.29 -4.65
C ARG A 351 -18.07 28.03 -5.77
N ASN A 352 -17.31 28.43 -6.79
CA ASN A 352 -17.91 29.14 -7.89
C ASN A 352 -18.94 28.25 -8.61
N LEU A 353 -18.63 26.97 -8.81
CA LEU A 353 -19.59 26.08 -9.48
C LEU A 353 -20.84 25.91 -8.63
N PHE A 354 -20.73 25.87 -7.30
CA PHE A 354 -21.87 25.80 -6.42
C PHE A 354 -22.78 27.02 -6.64
N LEU A 355 -22.18 28.20 -6.65
CA LEU A 355 -22.94 29.42 -6.89
C LEU A 355 -23.56 29.45 -8.25
N LYS A 356 -22.83 29.00 -9.27
CA LYS A 356 -23.34 28.96 -10.63
C LYS A 356 -24.54 28.00 -10.73
N ALA A 357 -24.48 26.85 -10.02
CA ALA A 357 -25.61 25.95 -9.99
C ALA A 357 -26.87 26.61 -9.59
N GLN A 358 -26.78 27.39 -8.51
CA GLN A 358 -27.96 28.10 -8.01
C GLN A 358 -28.43 29.18 -8.97
N ASN A 359 -27.49 29.84 -9.64
CA ASN A 359 -27.81 30.88 -10.63
C ASN A 359 -28.54 30.30 -11.82
N VAL A 360 -27.97 29.21 -12.34
CA VAL A 360 -28.52 28.60 -13.52
C VAL A 360 -29.83 27.96 -13.21
N GLY A 361 -30.16 27.52 -12.03
CA GLY A 361 -31.46 26.92 -11.79
C GLY A 361 -32.56 27.90 -11.99
N ALA A 362 -32.23 29.17 -12.19
CA ALA A 362 -33.23 30.23 -12.43
C ALA A 362 -34.44 30.22 -11.47
N GLY A 363 -34.20 30.00 -10.17
CA GLY A 363 -35.30 29.99 -9.19
C GLY A 363 -35.97 28.57 -9.04
N LYS A 364 -35.78 27.68 -10.00
CA LYS A 364 -36.42 26.38 -10.01
C LYS A 364 -35.66 25.34 -9.20
N LEU A 365 -34.43 25.65 -8.82
CA LEU A 365 -33.65 24.82 -7.92
C LEU A 365 -33.53 25.50 -6.56
N VAL A 366 -33.86 24.80 -5.48
CA VAL A 366 -33.64 25.26 -4.12
C VAL A 366 -32.68 24.29 -3.48
N VAL A 367 -31.66 24.84 -2.83
CA VAL A 367 -30.63 24.02 -2.23
C VAL A 367 -30.53 24.33 -0.75
N GLN A 368 -30.46 23.30 0.08
CA GLN A 368 -30.20 23.41 1.50
C GLN A 368 -29.03 22.56 1.86
N VAL A 369 -28.13 23.06 2.64
CA VAL A 369 -26.94 22.34 3.12
C VAL A 369 -27.19 21.81 4.51
N ARG A 370 -26.85 20.55 4.70
CA ARG A 370 -26.88 19.88 5.99
C ARG A 370 -25.48 19.52 6.42
N GLN A 371 -25.08 20.01 7.61
CA GLN A 371 -23.82 19.61 8.20
C GLN A 371 -24.05 18.31 8.98
N GLU A 372 -24.14 17.21 8.23
CA GLU A 372 -24.49 15.89 8.73
C GLU A 372 -23.68 14.85 7.98
N ARG A 373 -23.31 13.81 8.74
CA ARG A 373 -22.68 12.63 8.20
C ARG A 373 -23.72 11.57 7.89
N VAL A 374 -23.82 11.17 6.62
CA VAL A 374 -24.71 10.05 6.29
C VAL A 374 -24.08 8.75 6.75
N ALA A 375 -24.86 7.96 7.49
CA ALA A 375 -24.43 6.67 8.00
C ALA A 375 -24.96 5.52 7.19
N ASN A 376 -26.18 5.65 6.61
CA ASN A 376 -26.81 4.59 5.89
C ASN A 376 -27.72 5.17 4.81
N ALA A 377 -27.79 4.40 3.72
CA ALA A 377 -28.76 4.60 2.66
C ALA A 377 -29.50 3.29 2.44
N CYS A 378 -30.75 3.40 2.01
CA CYS A 378 -31.51 2.20 1.63
C CYS A 378 -32.71 2.68 0.84
N HIS A 379 -33.42 1.70 0.26
CA HIS A 379 -34.79 1.94 -0.22
C HIS A 379 -35.74 1.33 0.87
N SER A 380 -36.78 2.05 1.23
CA SER A 380 -37.75 1.46 2.17
C SER A 380 -39.09 2.04 2.00
N GLY A 381 -40.05 1.33 2.61
CA GLY A 381 -41.41 1.73 2.72
C GLY A 381 -42.13 1.65 1.43
N THR A 382 -43.33 2.23 1.44
CA THR A 382 -44.26 2.12 0.31
C THR A 382 -44.73 3.49 -0.20
N ALA A 383 -44.14 4.60 0.29
CA ALA A 383 -44.50 5.89 -0.15
C ALA A 383 -43.86 6.25 -1.46
N SER A 384 -44.19 7.42 -1.99
CA SER A 384 -43.66 7.87 -3.23
C SER A 384 -42.11 8.02 -3.19
N ALA A 385 -41.61 8.65 -2.15
CA ALA A 385 -40.20 8.79 -1.91
C ALA A 385 -39.75 7.63 -1.05
N ARG A 386 -38.88 6.80 -1.62
CA ARG A 386 -38.39 5.58 -0.92
C ARG A 386 -36.90 5.56 -0.72
N ALA A 387 -36.18 6.54 -1.25
CA ALA A 387 -34.73 6.58 -1.13
C ALA A 387 -34.32 7.24 0.19
N GLN A 388 -33.97 6.45 1.16
CA GLN A 388 -33.76 6.90 2.54
C GLN A 388 -32.31 7.19 2.84
N LEU A 389 -32.09 8.25 3.61
CA LEU A 389 -30.79 8.55 4.18
C LEU A 389 -30.91 8.75 5.68
N LEU A 390 -30.05 8.08 6.41
CA LEU A 390 -29.92 8.18 7.85
C LEU A 390 -28.62 8.90 8.14
N SER A 391 -28.66 9.98 8.89
CA SER A 391 -27.48 10.80 9.11
C SER A 391 -27.43 11.28 10.57
N TYR A 392 -26.25 11.76 10.94
CA TYR A 392 -25.97 12.31 12.26
C TYR A 392 -25.40 13.68 12.13
N ASP A 393 -25.90 14.63 12.93
CA ASP A 393 -25.40 15.97 12.96
C ASP A 393 -24.18 16.11 13.83
N SER A 394 -23.66 17.32 13.98
CA SER A 394 -22.36 17.48 14.62
C SER A 394 -22.37 17.19 16.13
N HIS A 395 -23.56 17.07 16.71
CA HIS A 395 -23.72 16.62 18.09
C HIS A 395 -24.29 15.25 18.20
N ASN A 396 -24.19 14.49 17.13
CA ASN A 396 -24.57 13.12 17.07
C ASN A 396 -26.06 12.79 17.12
N ALA A 397 -26.90 13.81 16.88
CA ALA A 397 -28.37 13.59 16.79
C ALA A 397 -28.68 12.95 15.43
N VAL A 398 -29.55 11.97 15.46
CA VAL A 398 -29.97 11.24 14.29
C VAL A 398 -31.06 11.96 13.51
N HIS A 399 -31.00 11.81 12.17
CA HIS A 399 -31.96 12.34 11.25
C HIS A 399 -32.22 11.37 10.16
N SER A 400 -33.48 11.23 9.75
CA SER A 400 -33.84 10.37 8.61
C SER A 400 -34.68 11.17 7.64
N GLU A 401 -34.47 11.01 6.36
CA GLU A 401 -35.22 11.69 5.34
C GLU A 401 -35.29 10.76 4.14
N ALA A 402 -36.43 10.86 3.44
CA ALA A 402 -36.70 10.13 2.21
C ALA A 402 -36.73 11.07 1.03
N TYR A 403 -36.22 10.58 -0.08
CA TYR A 403 -36.05 11.33 -1.29
C TYR A 403 -36.59 10.58 -2.52
N ASP A 404 -36.82 11.33 -3.58
CA ASP A 404 -37.10 10.71 -4.87
C ASP A 404 -35.86 10.04 -5.50
N PHE A 405 -34.75 10.73 -5.44
CA PHE A 405 -33.47 10.27 -5.99
C PHE A 405 -32.36 10.73 -5.09
N VAL A 406 -31.26 9.98 -5.05
CA VAL A 406 -30.09 10.33 -4.28
C VAL A 406 -28.84 10.11 -5.11
N ILE A 407 -27.93 11.04 -5.06
CA ILE A 407 -26.60 10.94 -5.65
C ILE A 407 -25.61 10.81 -4.47
N LEU A 408 -24.92 9.70 -4.41
CA LEU A 408 -23.92 9.38 -3.38
C LEU A 408 -22.59 9.79 -3.94
N ALA A 409 -22.13 11.01 -3.58
CA ALA A 409 -20.97 11.68 -4.17
C ALA A 409 -19.79 11.65 -3.20
N VAL A 410 -19.44 10.43 -2.77
CA VAL A 410 -18.36 10.22 -1.82
C VAL A 410 -17.49 9.09 -2.37
N PRO A 411 -16.17 9.11 -2.07
CA PRO A 411 -15.30 8.06 -2.57
C PRO A 411 -15.51 6.74 -1.82
N HIS A 412 -14.86 5.68 -2.32
CA HIS A 412 -15.34 4.34 -2.04
C HIS A 412 -15.28 3.93 -0.59
N ASP A 413 -14.20 4.27 0.12
CA ASP A 413 -14.14 3.84 1.54
C ASP A 413 -15.16 4.62 2.37
N GLN A 414 -15.52 5.84 1.99
CA GLN A 414 -16.59 6.58 2.65
C GLN A 414 -17.97 6.05 2.27
N LEU A 415 -18.10 5.49 1.07
CA LEU A 415 -19.36 4.95 0.63
C LEU A 415 -19.66 3.61 1.28
N THR A 416 -18.65 2.76 1.48
CA THR A 416 -18.84 1.42 2.03
C THR A 416 -19.78 1.36 3.23
N PRO A 417 -19.59 2.12 4.33
CA PRO A 417 -20.46 1.95 5.47
C PRO A 417 -21.92 2.34 5.16
N ILE A 418 -22.13 3.20 4.20
CA ILE A 418 -23.43 3.69 3.81
C ILE A 418 -24.25 2.65 3.07
N VAL A 419 -23.57 1.77 2.28
CA VAL A 419 -24.26 0.90 1.36
C VAL A 419 -24.10 -0.58 1.64
N SER A 420 -23.26 -0.96 2.60
CA SER A 420 -22.84 -2.37 2.80
C SER A 420 -23.35 -3.02 4.04
N ARG A 421 -24.12 -2.37 4.90
CA ARG A 421 -24.47 -2.89 6.21
C ARG A 421 -25.94 -3.30 6.33
N SER A 422 -26.67 -3.26 5.24
CA SER A 422 -28.08 -3.54 5.13
C SER A 422 -28.38 -4.87 4.50
N GLY A 423 -27.38 -5.66 4.22
CA GLY A 423 -27.61 -6.88 3.45
C GLY A 423 -27.86 -6.59 1.97
N PHE A 424 -28.36 -7.62 1.29
CA PHE A 424 -28.35 -7.72 -0.13
C PHE A 424 -29.68 -8.05 -0.78
N GLU A 425 -30.74 -7.98 0.01
CA GLU A 425 -32.09 -8.36 -0.52
C GLU A 425 -33.15 -7.75 0.33
N HIS A 426 -34.39 -8.04 0.02
CA HIS A 426 -35.48 -7.53 0.85
C HIS A 426 -35.33 -7.96 2.31
N ALA A 427 -35.61 -7.05 3.18
CA ALA A 427 -35.73 -7.32 4.65
C ALA A 427 -37.00 -6.68 5.16
N ALA A 428 -37.77 -7.40 5.99
CA ALA A 428 -38.98 -6.86 6.51
C ALA A 428 -38.75 -5.62 7.34
N SER A 429 -37.72 -5.60 8.22
CA SER A 429 -37.44 -4.44 9.08
C SER A 429 -35.98 -4.48 9.43
N GLN A 430 -35.37 -3.33 9.50
CA GLN A 430 -34.00 -3.20 9.99
C GLN A 430 -33.87 -1.96 10.80
N ASN A 431 -33.05 -2.01 11.85
CA ASN A 431 -32.72 -0.90 12.71
C ASN A 431 -31.36 -0.39 12.30
N LEU A 432 -31.30 0.58 11.42
CA LEU A 432 -30.05 1.01 10.83
C LEU A 432 -29.44 2.17 11.62
N GLY A 433 -28.14 2.34 11.46
CA GLY A 433 -27.38 3.41 12.05
C GLY A 433 -26.10 2.90 12.69
N ASP A 434 -25.46 3.79 13.42
CA ASP A 434 -24.13 3.50 13.97
C ASP A 434 -24.22 3.00 15.38
N ALA A 435 -24.86 1.82 15.49
CA ALA A 435 -25.10 1.27 16.83
C ALA A 435 -23.84 0.98 17.59
N GLY A 436 -22.76 0.58 16.92
CA GLY A 436 -21.53 0.30 17.66
C GLY A 436 -20.89 1.50 18.27
N LEU A 437 -21.20 2.68 17.74
CA LEU A 437 -20.74 3.97 18.28
C LEU A 437 -21.61 4.39 19.45
N GLY A 438 -22.68 3.68 19.75
CA GLY A 438 -23.64 4.13 20.73
C GLY A 438 -24.69 5.07 20.25
N LEU A 439 -24.76 5.29 18.95
CA LEU A 439 -25.66 6.28 18.37
C LEU A 439 -27.04 5.67 18.15
N GLU A 440 -28.02 6.52 18.01
CA GLU A 440 -29.39 6.07 17.84
C GLU A 440 -29.63 5.45 16.49
N THR A 441 -30.37 4.35 16.45
CA THR A 441 -30.76 3.72 15.23
C THR A 441 -32.18 4.16 14.82
N HIS A 442 -32.53 3.84 13.59
CA HIS A 442 -33.83 4.17 13.03
C HIS A 442 -34.36 2.93 12.37
N THR A 443 -35.63 2.60 12.61
CA THR A 443 -36.27 1.45 11.99
C THR A 443 -36.84 1.79 10.62
N TYR A 444 -36.39 1.03 9.62
CA TYR A 444 -36.91 1.07 8.29
C TYR A 444 -37.63 -0.24 8.03
N ASN A 445 -38.70 -0.21 7.26
CA ASN A 445 -39.55 -1.36 6.93
C ASN A 445 -39.59 -1.56 5.45
N GLN A 446 -39.67 -2.82 5.02
CA GLN A 446 -39.72 -3.19 3.63
C GLN A 446 -38.48 -2.64 2.93
N VAL A 447 -37.33 -3.10 3.39
CA VAL A 447 -36.02 -2.49 3.10
C VAL A 447 -35.33 -3.22 1.98
N TYR A 448 -34.79 -2.47 1.04
CA TYR A 448 -33.94 -3.01 -0.01
C TYR A 448 -32.60 -2.25 0.03
N PRO A 449 -31.55 -2.90 -0.44
CA PRO A 449 -30.25 -2.21 -0.50
C PRO A 449 -30.36 -0.94 -1.37
N PRO A 450 -29.50 0.03 -1.09
CA PRO A 450 -29.51 1.25 -1.90
C PRO A 450 -28.96 1.01 -3.32
N LEU A 451 -27.90 0.24 -3.45
CA LEU A 451 -27.30 0.01 -4.75
C LEU A 451 -27.97 -1.18 -5.38
N LEU A 452 -29.21 -0.99 -5.80
CA LEU A 452 -30.12 -2.08 -6.13
C LEU A 452 -30.08 -2.46 -7.56
N LEU A 453 -29.26 -3.48 -7.84
CA LEU A 453 -29.12 -4.04 -9.17
C LEU A 453 -30.09 -5.18 -9.51
N SER A 454 -30.67 -5.77 -8.47
CA SER A 454 -31.67 -6.79 -8.68
C SER A 454 -32.73 -6.75 -7.57
N ASP A 455 -34.03 -6.76 -7.96
CA ASP A 455 -35.12 -7.60 -7.29
C ASP A 455 -34.98 -9.11 -7.08
N SER A 456 -34.06 -9.84 -7.73
CA SER A 456 -34.07 -11.39 -7.65
C SER A 456 -32.70 -12.18 -7.38
N SER A 457 -31.62 -11.47 -7.62
CA SER A 457 -30.19 -11.72 -7.20
C SER A 457 -29.58 -11.16 -5.99
N PRO A 458 -29.69 -11.79 -4.73
CA PRO A 458 -28.80 -11.01 -3.87
C PRO A 458 -27.37 -10.88 -4.48
N ALA A 459 -26.87 -11.81 -5.35
CA ALA A 459 -25.43 -11.78 -5.79
C ALA A 459 -25.19 -10.51 -6.58
N ALA A 460 -26.14 -10.03 -7.39
CA ALA A 460 -25.90 -8.81 -8.15
C ALA A 460 -25.74 -7.61 -7.20
N ASN A 461 -26.56 -7.56 -6.15
CA ASN A 461 -26.46 -6.52 -5.17
C ASN A 461 -25.14 -6.62 -4.41
N ALA A 462 -24.70 -7.84 -4.11
CA ALA A 462 -23.44 -8.07 -3.41
C ALA A 462 -22.27 -7.74 -4.32
N ARG A 463 -22.35 -7.96 -5.62
CA ARG A 463 -21.20 -7.70 -6.50
C ARG A 463 -20.88 -6.23 -6.50
N ILE A 464 -21.88 -5.33 -6.59
CA ILE A 464 -21.58 -3.91 -6.62
C ILE A 464 -20.99 -3.45 -5.29
N VAL A 465 -21.57 -3.89 -4.17
CA VAL A 465 -21.06 -3.51 -2.87
C VAL A 465 -19.65 -4.03 -2.64
N THR A 466 -19.40 -5.29 -2.88
CA THR A 466 -18.08 -5.86 -2.66
C THR A 466 -17.05 -5.20 -3.57
N ALA A 467 -17.40 -4.90 -4.80
CA ALA A 467 -16.49 -4.23 -5.75
C ALA A 467 -16.08 -2.88 -5.15
N ILE A 468 -17.07 -2.07 -4.73
CA ILE A 468 -16.79 -0.73 -4.18
C ILE A 468 -15.81 -0.85 -3.03
N GLY A 469 -16.09 -1.80 -2.12
CA GLY A 469 -15.30 -1.89 -0.94
C GLY A 469 -13.88 -2.36 -1.08
N GLN A 470 -13.57 -2.95 -2.22
CA GLN A 470 -12.23 -3.42 -2.52
C GLN A 470 -11.49 -2.62 -3.57
N LEU A 471 -12.01 -1.47 -3.96
CA LEU A 471 -11.25 -0.57 -4.80
C LEU A 471 -10.03 -0.11 -4.03
N HIS A 472 -8.95 0.22 -4.73
CA HIS A 472 -7.68 0.64 -4.09
C HIS A 472 -7.61 2.14 -3.98
N MET A 473 -7.61 2.64 -2.75
CA MET A 473 -7.35 4.05 -2.49
C MET A 473 -5.82 4.22 -2.31
N ALA A 474 -5.18 4.88 -3.25
CA ALA A 474 -3.75 5.16 -3.12
C ALA A 474 -3.49 6.03 -1.94
N ARG A 475 -2.42 5.74 -1.23
CA ARG A 475 -1.99 6.54 -0.09
C ARG A 475 -1.24 7.77 -0.57
N SER A 476 -1.40 8.89 0.13
CA SER A 476 -0.68 10.09 -0.26
C SER A 476 -0.57 11.07 0.88
N SER A 477 0.51 11.83 0.91
CA SER A 477 0.76 12.84 1.90
C SER A 477 1.49 14.01 1.30
N LYS A 478 1.29 15.19 1.87
CA LYS A 478 2.01 16.42 1.45
C LYS A 478 2.56 17.13 2.70
N VAL A 479 3.88 17.37 2.66
CA VAL A 479 4.60 18.17 3.64
C VAL A 479 4.88 19.54 3.04
N PHE A 480 4.48 20.59 3.72
CA PHE A 480 4.62 21.96 3.29
C PHE A 480 5.32 22.80 4.34
N ALA A 481 5.97 23.86 3.84
CA ALA A 481 6.49 24.95 4.69
C ALA A 481 6.42 26.22 3.86
N THR A 482 6.64 27.34 4.55
CA THR A 482 6.69 28.64 3.88
C THR A 482 8.11 29.12 3.82
N VAL A 483 8.56 29.57 2.67
CA VAL A 483 9.94 30.02 2.45
C VAL A 483 9.91 31.31 1.69
N LYS A 484 10.82 32.22 2.01
CA LYS A 484 10.99 33.40 1.16
C LYS A 484 11.46 32.96 -0.21
N THR A 485 10.79 33.50 -1.27
CA THR A 485 11.18 33.18 -2.63
C THR A 485 12.62 33.49 -2.87
N ALA A 486 13.12 34.56 -2.23
CA ALA A 486 14.52 34.96 -2.38
C ALA A 486 15.49 33.87 -1.92
N ALA A 487 15.06 32.90 -1.13
CA ALA A 487 15.96 31.80 -0.75
C ALA A 487 16.51 31.08 -2.01
N LEU A 488 15.74 31.11 -3.14
CA LEU A 488 16.18 30.48 -4.33
C LEU A 488 17.39 31.21 -4.95
N ASP A 489 17.71 32.40 -4.47
CA ASP A 489 18.79 33.18 -5.02
C ASP A 489 20.06 32.97 -4.15
N GLN A 490 20.05 32.11 -3.16
CA GLN A 490 21.24 31.83 -2.34
C GLN A 490 22.31 31.22 -3.28
N PRO A 491 23.58 31.41 -2.98
CA PRO A 491 24.62 30.98 -3.90
C PRO A 491 24.70 29.45 -4.04
N TRP A 492 24.22 28.72 -3.06
CA TRP A 492 24.26 27.26 -3.07
C TRP A 492 23.05 26.65 -3.74
N VAL A 493 22.10 27.48 -4.24
CA VAL A 493 20.97 26.93 -5.03
C VAL A 493 21.43 26.91 -6.48
N PRO A 494 21.44 25.73 -7.10
CA PRO A 494 21.89 25.66 -8.49
C PRO A 494 20.92 26.37 -9.44
N GLN A 495 21.49 26.80 -10.56
CA GLN A 495 20.78 27.41 -11.59
C GLN A 495 20.91 26.65 -12.89
N TRP A 496 19.89 26.83 -13.74
CA TRP A 496 19.83 26.35 -15.17
C TRP A 496 19.63 27.59 -16.02
N ARG A 497 20.65 27.98 -16.80
CA ARG A 497 20.54 29.21 -17.61
C ARG A 497 20.08 30.41 -16.79
N GLY A 498 20.68 30.55 -15.62
CA GLY A 498 20.33 31.65 -14.72
C GLY A 498 19.04 31.52 -13.91
N GLU A 499 18.24 30.45 -14.05
CA GLU A 499 16.96 30.30 -13.32
C GLU A 499 17.22 29.25 -12.25
N PRO A 500 16.81 29.51 -10.98
CA PRO A 500 17.03 28.55 -9.94
C PRO A 500 16.22 27.26 -10.16
N ILE A 501 16.75 26.15 -9.67
CA ILE A 501 16.05 24.89 -9.59
C ILE A 501 14.85 25.06 -8.65
N LYS A 502 13.67 24.63 -9.14
CA LYS A 502 12.42 24.80 -8.43
C LYS A 502 11.64 23.51 -8.28
N ALA A 503 12.16 22.40 -8.79
CA ALA A 503 11.54 21.08 -8.60
C ALA A 503 12.70 20.11 -8.34
N VAL A 504 12.51 19.19 -7.41
CA VAL A 504 13.50 18.21 -7.04
C VAL A 504 12.82 16.86 -6.91
N VAL A 505 13.30 15.89 -7.67
CA VAL A 505 12.78 14.53 -7.66
C VAL A 505 13.90 13.64 -7.14
N SER A 506 13.67 12.92 -6.05
CA SER A 506 14.76 12.28 -5.35
C SER A 506 14.34 11.00 -4.69
N ASP A 507 15.34 10.14 -4.44
CA ASP A 507 15.15 8.91 -3.67
C ASP A 507 15.51 9.11 -2.19
N SER A 508 15.53 10.32 -1.70
CA SER A 508 15.86 10.65 -0.32
C SER A 508 14.79 10.25 0.67
N GLY A 509 13.61 9.88 0.19
CA GLY A 509 12.42 9.70 0.98
C GLY A 509 11.41 10.78 0.76
N LEU A 510 11.83 11.93 0.24
CA LEU A 510 10.92 13.05 0.01
C LEU A 510 10.13 12.86 -1.28
N ALA A 511 10.65 12.12 -2.22
CA ALA A 511 10.04 11.73 -3.52
C ALA A 511 10.00 12.88 -4.51
N ALA A 512 9.23 13.92 -4.24
CA ALA A 512 8.98 15.02 -5.17
C ALA A 512 8.76 16.26 -4.36
N SER A 513 9.49 17.29 -4.72
CA SER A 513 9.49 18.55 -4.01
C SER A 513 9.38 19.71 -5.00
N TYR A 514 8.66 20.75 -4.60
CA TYR A 514 8.31 21.86 -5.45
C TYR A 514 8.41 23.16 -4.67
N VAL A 515 8.98 24.20 -5.24
CA VAL A 515 9.07 25.51 -4.59
C VAL A 515 8.12 26.45 -5.38
N VAL A 516 6.86 26.49 -4.96
CA VAL A 516 5.78 27.08 -5.77
C VAL A 516 5.58 28.55 -5.38
N PRO A 517 5.67 29.51 -6.31
CA PRO A 517 5.47 30.91 -5.88
C PRO A 517 4.09 31.08 -5.29
N SER A 518 3.97 31.92 -4.26
CA SER A 518 2.65 32.18 -3.66
C SER A 518 1.74 32.70 -4.75
N PRO A 519 0.48 32.27 -4.72
CA PRO A 519 -0.50 32.82 -5.62
C PRO A 519 -1.14 34.11 -5.11
N ILE A 520 -0.80 34.49 -3.90
CA ILE A 520 -1.34 35.72 -3.28
C ILE A 520 -0.38 36.85 -3.66
N VAL A 521 -0.57 37.40 -4.80
CA VAL A 521 0.37 38.44 -5.31
C VAL A 521 -0.34 39.17 -6.46
N ALA A 526 6.57 39.54 -8.40
CA ALA A 526 7.11 38.33 -7.78
C ALA A 526 6.74 38.30 -6.30
N PRO A 527 6.17 37.19 -5.87
CA PRO A 527 5.74 37.07 -4.48
C PRO A 527 6.88 36.97 -3.52
N GLU A 528 6.71 37.59 -2.37
CA GLU A 528 7.70 37.48 -1.31
C GLU A 528 7.89 36.04 -0.87
N TYR A 529 6.80 35.27 -0.82
CA TYR A 529 6.86 33.89 -0.31
C TYR A 529 6.52 32.87 -1.38
N SER A 530 6.98 31.67 -1.10
CA SER A 530 6.67 30.49 -1.82
C SER A 530 6.17 29.40 -0.89
N SER A 531 5.33 28.54 -1.43
CA SER A 531 4.94 27.28 -0.77
C SER A 531 5.99 26.24 -1.09
N LEU A 532 6.71 25.84 -0.07
CA LEU A 532 7.71 24.82 -0.21
C LEU A 532 7.02 23.47 0.05
N LEU A 533 6.62 22.85 -1.05
CA LEU A 533 6.08 21.49 -1.04
C LEU A 533 7.27 20.57 -0.90
N ALA A 534 7.70 20.36 0.34
CA ALA A 534 8.92 19.66 0.66
C ALA A 534 8.85 18.20 0.25
N SER A 535 7.62 17.61 0.35
CA SER A 535 7.51 16.21 0.01
C SER A 535 6.07 15.93 -0.36
N TYR A 536 5.86 15.43 -1.61
CA TYR A 536 4.56 14.96 -2.08
C TYR A 536 4.77 13.50 -2.42
N THR A 537 4.22 12.60 -1.64
CA THR A 537 4.45 11.19 -1.74
C THR A 537 3.15 10.39 -2.06
N TRP A 538 3.40 9.27 -2.73
CA TRP A 538 2.37 8.27 -3.00
C TRP A 538 2.74 6.92 -2.48
N GLU A 539 1.75 6.13 -2.07
CA GLU A 539 1.91 4.69 -1.86
C GLU A 539 3.06 4.46 -0.87
N ASP A 540 3.97 3.54 -1.15
CA ASP A 540 5.00 3.21 -0.18
C ASP A 540 5.86 4.40 0.21
N ASP A 541 6.05 5.35 -0.70
CA ASP A 541 6.84 6.54 -0.33
C ASP A 541 6.16 7.26 0.83
N SER A 542 4.83 7.29 0.83
CA SER A 542 4.07 7.88 1.91
C SER A 542 4.13 7.04 3.15
N THR A 543 3.97 5.72 3.03
CA THR A 543 4.03 4.81 4.17
C THR A 543 5.33 4.99 4.93
N ARG A 544 6.44 5.15 4.20
CA ARG A 544 7.73 5.20 4.85
C ARG A 544 7.88 6.43 5.72
N LEU A 545 7.18 7.51 5.42
CA LEU A 545 7.23 8.74 6.21
C LEU A 545 6.27 8.79 7.38
N ARG A 546 5.22 7.97 7.33
CA ARG A 546 4.03 8.24 8.13
C ARG A 546 4.30 8.24 9.60
N HIS A 547 5.17 7.39 10.09
CA HIS A 547 5.55 7.36 11.50
C HIS A 547 6.05 8.68 12.04
N ASP A 548 6.55 9.55 11.18
CA ASP A 548 7.12 10.83 11.60
C ASP A 548 6.12 11.99 11.55
N PHE A 549 4.86 11.75 11.20
CA PHE A 549 3.97 12.91 11.04
C PHE A 549 3.47 13.48 12.36
N GLY A 550 3.42 12.71 13.42
CA GLY A 550 3.14 13.23 14.74
C GLY A 550 1.66 13.32 15.08
N LEU A 551 0.92 14.11 14.32
CA LEU A 551 -0.52 14.29 14.45
C LEU A 551 -1.14 13.95 13.12
N TYR A 552 -2.32 13.34 13.18
CA TYR A 552 -2.98 12.75 12.02
C TYR A 552 -4.41 13.12 11.96
N PRO A 553 -4.98 13.53 10.83
CA PRO A 553 -4.32 13.60 9.52
C PRO A 553 -3.49 14.86 9.31
N GLN A 554 -3.64 15.85 10.14
CA GLN A 554 -3.00 17.13 9.96
C GLN A 554 -2.11 17.49 11.16
N ASN A 555 -0.87 17.89 10.87
CA ASN A 555 0.02 18.50 11.85
C ASN A 555 0.41 19.82 11.24
N PRO A 556 0.10 20.96 11.88
CA PRO A 556 -0.56 21.11 13.17
C PRO A 556 -2.05 20.80 13.04
N ALA A 557 -2.65 20.38 14.16
CA ALA A 557 -4.08 20.15 14.22
C ALA A 557 -4.84 21.47 14.43
N THR A 558 -4.14 22.47 14.94
CA THR A 558 -4.71 23.77 15.28
C THR A 558 -4.28 24.81 14.25
N GLU A 559 -4.86 25.99 14.28
CA GLU A 559 -4.47 27.08 13.37
C GLU A 559 -3.13 27.68 13.74
N THR A 560 -2.74 27.61 15.04
CA THR A 560 -1.61 28.31 15.53
C THR A 560 -0.37 27.47 15.76
N GLY A 561 -0.47 26.20 15.65
CA GLY A 561 0.68 25.32 15.83
C GLY A 561 1.56 25.29 14.61
N THR A 562 2.66 24.58 14.76
CA THR A 562 3.62 24.32 13.67
C THR A 562 4.15 22.89 13.81
N ALA A 563 4.24 22.18 12.68
CA ALA A 563 4.72 20.81 12.65
C ALA A 563 6.26 20.77 12.57
N ASP A 564 6.91 21.44 13.54
CA ASP A 564 8.37 21.63 13.46
C ASP A 564 9.11 20.32 13.61
N GLY A 565 8.78 19.54 14.60
CA GLY A 565 9.46 18.27 14.75
C GLY A 565 9.31 17.36 13.53
N MET A 566 8.11 17.27 12.99
CA MET A 566 7.90 16.49 11.76
C MET A 566 8.80 17.04 10.66
N TYR A 567 8.77 18.34 10.46
CA TYR A 567 9.48 18.90 9.35
C TYR A 567 11.00 18.68 9.49
N ARG A 568 11.52 18.75 10.71
CA ARG A 568 12.95 18.50 10.92
C ARG A 568 13.32 17.06 10.46
N THR A 569 12.42 16.09 10.59
CA THR A 569 12.72 14.74 10.11
C THR A 569 12.83 14.70 8.59
N MET A 570 12.18 15.62 7.91
CA MET A 570 12.25 15.73 6.46
C MET A 570 13.57 16.43 6.05
N VAL A 571 13.90 17.53 6.74
CA VAL A 571 15.19 18.17 6.57
C VAL A 571 16.31 17.10 6.79
N ASN A 572 16.17 16.26 7.80
CA ASN A 572 17.16 15.26 8.12
C ASN A 572 17.28 14.19 7.04
N ARG A 573 16.18 13.86 6.36
CA ARG A 573 16.25 12.93 5.20
C ARG A 573 17.05 13.57 4.08
N ALA A 574 17.00 14.89 3.94
CA ALA A 574 17.78 15.58 2.92
C ALA A 574 19.24 15.77 3.27
N TYR A 575 19.61 15.46 4.51
CA TYR A 575 21.00 15.62 4.98
C TYR A 575 21.82 14.41 4.53
N ARG A 576 22.20 14.46 3.24
CA ARG A 576 22.87 13.37 2.52
C ARG A 576 24.03 13.95 1.77
N TYR A 577 25.11 13.24 1.70
CA TYR A 577 26.27 13.66 0.95
C TYR A 577 26.06 13.31 -0.52
N VAL A 578 26.04 14.32 -1.39
CA VAL A 578 25.75 14.16 -2.79
C VAL A 578 26.95 14.55 -3.56
N LYS A 579 27.43 13.68 -4.41
CA LYS A 579 28.52 13.92 -5.32
C LYS A 579 28.03 14.41 -6.66
N TYR A 580 28.57 15.53 -7.07
CA TYR A 580 28.33 16.06 -8.42
C TYR A 580 29.54 15.85 -9.28
N ALA A 581 29.29 15.58 -10.55
CA ALA A 581 30.34 15.25 -11.48
C ALA A 581 31.31 16.41 -11.55
N GLY A 582 32.57 16.04 -11.51
CA GLY A 582 33.66 16.92 -11.57
C GLY A 582 34.14 17.44 -10.28
N ALA A 583 33.29 17.34 -9.23
CA ALA A 583 33.65 17.77 -7.90
C ALA A 583 34.57 16.71 -7.29
N SER A 584 35.47 17.19 -6.45
CA SER A 584 36.36 16.28 -5.79
C SER A 584 35.75 15.35 -4.74
N ASN A 585 34.90 15.95 -3.94
CA ASN A 585 34.21 15.33 -2.83
C ASN A 585 32.74 15.66 -2.77
N ALA A 586 31.97 14.71 -2.28
CA ALA A 586 30.62 15.03 -1.88
C ALA A 586 30.52 16.23 -0.67
N GLN A 587 29.41 17.06 -0.66
CA GLN A 587 29.04 17.89 0.56
C GLN A 587 27.60 17.70 0.84
N PRO A 588 27.10 18.08 2.07
CA PRO A 588 25.71 17.89 2.23
C PRO A 588 24.92 18.55 1.12
N TRP A 589 23.86 17.84 0.73
CA TRP A 589 23.01 18.25 -0.36
C TRP A 589 22.53 19.66 -0.16
N TRP A 590 22.59 20.48 -1.18
CA TRP A 590 22.11 21.84 -1.09
C TRP A 590 20.66 21.87 -0.72
N PHE A 591 19.88 20.86 -1.11
CA PHE A 591 18.44 20.90 -0.86
C PHE A 591 18.14 20.81 0.63
N TYR A 592 19.04 20.19 1.43
CA TYR A 592 18.91 20.28 2.87
C TYR A 592 18.93 21.73 3.37
N GLN A 593 19.88 22.51 2.82
CA GLN A 593 19.95 23.92 3.15
C GLN A 593 18.70 24.68 2.72
N LEU A 594 18.12 24.35 1.55
CA LEU A 594 16.93 25.00 1.14
C LEU A 594 15.77 24.68 2.07
N LEU A 595 15.60 23.41 2.38
CA LEU A 595 14.52 23.06 3.29
C LEU A 595 14.65 23.75 4.61
N ALA A 596 15.90 23.88 5.12
CA ALA A 596 16.13 24.51 6.42
C ALA A 596 15.86 26.04 6.38
N GLU A 597 15.84 26.64 5.20
CA GLU A 597 15.53 28.06 5.06
C GLU A 597 14.05 28.35 5.30
N ALA A 598 13.18 27.36 5.21
CA ALA A 598 11.78 27.63 5.49
C ALA A 598 11.65 28.18 6.90
N ARG A 599 10.70 29.08 7.13
CA ARG A 599 10.50 29.58 8.48
C ARG A 599 10.00 28.50 9.42
N THR A 600 10.16 28.71 10.73
CA THR A 600 9.76 27.79 11.76
C THR A 600 8.24 27.63 11.81
N ALA A 601 7.53 28.76 11.87
CA ALA A 601 6.07 28.79 11.91
C ALA A 601 5.57 28.19 10.62
N ASP A 602 4.40 27.57 10.68
CA ASP A 602 3.63 27.18 9.50
C ASP A 602 4.17 25.96 8.79
N ARG A 603 4.99 25.16 9.44
CA ARG A 603 5.38 23.87 8.94
C ARG A 603 4.18 22.95 9.09
N PHE A 604 3.98 22.03 8.10
CA PHE A 604 2.71 21.37 7.91
C PHE A 604 2.84 20.05 7.25
N VAL A 605 2.01 19.08 7.64
CA VAL A 605 1.78 17.89 6.86
C VAL A 605 0.30 17.59 6.89
N PHE A 606 -0.21 17.11 5.74
CA PHE A 606 -1.52 16.52 5.64
C PHE A 606 -1.36 15.14 5.08
N ASP A 607 -1.89 14.15 5.77
CA ASP A 607 -1.86 12.77 5.41
C ASP A 607 -3.24 12.32 4.95
N TRP A 608 -3.46 12.21 3.65
CA TRP A 608 -4.74 11.77 3.17
C TRP A 608 -5.08 10.37 3.63
N THR A 609 -4.06 9.58 3.90
CA THR A 609 -4.22 8.23 4.32
C THR A 609 -4.99 8.12 5.64
N THR A 610 -4.78 9.07 6.59
CA THR A 610 -5.42 9.07 7.86
C THR A 610 -6.60 10.06 7.93
N ASN A 611 -6.92 10.71 6.84
CA ASN A 611 -8.20 11.38 6.63
C ASN A 611 -9.27 10.31 6.49
N LYS A 612 -10.53 10.70 6.59
CA LYS A 612 -11.64 9.75 6.48
C LYS A 612 -11.80 9.15 5.12
N THR A 613 -11.14 9.74 4.09
CA THR A 613 -11.06 9.13 2.78
C THR A 613 -10.23 7.84 2.74
N ALA A 614 -9.40 7.62 3.75
CA ALA A 614 -8.54 6.44 3.78
C ALA A 614 -7.60 6.42 2.59
N GLY A 615 -7.07 7.59 2.23
CA GLY A 615 -6.14 7.76 1.14
C GLY A 615 -6.52 8.93 0.26
N GLY A 616 -5.71 9.10 -0.77
CA GLY A 616 -5.84 10.21 -1.68
C GLY A 616 -6.80 10.04 -2.83
N PHE A 617 -6.79 8.89 -3.49
CA PHE A 617 -7.56 8.75 -4.74
C PHE A 617 -7.38 7.33 -5.23
N LYS A 618 -8.37 6.86 -6.02
CA LYS A 618 -8.29 5.50 -6.54
C LYS A 618 -7.18 5.37 -7.61
N LEU A 619 -6.41 4.26 -7.52
CA LEU A 619 -5.60 3.81 -8.63
C LEU A 619 -5.76 2.31 -8.73
N ASP A 620 -6.01 1.80 -9.90
CA ASP A 620 -6.34 0.40 -10.06
C ASP A 620 -5.10 -0.49 -10.11
N MET A 621 -5.11 -1.50 -9.27
CA MET A 621 -4.17 -2.63 -9.26
C MET A 621 -4.50 -3.60 -10.38
N THR A 622 -3.62 -4.58 -10.60
CA THR A 622 -3.92 -5.65 -11.52
C THR A 622 -5.24 -6.31 -11.08
N GLY A 623 -6.09 -6.59 -12.06
CA GLY A 623 -7.40 -7.20 -11.79
C GLY A 623 -8.48 -6.23 -11.36
N ASP A 624 -8.16 -5.00 -11.06
CA ASP A 624 -9.14 -4.05 -10.56
C ASP A 624 -10.06 -3.47 -11.61
N HIS A 625 -9.72 -3.61 -12.89
CA HIS A 625 -10.55 -3.03 -13.93
C HIS A 625 -12.00 -3.46 -13.77
N HIS A 626 -12.21 -4.72 -13.53
CA HIS A 626 -13.56 -5.18 -13.49
C HIS A 626 -14.33 -4.59 -12.32
N GLN A 627 -13.67 -4.28 -11.24
CA GLN A 627 -14.30 -3.63 -10.09
C GLN A 627 -14.62 -2.16 -10.39
N SER A 628 -13.60 -1.42 -10.87
CA SER A 628 -13.83 -0.01 -11.15
C SER A 628 -14.80 0.18 -12.32
N ASN A 629 -14.69 -0.67 -13.34
CA ASN A 629 -15.54 -0.53 -14.50
C ASN A 629 -16.99 -0.82 -14.17
N LEU A 630 -17.25 -1.75 -13.25
CA LEU A 630 -18.62 -1.96 -12.79
C LEU A 630 -19.21 -0.71 -12.20
N CYS A 631 -18.38 -0.03 -11.36
CA CYS A 631 -18.80 1.22 -10.77
C CYS A 631 -19.03 2.30 -11.81
N PHE A 632 -18.12 2.40 -12.78
CA PHE A 632 -18.21 3.38 -13.86
C PHE A 632 -19.51 3.18 -14.67
N ARG A 633 -19.95 1.93 -14.82
CA ARG A 633 -21.13 1.63 -15.59
C ARG A 633 -22.42 1.56 -14.75
N TYR A 634 -22.30 1.71 -13.45
CA TYR A 634 -23.44 1.48 -12.54
C TYR A 634 -24.67 2.25 -12.88
N HIS A 635 -24.55 3.50 -13.32
CA HIS A 635 -25.67 4.37 -13.63
C HIS A 635 -26.56 3.81 -14.77
N THR A 636 -26.04 2.88 -15.54
CA THR A 636 -26.84 2.21 -16.56
C THR A 636 -27.97 1.37 -15.99
N HIS A 637 -28.01 1.18 -14.67
CA HIS A 637 -29.15 0.50 -14.06
C HIS A 637 -30.47 1.17 -14.45
N ALA A 638 -30.42 2.47 -14.77
CA ALA A 638 -31.59 3.26 -15.12
C ALA A 638 -32.32 2.71 -16.32
N LEU A 639 -31.65 1.90 -17.12
CA LEU A 639 -32.25 1.23 -18.29
C LEU A 639 -33.28 0.20 -17.87
N ALA A 640 -33.12 -0.40 -16.71
CA ALA A 640 -34.04 -1.45 -16.18
C ALA A 640 -35.18 -0.76 -15.49
N ALA A 641 -36.32 -0.63 -16.22
CA ALA A 641 -37.39 0.21 -15.79
C ALA A 641 -38.04 -0.24 -14.49
N SER A 642 -38.39 -1.52 -14.40
CA SER A 642 -39.09 -2.01 -13.19
C SER A 642 -38.25 -2.05 -11.93
N LEU A 643 -36.95 -2.09 -12.10
CA LEU A 643 -36.02 -2.09 -10.98
C LEU A 643 -36.21 -0.86 -10.09
N ASP A 644 -36.33 0.30 -10.67
CA ASP A 644 -36.74 1.48 -9.94
C ASP A 644 -35.72 1.91 -8.87
N ASN A 645 -34.48 1.65 -9.13
CA ASN A 645 -33.39 2.02 -8.19
C ASN A 645 -33.17 3.53 -8.27
N ARG A 646 -33.18 4.17 -7.11
CA ARG A 646 -33.12 5.59 -7.00
C ARG A 646 -31.74 6.21 -6.66
N PHE A 647 -30.74 5.37 -6.53
CA PHE A 647 -29.45 5.79 -6.11
C PHE A 647 -28.42 5.75 -7.22
N PHE A 648 -27.66 6.82 -7.33
CA PHE A 648 -26.56 6.97 -8.27
C PHE A 648 -25.31 7.31 -7.50
N ILE A 649 -24.14 7.10 -8.09
CA ILE A 649 -22.84 7.32 -7.42
C ILE A 649 -22.04 8.33 -8.27
N ALA A 650 -21.25 9.17 -7.60
CA ALA A 650 -20.57 10.29 -8.28
C ALA A 650 -19.23 10.61 -7.56
N SER A 651 -18.15 10.01 -8.01
CA SER A 651 -16.84 10.28 -7.43
C SER A 651 -15.78 9.82 -8.41
N ASP A 652 -14.58 10.33 -8.24
CA ASP A 652 -13.47 9.79 -9.00
C ASP A 652 -13.22 8.31 -8.70
N SER A 653 -13.69 7.80 -7.58
CA SER A 653 -13.58 6.36 -7.30
C SER A 653 -14.41 5.51 -8.28
N TYR A 654 -15.40 6.10 -8.93
CA TYR A 654 -16.31 5.42 -9.83
C TYR A 654 -16.06 5.79 -11.28
N SER A 655 -14.76 5.97 -11.58
CA SER A 655 -14.28 6.43 -12.87
C SER A 655 -13.02 5.68 -13.22
N HIS A 656 -12.57 5.97 -14.43
CA HIS A 656 -11.28 5.48 -14.94
C HIS A 656 -10.24 6.60 -14.95
N LEU A 657 -10.42 7.57 -14.06
CA LEU A 657 -9.51 8.67 -13.85
C LEU A 657 -9.48 9.02 -12.34
N GLY A 658 -9.31 7.98 -11.52
CA GLY A 658 -9.10 8.26 -10.11
C GLY A 658 -7.89 9.16 -9.92
N GLY A 659 -7.99 10.12 -9.02
CA GLY A 659 -6.92 11.08 -8.85
C GLY A 659 -6.97 12.27 -9.74
N TRP A 660 -8.07 12.48 -10.43
CA TRP A 660 -8.26 13.67 -11.28
C TRP A 660 -9.65 14.22 -11.08
N LEU A 661 -9.79 15.52 -11.06
CA LEU A 661 -11.12 16.15 -11.16
C LEU A 661 -11.87 15.61 -12.35
N GLU A 662 -11.18 15.31 -13.45
CA GLU A 662 -11.85 14.78 -14.62
C GLU A 662 -12.68 13.54 -14.28
N GLY A 663 -12.10 12.67 -13.45
CA GLY A 663 -12.84 11.46 -13.04
C GLY A 663 -14.08 11.76 -12.20
N ALA A 664 -13.94 12.67 -11.21
CA ALA A 664 -15.10 13.05 -10.41
C ALA A 664 -16.18 13.66 -11.29
N PHE A 665 -15.79 14.52 -12.23
CA PHE A 665 -16.73 15.18 -13.10
C PHE A 665 -17.39 14.22 -14.05
N MET A 666 -16.62 13.25 -14.62
CA MET A 666 -17.22 12.22 -15.47
C MET A 666 -18.24 11.42 -14.70
N SER A 667 -17.91 11.03 -13.49
CA SER A 667 -18.82 10.23 -12.69
C SER A 667 -20.09 11.04 -12.36
N ALA A 668 -19.96 12.31 -12.05
CA ALA A 668 -21.11 13.19 -11.83
C ALA A 668 -22.02 13.22 -13.06
N LEU A 669 -21.42 13.35 -14.24
CA LEU A 669 -22.18 13.40 -15.48
C LEU A 669 -22.94 12.09 -15.69
N ASN A 670 -22.26 10.97 -15.44
CA ASN A 670 -22.89 9.68 -15.49
C ASN A 670 -24.12 9.63 -14.54
N ALA A 671 -23.89 10.05 -13.29
CA ALA A 671 -24.92 9.97 -12.30
C ALA A 671 -26.17 10.75 -12.73
N VAL A 672 -25.98 11.98 -13.19
CA VAL A 672 -27.12 12.80 -13.58
C VAL A 672 -27.82 12.25 -14.82
N ALA A 673 -27.03 11.76 -15.78
CA ALA A 673 -27.61 11.14 -16.97
C ALA A 673 -28.47 9.96 -16.55
N GLY A 674 -27.96 9.09 -15.67
CA GLY A 674 -28.72 7.99 -15.18
C GLY A 674 -29.98 8.40 -14.44
N LEU A 675 -29.85 9.42 -13.63
CA LEU A 675 -31.00 9.97 -12.87
C LEU A 675 -32.10 10.40 -13.85
N ILE A 676 -31.72 11.10 -14.92
CA ILE A 676 -32.74 11.50 -15.91
C ILE A 676 -33.42 10.26 -16.51
N VAL A 677 -32.64 9.25 -16.91
CA VAL A 677 -33.27 8.07 -17.50
C VAL A 677 -34.20 7.42 -16.50
N ARG A 678 -33.77 7.28 -15.24
CA ARG A 678 -34.61 6.69 -14.22
C ARG A 678 -35.87 7.53 -13.97
N ALA A 679 -35.76 8.85 -13.95
CA ALA A 679 -36.93 9.71 -13.77
C ALA A 679 -37.92 9.56 -14.92
N ASN A 680 -37.44 9.13 -16.05
CA ASN A 680 -38.24 8.87 -17.25
C ASN A 680 -38.50 7.37 -17.43
N ARG A 681 -38.42 6.65 -16.33
CA ARG A 681 -38.81 5.22 -16.29
C ARG A 681 -38.10 4.41 -17.40
N GLY A 682 -36.83 4.69 -17.60
CA GLY A 682 -36.03 3.92 -18.51
C GLY A 682 -35.92 4.40 -19.94
N ASP A 683 -36.55 5.55 -20.22
CA ASP A 683 -36.62 6.07 -21.59
C ASP A 683 -35.41 6.93 -21.88
N VAL A 684 -34.51 6.38 -22.67
CA VAL A 684 -33.28 7.10 -23.03
C VAL A 684 -33.47 8.27 -23.96
N SER A 685 -34.62 8.34 -24.61
CA SER A 685 -34.90 9.50 -25.47
C SER A 685 -35.05 10.77 -24.65
N ALA A 686 -35.16 10.68 -23.33
CA ALA A 686 -35.21 11.86 -22.49
C ALA A 686 -33.83 12.53 -22.37
N LEU A 687 -32.76 11.83 -22.67
CA LEU A 687 -31.46 12.45 -22.73
C LEU A 687 -31.33 13.17 -24.06
N SER A 688 -30.53 14.23 -24.05
CA SER A 688 -30.17 14.86 -25.33
C SER A 688 -29.47 13.91 -26.27
N THR A 689 -29.48 14.20 -27.57
CA THR A 689 -28.74 13.44 -28.51
C THR A 689 -27.28 13.26 -28.09
N GLU A 690 -26.67 14.36 -27.66
CA GLU A 690 -25.26 14.37 -27.33
C GLU A 690 -24.98 13.63 -26.02
N ALA A 691 -25.93 13.56 -25.08
CA ALA A 691 -25.73 12.95 -23.79
C ALA A 691 -26.12 11.48 -23.83
N ARG A 692 -26.97 11.04 -24.75
CA ARG A 692 -27.41 9.67 -24.71
C ARG A 692 -26.30 8.63 -24.63
N PRO A 693 -25.19 8.84 -25.36
CA PRO A 693 -24.12 7.83 -25.28
C PRO A 693 -23.52 7.67 -23.87
N LEU A 694 -23.73 8.62 -22.96
CA LEU A 694 -23.27 8.44 -21.58
C LEU A 694 -23.81 7.17 -20.99
N VAL A 695 -25.03 6.79 -21.39
CA VAL A 695 -25.74 5.59 -20.94
C VAL A 695 -25.60 4.47 -21.97
N ILE A 696 -25.90 4.74 -23.24
CA ILE A 696 -26.00 3.66 -24.19
C ILE A 696 -24.66 3.28 -24.80
N GLY A 697 -23.62 4.01 -24.56
CA GLY A 697 -22.30 3.67 -25.10
C GLY A 697 -21.49 2.71 -24.24
N LEU A 698 -22.07 2.33 -23.11
CA LEU A 698 -21.44 1.41 -22.18
C LEU A 698 -22.20 0.10 -22.12
N ARG A 699 -21.53 -0.99 -21.76
CA ARG A 699 -22.21 -2.24 -21.49
C ARG A 699 -23.13 -2.05 -20.31
N PRO A 700 -24.38 -2.47 -20.40
CA PRO A 700 -25.28 -2.29 -19.27
C PRO A 700 -24.88 -3.13 -18.08
N VAL A 701 -25.14 -2.64 -16.88
CA VAL A 701 -24.87 -3.38 -15.68
C VAL A 701 -25.96 -4.43 -15.32
N VAL A 702 -27.13 -4.25 -15.83
CA VAL A 702 -28.30 -5.13 -15.60
C VAL A 702 -28.44 -5.84 -17.00
N LYS A 703 -28.15 -7.19 -17.11
CA LYS A 703 -28.45 -7.95 -18.35
C LYS A 703 -29.91 -8.19 -18.44
N VAL A 704 -30.57 -8.47 -17.32
CA VAL A 704 -31.98 -8.78 -17.20
C VAL A 704 -32.51 -7.86 -16.06
N PRO A 705 -33.54 -7.13 -16.32
CA PRO A 705 -34.21 -7.03 -17.64
C PRO A 705 -33.42 -6.18 -18.64
N ALA A 706 -33.65 -6.39 -19.92
CA ALA A 706 -33.05 -5.54 -20.96
C ALA A 706 -33.75 -4.14 -21.02
N ALA A 707 -33.14 -3.36 -21.88
CA ALA A 707 -33.62 -2.00 -22.12
C ALA A 707 -32.58 -1.06 -22.66
N LYS B 16 0.79 -37.42 13.17
CA LYS B 16 0.93 -36.49 12.02
C LYS B 16 0.96 -35.03 12.54
N ILE B 17 0.14 -34.64 13.49
CA ILE B 17 0.29 -33.33 14.16
C ILE B 17 1.49 -33.37 15.09
N ALA B 18 2.40 -32.41 14.96
CA ALA B 18 3.56 -32.28 15.86
C ALA B 18 3.04 -31.84 17.22
N THR B 19 3.62 -32.40 18.28
CA THR B 19 3.16 -32.09 19.64
C THR B 19 4.25 -31.47 20.54
N THR B 20 5.47 -31.45 20.07
CA THR B 20 6.59 -30.88 20.76
C THR B 20 7.50 -30.10 19.84
N VAL B 21 8.33 -29.22 20.43
CA VAL B 21 9.35 -28.53 19.66
C VAL B 21 10.17 -29.49 18.87
N GLY B 22 10.57 -30.60 19.44
CA GLY B 22 11.43 -31.55 18.75
C GLY B 22 10.75 -32.19 17.55
N GLU B 23 9.48 -32.52 17.69
CA GLU B 23 8.74 -33.09 16.58
C GLU B 23 8.63 -32.10 15.43
N ALA B 24 8.37 -30.84 15.73
CA ALA B 24 8.38 -29.81 14.68
C ALA B 24 9.77 -29.66 14.10
N ARG B 25 10.77 -29.55 14.97
CA ARG B 25 12.14 -29.37 14.49
C ARG B 25 12.54 -30.42 13.51
N LEU B 26 12.26 -31.70 13.83
CA LEU B 26 12.64 -32.83 12.99
C LEU B 26 11.83 -32.86 11.72
N SER B 27 10.60 -32.34 11.72
CA SER B 27 9.76 -32.35 10.55
C SER B 27 10.35 -31.49 9.43
N GLY B 28 10.92 -30.35 9.81
CA GLY B 28 11.43 -29.37 8.85
C GLY B 28 12.94 -29.31 8.70
N ILE B 29 13.68 -30.23 9.35
CA ILE B 29 15.11 -30.11 9.39
C ILE B 29 15.80 -30.09 8.05
N ASN B 30 15.22 -30.76 7.05
CA ASN B 30 15.82 -30.86 5.73
C ASN B 30 15.38 -29.82 4.72
N TYR B 31 14.32 -29.05 5.04
CA TYR B 31 13.71 -28.23 4.00
C TYR B 31 14.63 -27.13 3.58
N ARG B 32 14.78 -27.01 2.26
CA ARG B 32 15.56 -25.95 1.58
C ARG B 32 14.62 -25.10 0.79
N HIS B 33 14.73 -23.77 0.96
CA HIS B 33 13.98 -22.82 0.21
C HIS B 33 14.52 -22.68 -1.21
N PRO B 34 13.68 -22.32 -2.19
CA PRO B 34 14.11 -22.40 -3.58
C PRO B 34 15.16 -21.42 -4.01
N ASP B 35 15.32 -20.30 -3.27
CA ASP B 35 16.40 -19.36 -3.56
C ASP B 35 17.73 -19.74 -2.85
N SER B 36 17.69 -20.77 -2.04
CA SER B 36 18.83 -21.32 -1.32
C SER B 36 18.73 -22.83 -1.30
N ALA B 37 18.43 -23.40 -2.47
CA ALA B 37 18.01 -24.78 -2.55
C ALA B 37 19.11 -25.77 -2.23
N LEU B 38 20.39 -25.36 -2.29
CA LEU B 38 21.46 -26.28 -2.04
C LEU B 38 21.64 -26.52 -0.56
N VAL B 39 20.98 -25.80 0.34
CA VAL B 39 21.32 -25.90 1.75
C VAL B 39 20.11 -25.91 2.63
N SER B 40 20.10 -26.85 3.59
CA SER B 40 19.17 -26.81 4.70
C SER B 40 19.80 -25.95 5.78
N TYR B 41 19.20 -24.81 6.08
CA TYR B 41 19.75 -23.95 7.11
C TYR B 41 19.86 -24.67 8.45
N PRO B 42 18.87 -25.49 8.88
CA PRO B 42 19.08 -26.20 10.13
C PRO B 42 20.26 -27.14 10.16
N VAL B 43 20.53 -27.75 9.03
CA VAL B 43 21.72 -28.64 8.94
C VAL B 43 23.00 -27.81 9.02
N ALA B 44 23.04 -26.69 8.33
CA ALA B 44 24.14 -25.76 8.46
C ALA B 44 24.41 -25.31 9.90
N ALA B 45 23.31 -25.09 10.64
CA ALA B 45 23.36 -24.53 11.99
C ALA B 45 23.60 -25.59 13.06
N ALA B 46 23.70 -26.86 12.69
CA ALA B 46 23.86 -27.93 13.68
C ALA B 46 25.16 -27.83 14.49
N ALA B 47 26.18 -27.34 13.86
CA ALA B 47 27.49 -27.11 14.53
C ALA B 47 27.81 -25.64 14.34
N PRO B 48 28.83 -25.15 15.06
CA PRO B 48 29.26 -23.78 14.80
C PRO B 48 29.49 -23.57 13.29
N LEU B 49 29.27 -22.37 12.80
CA LEU B 49 29.31 -22.12 11.36
C LEU B 49 30.70 -22.20 10.75
N GLY B 50 31.75 -22.02 11.55
CA GLY B 50 33.11 -22.04 11.03
C GLY B 50 34.07 -21.69 12.15
N ARG B 51 35.24 -21.19 11.73
CA ARG B 51 36.32 -20.84 12.66
C ARG B 51 36.77 -19.44 12.34
N LEU B 52 37.30 -18.75 13.36
CA LEU B 52 37.92 -17.48 13.25
C LEU B 52 39.39 -17.59 13.58
N PRO B 53 40.25 -16.76 12.96
CA PRO B 53 41.61 -16.63 13.46
C PRO B 53 41.65 -16.22 14.92
N ALA B 54 42.70 -16.58 15.63
CA ALA B 54 42.89 -16.05 16.98
C ALA B 54 42.82 -14.54 16.95
N GLY B 55 42.27 -13.95 18.00
CA GLY B 55 42.12 -12.51 18.08
C GLY B 55 41.10 -12.14 19.10
N ASN B 56 40.99 -10.84 19.27
CA ASN B 56 40.02 -10.20 20.20
C ASN B 56 39.16 -9.29 19.40
N TYR B 57 37.98 -9.77 18.98
CA TYR B 57 37.16 -9.10 18.03
C TYR B 57 36.21 -8.15 18.69
N ARG B 58 36.03 -7.00 18.11
CA ARG B 58 35.06 -6.01 18.55
C ARG B 58 33.96 -5.98 17.48
N ILE B 59 32.81 -6.47 17.80
CA ILE B 59 31.71 -6.57 16.83
C ILE B 59 30.52 -5.76 17.40
N ALA B 60 29.78 -5.08 16.54
CA ALA B 60 28.51 -4.45 16.90
C ALA B 60 27.41 -5.21 16.24
N ILE B 61 26.29 -5.35 16.96
CA ILE B 61 25.02 -5.79 16.38
C ILE B 61 24.06 -4.64 16.59
N VAL B 62 23.52 -4.10 15.51
CA VAL B 62 22.52 -3.05 15.57
C VAL B 62 21.19 -3.72 15.49
N GLY B 63 20.44 -3.74 16.61
CA GLY B 63 19.13 -4.35 16.70
C GLY B 63 19.13 -5.65 17.46
N GLY B 64 18.23 -5.70 18.45
CA GLY B 64 18.02 -6.80 19.34
C GLY B 64 16.73 -7.56 19.11
N GLY B 65 16.36 -7.71 17.84
CA GLY B 65 15.26 -8.56 17.44
C GLY B 65 15.72 -9.97 17.13
N ALA B 66 14.87 -10.74 16.48
CA ALA B 66 15.20 -12.10 16.17
C ALA B 66 16.51 -12.23 15.33
N GLY B 67 16.69 -11.35 14.36
CA GLY B 67 17.90 -11.40 13.55
C GLY B 67 19.15 -11.13 14.36
N GLY B 68 19.12 -10.05 15.16
CA GLY B 68 20.30 -9.69 15.92
C GLY B 68 20.64 -10.70 16.98
N ILE B 69 19.60 -11.24 17.65
CA ILE B 69 19.85 -12.20 18.69
C ILE B 69 20.28 -13.55 18.18
N ALA B 70 19.72 -14.01 17.04
CA ALA B 70 20.21 -15.23 16.44
C ALA B 70 21.70 -15.02 16.01
N ALA B 71 22.02 -13.87 15.46
CA ALA B 71 23.42 -13.59 15.11
C ALA B 71 24.28 -13.65 16.33
N LEU B 72 23.82 -13.08 17.44
CA LEU B 72 24.56 -13.14 18.71
C LEU B 72 24.81 -14.58 19.13
N TYR B 73 23.76 -15.40 19.05
CA TYR B 73 23.90 -16.79 19.43
C TYR B 73 24.97 -17.45 18.59
N GLU B 74 24.93 -17.27 17.26
CA GLU B 74 25.92 -17.88 16.40
C GLU B 74 27.35 -17.33 16.68
N LEU B 75 27.47 -16.05 17.03
CA LEU B 75 28.76 -15.55 17.46
C LEU B 75 29.20 -16.18 18.76
N GLY B 76 28.29 -16.48 19.68
CA GLY B 76 28.67 -17.20 20.86
C GLY B 76 29.20 -18.58 20.55
N ARG B 77 28.53 -19.30 19.65
CA ARG B 77 29.00 -20.61 19.24
C ARG B 77 30.41 -20.54 18.68
N LEU B 78 30.67 -19.50 17.89
CA LEU B 78 32.02 -19.28 17.35
C LEU B 78 33.01 -18.92 18.47
N ALA B 79 32.60 -18.05 19.36
CA ALA B 79 33.51 -17.58 20.40
C ALA B 79 34.04 -18.74 21.22
N ALA B 80 33.16 -19.71 21.53
CA ALA B 80 33.53 -20.84 22.39
C ALA B 80 34.69 -21.65 21.82
N THR B 81 34.89 -21.57 20.51
CA THR B 81 35.97 -22.28 19.79
C THR B 81 37.32 -21.55 19.75
N LEU B 82 37.32 -20.32 20.23
CA LEU B 82 38.56 -19.53 20.22
C LEU B 82 39.50 -19.98 21.32
N PRO B 83 40.81 -19.82 21.06
CA PRO B 83 41.82 -20.27 22.07
C PRO B 83 41.92 -19.32 23.23
N ALA B 84 42.66 -19.74 24.21
CA ALA B 84 42.93 -18.90 25.38
C ALA B 84 43.52 -17.57 24.97
N GLY B 85 42.95 -16.54 25.49
CA GLY B 85 43.39 -15.20 25.19
C GLY B 85 42.65 -14.50 24.11
N SER B 86 41.85 -15.24 23.36
CA SER B 86 41.02 -14.70 22.29
C SER B 86 39.55 -14.55 22.82
N GLY B 87 38.75 -13.83 22.05
CA GLY B 87 37.37 -13.63 22.41
C GLY B 87 36.65 -12.72 21.43
N ILE B 88 35.35 -12.58 21.72
CA ILE B 88 34.51 -11.66 20.96
C ILE B 88 33.81 -10.77 21.96
N ASP B 89 33.89 -9.47 21.73
CA ASP B 89 33.13 -8.44 22.45
C ASP B 89 32.06 -7.97 21.49
N VAL B 90 30.82 -8.02 21.94
CA VAL B 90 29.71 -7.48 21.16
C VAL B 90 29.05 -6.34 21.93
N GLN B 91 28.89 -5.24 21.22
CA GLN B 91 28.04 -4.14 21.62
C GLN B 91 26.71 -4.30 20.85
N ILE B 92 25.61 -4.48 21.57
CA ILE B 92 24.32 -4.58 20.92
C ILE B 92 23.55 -3.31 21.15
N TYR B 93 23.22 -2.64 20.07
CA TYR B 93 22.49 -1.38 20.10
C TYR B 93 21.01 -1.72 19.95
N GLU B 94 20.20 -1.17 20.88
CA GLU B 94 18.75 -1.38 20.88
C GLU B 94 18.05 -0.10 21.31
N ALA B 95 17.38 0.53 20.35
CA ALA B 95 16.75 1.82 20.57
C ALA B 95 15.38 1.71 21.23
N ASP B 96 14.70 0.56 21.18
CA ASP B 96 13.33 0.43 21.66
C ASP B 96 13.34 0.47 23.18
N PRO B 97 12.69 1.46 23.82
CA PRO B 97 12.72 1.49 25.28
C PRO B 97 11.98 0.31 25.90
N ASP B 98 11.13 -0.36 25.14
CA ASP B 98 10.35 -1.49 25.67
C ASP B 98 11.04 -2.80 25.40
N SER B 99 12.23 -2.82 24.82
CA SER B 99 12.94 -4.06 24.62
C SER B 99 13.19 -4.81 25.91
N PHE B 100 13.07 -6.14 25.82
CA PHE B 100 13.49 -7.02 26.89
C PHE B 100 14.93 -6.75 27.31
N LEU B 101 15.76 -6.25 26.43
CA LEU B 101 17.15 -6.05 26.74
C LEU B 101 17.35 -4.95 27.78
N HIS B 102 16.39 -4.04 27.95
CA HIS B 102 16.52 -2.97 28.91
C HIS B 102 15.74 -3.22 30.18
N ASP B 103 15.22 -4.44 30.34
CA ASP B 103 14.44 -4.87 31.51
C ASP B 103 15.12 -6.02 32.23
N ARG B 104 16.43 -6.02 32.28
CA ARG B 104 17.16 -7.15 32.91
C ARG B 104 17.64 -6.73 34.26
N ALA B 109 -5.23 -2.95 32.87
CA ALA B 109 -4.01 -2.24 32.44
C ALA B 109 -3.29 -3.06 31.41
N ILE B 110 -2.54 -2.41 30.54
CA ILE B 110 -1.78 -3.07 29.44
C ILE B 110 -0.31 -2.67 29.56
N LYS B 111 0.50 -3.66 29.88
CA LYS B 111 1.95 -3.48 29.98
C LYS B 111 2.65 -3.99 28.76
N VAL B 112 3.56 -3.18 28.20
CA VAL B 112 4.42 -3.60 27.08
C VAL B 112 5.89 -3.46 27.44
N ARG B 113 6.25 -2.75 28.52
CA ARG B 113 7.63 -2.53 28.85
C ARG B 113 8.32 -3.84 29.16
N GLY B 114 9.44 -4.11 28.45
CA GLY B 114 10.19 -5.32 28.64
C GLY B 114 9.66 -6.51 27.89
N LEU B 115 8.57 -6.34 27.13
CA LEU B 115 7.86 -7.43 26.46
C LEU B 115 7.98 -7.41 24.96
N LYS B 116 8.97 -6.65 24.46
CA LYS B 116 9.24 -6.58 23.05
C LYS B 116 10.62 -7.13 22.74
N ALA B 117 10.71 -7.83 21.63
CA ALA B 117 11.97 -8.16 20.94
C ALA B 117 11.72 -7.79 19.49
N GLY B 118 11.75 -6.50 19.18
CA GLY B 118 11.37 -5.99 17.85
C GLY B 118 9.92 -6.27 17.56
N ARG B 119 9.71 -7.04 16.47
CA ARG B 119 8.38 -7.42 16.01
C ARG B 119 7.83 -8.69 16.63
N VAL B 120 8.58 -9.27 17.58
CA VAL B 120 8.06 -10.23 18.52
C VAL B 120 7.61 -9.40 19.71
N SER B 121 6.31 -9.19 19.96
CA SER B 121 5.86 -8.12 20.80
C SER B 121 4.62 -8.54 21.54
N ALA B 122 4.70 -8.60 22.88
CA ALA B 122 3.58 -8.99 23.74
C ALA B 122 3.03 -7.78 24.47
N ALA B 123 1.74 -7.80 24.72
CA ALA B 123 1.09 -6.84 25.60
C ALA B 123 0.42 -7.67 26.69
N LEU B 124 0.78 -7.41 27.94
CA LEU B 124 0.24 -8.11 29.10
C LEU B 124 -0.91 -7.35 29.69
N VAL B 125 -2.09 -7.99 29.71
CA VAL B 125 -3.31 -7.44 30.28
C VAL B 125 -3.44 -7.90 31.71
N HIS B 126 -3.48 -6.98 32.66
CA HIS B 126 -3.52 -7.31 34.07
C HIS B 126 -4.37 -6.30 34.80
N ASN B 127 -4.62 -6.56 36.07
CA ASN B 127 -5.47 -5.68 36.86
C ASN B 127 -4.81 -4.86 37.91
N GLY B 128 -3.50 -4.77 37.87
CA GLY B 128 -2.72 -4.00 38.80
C GLY B 128 -1.52 -4.79 39.23
N ASP B 129 -1.57 -6.12 39.18
CA ASP B 129 -0.44 -6.97 39.50
C ASP B 129 0.00 -7.69 38.24
N PRO B 130 1.12 -7.24 37.64
CA PRO B 130 1.58 -7.89 36.40
C PRO B 130 2.03 -9.32 36.54
N ALA B 131 2.25 -9.78 37.78
CA ALA B 131 2.54 -11.20 37.97
C ALA B 131 1.33 -12.12 37.95
N SER B 132 0.17 -11.53 37.88
CA SER B 132 -1.08 -12.31 37.85
C SER B 132 -1.98 -11.74 36.79
N GLY B 133 -1.60 -11.91 35.51
CA GLY B 133 -2.34 -11.30 34.46
C GLY B 133 -3.54 -12.07 34.02
N ASP B 134 -4.32 -11.44 33.14
CA ASP B 134 -5.48 -12.05 32.55
C ASP B 134 -5.19 -12.73 31.23
N THR B 135 -4.50 -12.04 30.32
CA THR B 135 -4.21 -12.56 29.02
C THR B 135 -3.01 -11.79 28.44
N ILE B 136 -2.54 -12.27 27.29
CA ILE B 136 -1.46 -11.68 26.49
C ILE B 136 -1.99 -11.43 25.10
N TYR B 137 -1.75 -10.24 24.57
CA TYR B 137 -1.98 -9.96 23.17
C TYR B 137 -0.64 -10.15 22.46
N GLU B 138 -0.60 -11.04 21.46
CA GLU B 138 0.59 -11.19 20.61
C GLU B 138 0.45 -10.20 19.46
N VAL B 139 1.18 -9.11 19.59
CA VAL B 139 1.03 -7.94 18.71
C VAL B 139 1.71 -8.11 17.38
N GLY B 140 2.78 -8.92 17.37
CA GLY B 140 3.52 -9.25 16.14
C GLY B 140 3.46 -10.71 15.86
N ALA B 141 4.59 -11.37 15.83
CA ALA B 141 4.67 -12.80 15.47
C ALA B 141 3.80 -13.62 16.38
N MET B 142 3.08 -14.60 15.81
CA MET B 142 2.25 -15.45 16.60
C MET B 142 2.02 -16.89 16.11
N ARG B 143 2.35 -17.24 14.89
CA ARG B 143 2.04 -18.55 14.39
C ARG B 143 3.18 -19.07 13.52
N PHE B 144 3.61 -20.31 13.75
CA PHE B 144 4.94 -20.75 13.24
C PHE B 144 4.77 -22.00 12.43
N PRO B 145 5.14 -21.96 11.14
CA PRO B 145 4.91 -23.12 10.27
C PRO B 145 5.63 -24.36 10.79
N GLU B 146 5.07 -25.52 10.59
CA GLU B 146 5.70 -26.80 11.05
C GLU B 146 7.09 -26.94 10.42
N ILE B 147 7.23 -26.59 9.14
CA ILE B 147 8.48 -26.80 8.36
C ILE B 147 9.40 -25.63 8.45
N ALA B 148 9.17 -24.69 9.41
CA ALA B 148 10.10 -23.59 9.67
C ALA B 148 11.26 -24.13 10.48
N GLY B 149 12.14 -24.84 9.78
CA GLY B 149 13.14 -25.66 10.45
C GLY B 149 14.10 -24.85 11.29
N LEU B 150 14.51 -23.67 10.83
CA LEU B 150 15.45 -22.90 11.64
C LEU B 150 14.78 -22.32 12.84
N THR B 151 13.52 -21.90 12.72
CA THR B 151 12.71 -21.44 13.86
C THR B 151 12.69 -22.51 14.92
N TRP B 152 12.38 -23.76 14.53
CA TRP B 152 12.28 -24.81 15.55
C TRP B 152 13.64 -25.26 16.06
N HIS B 153 14.69 -25.14 15.23
CA HIS B 153 16.05 -25.37 15.68
C HIS B 153 16.38 -24.43 16.84
N TYR B 154 16.12 -23.12 16.67
CA TYR B 154 16.37 -22.15 17.75
C TYR B 154 15.41 -22.33 18.89
N ALA B 155 14.16 -22.73 18.61
CA ALA B 155 13.20 -22.98 19.68
C ALA B 155 13.73 -24.15 20.54
N SER B 156 14.38 -25.16 19.96
CA SER B 156 14.97 -26.20 20.77
C SER B 156 16.14 -25.68 21.60
N ALA B 157 17.00 -24.84 21.02
CA ALA B 157 18.06 -24.21 21.79
C ALA B 157 17.49 -23.49 23.02
N ALA B 158 16.36 -22.82 22.87
CA ALA B 158 15.73 -22.01 23.91
C ALA B 158 14.92 -22.76 24.88
N PHE B 159 14.26 -23.87 24.48
CA PHE B 159 13.27 -24.55 25.29
C PHE B 159 13.41 -26.06 25.43
N GLY B 160 14.22 -26.69 24.61
CA GLY B 160 14.36 -28.11 24.53
C GLY B 160 13.37 -28.76 23.61
N ASP B 161 13.73 -29.96 23.11
CA ASP B 161 12.85 -30.71 22.22
C ASP B 161 11.57 -31.18 22.85
N ALA B 162 11.57 -31.38 24.16
CA ALA B 162 10.40 -31.96 24.81
C ALA B 162 9.30 -30.97 24.99
N ALA B 163 9.55 -29.66 24.85
CA ALA B 163 8.55 -28.62 25.17
C ALA B 163 7.30 -28.76 24.30
N PRO B 164 6.09 -28.72 24.90
CA PRO B 164 4.87 -28.90 24.12
C PRO B 164 4.51 -27.71 23.28
N ILE B 165 3.95 -28.01 22.11
CA ILE B 165 3.40 -26.97 21.27
C ILE B 165 1.95 -27.36 20.90
N LYS B 166 1.23 -26.36 20.44
CA LYS B 166 -0.19 -26.45 20.08
C LYS B 166 -0.42 -25.99 18.66
N VAL B 167 -1.43 -26.51 17.99
CA VAL B 167 -1.83 -26.04 16.66
C VAL B 167 -2.40 -24.64 16.81
N PHE B 168 -1.92 -23.69 16.01
CA PHE B 168 -2.43 -22.37 16.06
C PHE B 168 -3.93 -22.37 15.54
N PRO B 169 -4.84 -21.68 16.23
CA PRO B 169 -6.26 -21.76 15.86
C PRO B 169 -6.62 -20.85 14.68
N ASN B 170 -6.04 -21.18 13.52
CA ASN B 170 -6.33 -20.53 12.27
C ASN B 170 -7.74 -20.80 11.82
N PRO B 171 -8.27 -19.96 10.92
CA PRO B 171 -9.52 -20.30 10.21
C PRO B 171 -9.36 -21.65 9.64
N GLY B 172 -10.39 -22.50 9.84
CA GLY B 172 -10.35 -23.87 9.44
C GLY B 172 -9.78 -24.84 10.38
N LYS B 173 -8.86 -24.42 11.28
CA LYS B 173 -8.37 -25.30 12.33
C LYS B 173 -9.30 -25.40 13.50
N VAL B 174 -10.14 -24.39 13.67
CA VAL B 174 -11.19 -24.29 14.66
C VAL B 174 -12.47 -24.00 13.85
N PRO B 175 -13.66 -24.16 14.44
CA PRO B 175 -14.88 -23.76 13.69
C PRO B 175 -14.79 -22.27 13.35
N THR B 176 -15.14 -22.00 12.09
CA THR B 176 -14.88 -20.70 11.48
C THR B 176 -16.15 -20.22 10.76
N GLU B 177 -16.40 -18.92 10.81
CA GLU B 177 -17.41 -18.30 9.97
C GLU B 177 -16.66 -17.41 8.95
N PHE B 178 -17.04 -17.59 7.70
CA PHE B 178 -16.55 -16.83 6.57
C PHE B 178 -17.69 -16.02 5.97
N VAL B 179 -17.44 -14.72 5.73
CA VAL B 179 -18.44 -13.84 5.15
C VAL B 179 -17.80 -13.02 4.02
N PHE B 180 -18.38 -13.09 2.85
CA PHE B 180 -18.01 -12.28 1.70
C PHE B 180 -19.27 -11.91 0.94
N GLY B 181 -19.57 -10.62 0.85
CA GLY B 181 -20.81 -10.25 0.19
C GLY B 181 -21.96 -10.99 0.82
N ASN B 182 -22.80 -11.57 -0.02
CA ASN B 182 -23.95 -12.36 0.44
C ASN B 182 -23.63 -13.77 0.84
N ARG B 183 -22.38 -14.19 0.73
CA ARG B 183 -21.96 -15.55 1.04
C ARG B 183 -21.55 -15.69 2.48
N VAL B 184 -22.12 -16.68 3.15
CA VAL B 184 -21.72 -17.12 4.50
C VAL B 184 -21.36 -18.57 4.42
N ASP B 185 -20.24 -18.95 5.04
CA ASP B 185 -19.92 -20.34 5.26
C ASP B 185 -19.52 -20.55 6.69
N ARG B 186 -19.94 -21.65 7.28
CA ARG B 186 -19.44 -22.11 8.55
C ARG B 186 -18.80 -23.47 8.31
N TYR B 187 -17.58 -23.68 8.81
CA TYR B 187 -16.82 -24.85 8.44
C TYR B 187 -15.72 -25.11 9.43
N VAL B 188 -15.19 -26.34 9.36
CA VAL B 188 -13.95 -26.68 10.02
C VAL B 188 -13.22 -27.58 9.03
N GLY B 189 -11.94 -27.38 8.69
CA GLY B 189 -11.21 -28.19 7.67
C GLY B 189 -11.55 -27.96 6.22
N SER B 190 -11.11 -28.90 5.33
CA SER B 190 -11.38 -28.81 3.86
C SER B 190 -12.23 -30.02 3.43
N ASP B 191 -12.60 -30.89 4.36
CA ASP B 191 -13.52 -32.03 4.03
C ASP B 191 -14.94 -31.45 4.02
N PRO B 192 -15.62 -31.55 2.87
CA PRO B 192 -16.96 -31.03 2.79
C PRO B 192 -17.94 -31.58 3.77
N LYS B 193 -17.67 -32.74 4.33
CA LYS B 193 -18.61 -33.26 5.32
C LYS B 193 -18.73 -32.34 6.52
N ASP B 194 -17.72 -31.51 6.78
CA ASP B 194 -17.69 -30.63 7.90
C ASP B 194 -17.86 -29.12 7.51
N TRP B 195 -18.38 -28.92 6.34
CA TRP B 195 -18.92 -27.61 5.91
C TRP B 195 -20.43 -27.63 6.09
N GLU B 196 -20.97 -26.51 6.54
CA GLU B 196 -22.42 -26.43 6.69
C GLU B 196 -23.11 -26.58 5.36
N ASP B 197 -22.51 -26.04 4.32
CA ASP B 197 -22.96 -26.20 2.94
C ASP B 197 -21.92 -26.94 2.12
N PRO B 198 -22.08 -28.28 1.97
CA PRO B 198 -21.11 -29.04 1.16
C PRO B 198 -21.07 -28.67 -0.30
N ASP B 199 -22.10 -27.97 -0.78
CA ASP B 199 -22.13 -27.46 -2.13
C ASP B 199 -21.62 -26.02 -2.26
N SER B 200 -20.95 -25.54 -1.23
CA SER B 200 -20.56 -24.13 -1.17
C SER B 200 -19.70 -23.75 -2.38
N PRO B 201 -19.97 -22.58 -2.98
CA PRO B 201 -19.07 -22.09 -4.01
C PRO B 201 -17.66 -21.77 -3.53
N THR B 202 -17.58 -21.48 -2.24
CA THR B 202 -16.30 -21.17 -1.63
C THR B 202 -15.41 -22.40 -1.64
N LEU B 203 -15.95 -23.57 -1.31
CA LEU B 203 -15.19 -24.77 -1.38
C LEU B 203 -14.83 -25.09 -2.82
N LYS B 204 -15.71 -24.82 -3.80
CA LYS B 204 -15.37 -25.06 -5.19
C LYS B 204 -14.25 -24.18 -5.66
N VAL B 205 -14.28 -22.90 -5.33
CA VAL B 205 -13.19 -22.02 -5.78
C VAL B 205 -11.90 -22.36 -5.11
N LEU B 206 -11.94 -22.72 -3.82
CA LEU B 206 -10.73 -23.12 -3.15
C LEU B 206 -10.07 -24.32 -3.85
N GLY B 207 -10.88 -25.27 -4.25
CA GLY B 207 -10.34 -26.41 -4.92
C GLY B 207 -9.77 -26.07 -6.27
N VAL B 208 -10.40 -25.18 -7.04
CA VAL B 208 -9.91 -24.70 -8.32
C VAL B 208 -8.56 -24.02 -8.12
N VAL B 209 -8.44 -23.13 -7.15
CA VAL B 209 -7.25 -22.33 -6.94
C VAL B 209 -6.14 -23.19 -6.43
N ALA B 210 -6.43 -24.16 -5.54
CA ALA B 210 -5.39 -25.23 -5.18
C ALA B 210 -4.93 -26.05 -6.27
N GLY B 211 -5.80 -26.59 -7.09
CA GLY B 211 -5.36 -27.35 -8.26
C GLY B 211 -4.50 -26.54 -9.09
N GLY B 212 -4.85 -25.28 -9.26
CA GLY B 212 -4.13 -24.46 -10.25
C GLY B 212 -2.79 -23.99 -9.76
N LEU B 213 -2.63 -23.74 -8.46
CA LEU B 213 -1.39 -23.22 -7.93
C LEU B 213 -0.50 -24.33 -7.42
N VAL B 214 -1.04 -25.30 -6.69
CA VAL B 214 -0.28 -26.30 -5.98
C VAL B 214 -0.12 -27.61 -6.78
N GLY B 215 -1.22 -28.06 -7.33
CA GLY B 215 -1.25 -29.32 -8.06
C GLY B 215 -1.08 -30.54 -7.16
N ASN B 216 -0.63 -31.61 -7.77
CA ASN B 216 -0.61 -32.90 -7.17
C ASN B 216 0.77 -33.43 -6.86
N PRO B 217 1.00 -34.01 -5.67
CA PRO B 217 2.31 -34.57 -5.39
C PRO B 217 2.62 -35.86 -6.13
N GLN B 218 1.56 -36.52 -6.61
CA GLN B 218 1.75 -37.79 -7.35
C GLN B 218 0.95 -37.68 -8.63
N GLY B 219 1.32 -38.50 -9.61
CA GLY B 219 0.52 -38.63 -10.83
C GLY B 219 0.56 -37.40 -11.70
N GLU B 220 -0.55 -37.15 -12.38
CA GLU B 220 -0.64 -36.13 -13.38
C GLU B 220 -0.30 -34.75 -12.81
N ASN B 221 0.27 -33.95 -13.67
CA ASN B 221 0.50 -32.54 -13.29
C ASN B 221 -0.67 -31.72 -13.78
N VAL B 222 -1.29 -31.01 -12.88
CA VAL B 222 -2.49 -30.23 -13.16
C VAL B 222 -2.32 -28.76 -12.86
N ALA B 223 -1.17 -28.34 -12.27
CA ALA B 223 -1.03 -26.97 -11.91
C ALA B 223 -0.74 -26.10 -13.12
N MET B 224 -1.16 -24.83 -13.06
CA MET B 224 -1.04 -23.86 -14.13
C MET B 224 0.31 -23.28 -14.29
N TYR B 225 1.11 -23.22 -13.22
CA TYR B 225 2.41 -22.58 -13.20
C TYR B 225 3.46 -23.59 -12.74
N PRO B 226 3.91 -24.45 -13.64
CA PRO B 226 4.85 -25.49 -13.25
C PRO B 226 6.23 -24.92 -12.91
N ILE B 227 6.94 -25.75 -12.17
CA ILE B 227 8.36 -25.55 -11.86
C ILE B 227 9.05 -26.80 -12.41
N ALA B 228 10.08 -26.66 -13.26
CA ALA B 228 10.71 -27.82 -13.85
C ALA B 228 9.66 -28.73 -14.53
N ASN B 229 8.72 -28.09 -15.17
CA ASN B 229 7.67 -28.80 -15.91
C ASN B 229 6.75 -29.68 -15.09
N VAL B 230 6.77 -29.57 -13.76
CA VAL B 230 5.97 -30.37 -12.91
C VAL B 230 5.23 -29.50 -11.88
N ASP B 231 4.25 -30.09 -11.18
CA ASP B 231 3.50 -29.32 -10.21
C ASP B 231 4.37 -28.91 -9.06
N PRO B 232 4.09 -27.72 -8.48
CA PRO B 232 4.83 -27.34 -7.24
C PRO B 232 4.81 -28.36 -6.15
N ALA B 233 3.72 -29.06 -5.95
CA ALA B 233 3.67 -30.02 -4.91
C ALA B 233 4.78 -31.05 -5.06
N LYS B 234 5.15 -31.43 -6.27
CA LYS B 234 6.23 -32.37 -6.49
C LYS B 234 7.60 -31.75 -6.12
N ILE B 235 7.80 -30.48 -6.43
CA ILE B 235 9.05 -29.81 -6.08
C ILE B 235 9.18 -29.66 -4.60
N ALA B 236 8.08 -29.35 -3.91
CA ALA B 236 8.07 -29.23 -2.45
C ALA B 236 8.61 -30.50 -1.80
N ALA B 237 8.23 -31.65 -2.34
CA ALA B 237 8.68 -32.92 -1.78
C ALA B 237 10.16 -33.11 -1.94
N ILE B 238 10.71 -32.69 -3.05
CA ILE B 238 12.14 -32.78 -3.29
C ILE B 238 12.87 -31.85 -2.31
N LEU B 239 12.46 -30.63 -2.23
CA LEU B 239 13.05 -29.61 -1.34
C LEU B 239 13.03 -30.06 0.12
N ASN B 240 12.06 -30.87 0.52
CA ASN B 240 11.96 -31.36 1.88
C ASN B 240 12.61 -32.70 2.10
N ALA B 241 13.15 -33.31 1.08
CA ALA B 241 13.67 -34.68 1.19
C ALA B 241 14.97 -34.72 1.95
N ALA B 242 15.16 -35.76 2.78
CA ALA B 242 16.43 -35.92 3.49
C ALA B 242 17.62 -36.06 2.49
N THR B 243 17.35 -36.87 1.46
CA THR B 243 18.33 -37.23 0.42
C THR B 243 17.68 -37.14 -0.97
N PRO B 244 17.63 -35.93 -1.52
CA PRO B 244 17.07 -35.77 -2.85
C PRO B 244 17.93 -36.46 -3.89
N PRO B 245 17.40 -36.61 -5.10
CA PRO B 245 18.25 -37.20 -6.13
C PRO B 245 19.48 -36.35 -6.44
N ALA B 246 20.54 -36.96 -6.93
CA ALA B 246 21.78 -36.31 -7.21
C ALA B 246 21.39 -35.20 -8.25
N ASP B 247 22.01 -34.04 -8.07
CA ASP B 247 21.86 -32.87 -8.97
C ASP B 247 20.49 -32.15 -8.91
N ALA B 248 19.51 -32.73 -8.23
CA ALA B 248 18.19 -32.09 -8.27
C ALA B 248 18.21 -30.73 -7.62
N LEU B 249 18.85 -30.62 -6.47
CA LEU B 249 18.92 -29.31 -5.80
C LEU B 249 19.70 -28.31 -6.59
N GLU B 250 20.82 -28.68 -7.18
CA GLU B 250 21.60 -27.78 -8.02
C GLU B 250 20.76 -27.30 -9.22
N ARG B 251 20.02 -28.20 -9.87
CA ARG B 251 19.21 -27.82 -11.00
C ARG B 251 18.09 -26.89 -10.61
N ILE B 252 17.46 -27.11 -9.47
CA ILE B 252 16.49 -26.14 -8.97
C ILE B 252 17.08 -24.79 -8.73
N GLN B 253 18.21 -24.81 -8.08
CA GLN B 253 18.87 -23.55 -7.66
C GLN B 253 19.30 -22.71 -8.83
N THR B 254 19.91 -23.34 -9.82
CA THR B 254 20.54 -22.62 -10.93
C THR B 254 19.70 -22.50 -12.17
N LYS B 255 18.80 -23.43 -12.39
CA LYS B 255 18.00 -23.48 -13.62
C LYS B 255 16.52 -23.28 -13.35
N TYR B 256 15.89 -24.22 -12.64
CA TYR B 256 14.41 -24.26 -12.67
C TYR B 256 13.76 -23.15 -11.87
N TRP B 257 14.29 -22.82 -10.68
CA TRP B 257 13.72 -21.72 -9.96
C TRP B 257 14.00 -20.37 -10.61
N PRO B 258 15.22 -20.09 -11.10
CA PRO B 258 15.48 -18.89 -11.92
C PRO B 258 14.54 -18.82 -13.11
N GLU B 259 14.23 -19.92 -13.79
CA GLU B 259 13.35 -19.86 -14.93
C GLU B 259 11.93 -19.51 -14.48
N PHE B 260 11.48 -20.03 -13.34
CA PHE B 260 10.18 -19.68 -12.80
C PHE B 260 10.13 -18.17 -12.52
N ILE B 261 11.19 -17.65 -11.88
CA ILE B 261 11.24 -16.21 -11.61
C ILE B 261 11.20 -15.43 -12.91
N ALA B 262 11.98 -15.85 -13.90
CA ALA B 262 12.01 -15.08 -15.18
C ALA B 262 10.61 -15.05 -15.83
N GLN B 263 9.85 -16.13 -15.70
CA GLN B 263 8.54 -16.21 -16.31
C GLN B 263 7.51 -15.42 -15.49
N TYR B 264 7.55 -15.51 -14.18
CA TYR B 264 6.40 -15.14 -13.35
C TYR B 264 6.63 -14.08 -12.35
N ASP B 265 7.83 -13.51 -12.23
CA ASP B 265 8.02 -12.40 -11.31
C ASP B 265 7.29 -11.13 -11.69
N GLY B 266 6.81 -11.05 -12.91
CA GLY B 266 5.97 -9.98 -13.37
C GLY B 266 4.49 -10.23 -13.29
N LEU B 267 4.07 -11.32 -12.64
CA LEU B 267 2.68 -11.70 -12.52
C LEU B 267 2.27 -11.61 -11.05
N THR B 268 1.25 -10.84 -10.71
CA THR B 268 0.74 -10.78 -9.35
C THR B 268 -0.01 -12.04 -8.99
N LEU B 269 -0.12 -12.26 -7.68
CA LEU B 269 -1.03 -13.27 -7.16
C LEU B 269 -2.43 -13.06 -7.62
N GLY B 270 -2.95 -11.82 -7.53
CA GLY B 270 -4.31 -11.59 -7.98
C GLY B 270 -4.51 -11.91 -9.44
N ALA B 271 -3.53 -11.59 -10.28
CA ALA B 271 -3.59 -11.91 -11.69
C ALA B 271 -3.59 -13.40 -11.91
N ALA B 272 -2.78 -14.14 -11.16
CA ALA B 272 -2.72 -15.61 -11.27
C ALA B 272 -4.04 -16.23 -10.87
N VAL B 273 -4.62 -15.78 -9.76
CA VAL B 273 -5.92 -16.28 -9.37
C VAL B 273 -6.95 -16.09 -10.45
N ARG B 274 -6.97 -14.90 -11.06
CA ARG B 274 -7.92 -14.63 -12.13
C ARG B 274 -7.64 -15.52 -13.33
N GLU B 275 -6.40 -15.75 -13.70
CA GLU B 275 -6.11 -16.66 -14.82
C GLU B 275 -6.67 -18.05 -14.56
N ILE B 276 -6.47 -18.54 -13.33
CA ILE B 276 -6.92 -19.88 -12.95
C ILE B 276 -8.42 -19.97 -12.96
N VAL B 277 -9.06 -18.99 -12.37
CA VAL B 277 -10.52 -18.93 -12.33
C VAL B 277 -11.10 -18.86 -13.70
N THR B 278 -10.48 -18.08 -14.59
CA THR B 278 -11.00 -17.90 -15.96
C THR B 278 -11.04 -19.20 -16.69
N VAL B 279 -9.97 -19.96 -16.58
CA VAL B 279 -9.88 -21.27 -17.26
C VAL B 279 -10.96 -22.19 -16.68
N ALA B 280 -11.14 -22.23 -15.37
CA ALA B 280 -12.14 -23.11 -14.72
C ALA B 280 -13.54 -22.70 -15.10
N PHE B 281 -13.78 -21.40 -15.23
CA PHE B 281 -15.12 -20.92 -15.63
C PHE B 281 -15.39 -21.31 -17.05
N GLU B 282 -14.41 -21.17 -17.93
CA GLU B 282 -14.58 -21.58 -19.32
C GLU B 282 -14.77 -23.03 -19.39
N LYS B 283 -14.17 -23.89 -18.61
CA LYS B 283 -14.37 -25.33 -18.64
C LYS B 283 -15.72 -25.77 -18.04
N GLY B 284 -16.38 -24.87 -17.30
CA GLY B 284 -17.62 -25.20 -16.59
C GLY B 284 -17.51 -25.71 -15.21
N THR B 285 -16.32 -25.66 -14.64
CA THR B 285 -16.12 -26.12 -13.30
C THR B 285 -16.76 -25.12 -12.30
N LEU B 286 -16.74 -23.85 -12.68
CA LEU B 286 -17.33 -22.84 -11.89
C LEU B 286 -18.48 -22.27 -12.72
N PRO B 287 -19.70 -22.28 -12.18
CA PRO B 287 -20.85 -21.77 -12.95
C PRO B 287 -21.08 -20.30 -12.83
N PRO B 288 -21.90 -19.75 -13.78
CA PRO B 288 -22.30 -18.39 -13.66
C PRO B 288 -22.90 -18.22 -12.35
N VAL B 289 -22.60 -17.07 -11.75
CA VAL B 289 -23.01 -16.85 -10.41
C VAL B 289 -24.47 -16.60 -10.38
N ASP B 290 -25.03 -15.66 -11.10
CA ASP B 290 -26.39 -15.79 -10.90
C ASP B 290 -26.96 -16.16 -12.19
N GLY B 291 -28.18 -16.72 -12.15
CA GLY B 291 -28.96 -16.47 -13.33
C GLY B 291 -28.65 -15.10 -14.00
N VAL B 292 -28.07 -14.12 -13.31
CA VAL B 292 -27.79 -12.77 -13.97
C VAL B 292 -26.24 -12.32 -14.14
N LEU B 293 -25.24 -12.90 -13.44
CA LEU B 293 -23.85 -12.33 -13.59
C LEU B 293 -23.14 -12.75 -14.92
N ASP B 294 -22.66 -11.78 -15.68
CA ASP B 294 -22.07 -12.09 -16.96
C ASP B 294 -20.67 -12.77 -16.77
N VAL B 295 -19.95 -12.95 -17.84
CA VAL B 295 -18.80 -13.78 -17.73
C VAL B 295 -17.84 -13.10 -16.82
N ASP B 296 -17.47 -11.85 -17.10
CA ASP B 296 -16.40 -11.24 -16.34
C ASP B 296 -16.85 -10.93 -14.92
N GLU B 297 -18.16 -10.65 -14.73
CA GLU B 297 -18.74 -10.50 -13.38
C GLU B 297 -18.66 -11.79 -12.57
N SER B 298 -19.02 -12.95 -13.11
CA SER B 298 -18.90 -14.18 -12.39
C SER B 298 -17.44 -14.48 -12.07
N ILE B 299 -16.57 -14.32 -13.06
CA ILE B 299 -15.17 -14.54 -12.82
C ILE B 299 -14.67 -13.67 -11.70
N SER B 300 -15.01 -12.40 -11.72
CA SER B 300 -14.57 -11.46 -10.69
C SER B 300 -15.14 -11.86 -9.32
N TYR B 301 -16.40 -12.26 -9.25
CA TYR B 301 -16.98 -12.72 -8.02
C TYR B 301 -16.13 -13.85 -7.44
N TYR B 302 -15.79 -14.87 -8.24
CA TYR B 302 -15.02 -15.98 -7.72
C TYR B 302 -13.60 -15.55 -7.30
N VAL B 303 -12.96 -14.68 -8.07
CA VAL B 303 -11.64 -14.18 -7.69
C VAL B 303 -11.71 -13.48 -6.36
N GLU B 304 -12.75 -12.66 -6.15
CA GLU B 304 -12.88 -11.88 -4.92
C GLU B 304 -13.34 -12.76 -3.74
N LEU B 305 -14.16 -13.74 -4.01
CA LEU B 305 -14.57 -14.72 -3.01
C LEU B 305 -13.34 -15.46 -2.49
N PHE B 306 -12.54 -16.01 -3.40
CA PHE B 306 -11.32 -16.66 -2.99
C PHE B 306 -10.40 -15.67 -2.30
N GLY B 307 -10.34 -14.45 -2.78
CA GLY B 307 -9.50 -13.45 -2.17
C GLY B 307 -9.85 -13.24 -0.69
N ARG B 308 -11.10 -13.23 -0.33
CA ARG B 308 -11.43 -13.03 1.08
C ARG B 308 -11.21 -14.31 1.87
N PHE B 309 -11.34 -15.49 1.25
CA PHE B 309 -11.23 -16.77 1.96
C PHE B 309 -9.84 -17.12 2.34
N GLY B 310 -8.93 -17.18 1.36
CA GLY B 310 -7.54 -17.47 1.60
C GLY B 310 -7.09 -18.92 1.50
N PHE B 311 -5.89 -19.12 2.04
CA PHE B 311 -5.09 -20.36 1.94
C PHE B 311 -4.92 -21.04 3.27
N GLY B 312 -5.59 -20.58 4.30
CA GLY B 312 -5.49 -21.14 5.63
C GLY B 312 -5.17 -20.17 6.73
N THR B 313 -4.88 -18.92 6.40
CA THR B 313 -4.59 -17.90 7.39
C THR B 313 -5.39 -16.63 7.14
N GLY B 314 -6.61 -16.74 6.50
CA GLY B 314 -7.44 -15.62 6.19
C GLY B 314 -7.23 -15.06 4.82
N GLY B 315 -8.04 -14.11 4.40
CA GLY B 315 -8.01 -13.68 3.04
C GLY B 315 -6.66 -13.15 2.61
N PHE B 316 -6.24 -13.59 1.42
CA PHE B 316 -5.04 -13.02 0.74
C PHE B 316 -5.39 -11.97 -0.30
N LYS B 317 -6.65 -11.60 -0.43
CA LYS B 317 -7.00 -10.41 -1.25
C LYS B 317 -6.07 -9.26 -0.94
N PRO B 318 -5.86 -8.85 0.33
CA PRO B 318 -4.98 -7.69 0.56
C PRO B 318 -3.58 -7.92 0.03
N LEU B 319 -3.15 -9.18 -0.09
CA LEU B 319 -1.82 -9.56 -0.56
C LEU B 319 -1.80 -9.85 -2.05
N TYR B 320 -2.88 -9.52 -2.79
CA TYR B 320 -2.93 -9.85 -4.17
C TYR B 320 -1.86 -9.19 -5.03
N ASN B 321 -1.23 -8.12 -4.60
CA ASN B 321 -0.20 -7.51 -5.41
C ASN B 321 1.18 -8.16 -5.25
N ILE B 322 1.34 -9.12 -4.35
CA ILE B 322 2.61 -9.81 -4.28
C ILE B 322 2.84 -10.57 -5.59
N SER B 323 4.11 -10.73 -5.91
CA SER B 323 4.46 -11.59 -7.03
C SER B 323 3.99 -12.99 -6.82
N LEU B 324 3.63 -13.67 -7.89
CA LEU B 324 3.39 -15.11 -7.84
C LEU B 324 4.55 -15.84 -7.25
N VAL B 325 5.77 -15.35 -7.53
CA VAL B 325 7.00 -15.98 -6.99
C VAL B 325 6.96 -16.02 -5.45
N GLU B 326 6.55 -14.89 -4.84
CA GLU B 326 6.48 -14.80 -3.40
C GLU B 326 5.41 -15.76 -2.89
N MET B 327 4.24 -15.81 -3.50
CA MET B 327 3.24 -16.79 -3.04
C MET B 327 3.77 -18.22 -3.20
N MET B 328 4.47 -18.50 -4.28
CA MET B 328 4.95 -19.84 -4.53
C MET B 328 5.92 -20.31 -3.47
N ARG B 329 6.75 -19.40 -2.95
CA ARG B 329 7.62 -19.75 -1.81
C ARG B 329 6.79 -20.30 -0.65
N LEU B 330 5.67 -19.65 -0.38
CA LEU B 330 4.81 -20.06 0.72
C LEU B 330 4.10 -21.37 0.45
N ILE B 331 3.71 -21.58 -0.81
CA ILE B 331 3.13 -22.84 -1.24
C ILE B 331 4.11 -23.98 -1.01
N LEU B 332 5.34 -23.82 -1.48
CA LEU B 332 6.36 -24.89 -1.37
C LEU B 332 6.62 -25.25 0.07
N TRP B 333 6.52 -24.27 0.96
CA TRP B 333 6.81 -24.39 2.40
C TRP B 333 5.58 -24.90 3.20
N ASP B 334 4.44 -25.15 2.58
CA ASP B 334 3.23 -25.52 3.31
C ASP B 334 2.97 -24.55 4.46
N TYR B 335 3.07 -23.26 4.17
CA TYR B 335 3.21 -22.23 5.21
C TYR B 335 2.08 -22.23 6.20
N SER B 336 0.88 -22.65 5.83
CA SER B 336 -0.31 -22.44 6.69
C SER B 336 -0.42 -23.42 7.82
N ASN B 337 0.37 -24.49 7.81
CA ASN B 337 0.31 -25.54 8.85
C ASN B 337 1.15 -25.07 10.02
N GLU B 338 0.56 -24.43 11.01
CA GLU B 338 1.28 -23.62 12.00
C GLU B 338 0.97 -24.02 13.43
N TYR B 339 1.92 -23.67 14.33
CA TYR B 339 1.88 -23.97 15.75
C TYR B 339 2.25 -22.75 16.57
N THR B 340 1.96 -22.88 17.85
CA THR B 340 2.39 -21.96 18.87
C THR B 340 3.74 -22.35 19.44
N LEU B 341 4.34 -21.44 20.23
CA LEU B 341 5.56 -21.71 20.94
C LEU B 341 5.23 -22.10 22.37
N PRO B 342 6.20 -22.77 23.08
CA PRO B 342 5.94 -23.24 24.45
C PRO B 342 6.19 -22.16 25.51
N VAL B 343 5.38 -21.09 25.45
CA VAL B 343 5.57 -19.87 26.19
C VAL B 343 4.25 -19.27 26.55
N THR B 344 4.28 -18.39 27.51
CA THR B 344 3.15 -17.46 27.77
C THR B 344 3.24 -16.24 26.84
N GLU B 345 4.42 -15.77 26.50
CA GLU B 345 4.61 -14.64 25.63
C GLU B 345 5.75 -14.97 24.66
N ASN B 346 5.55 -14.69 23.38
CA ASN B 346 6.55 -15.12 22.40
C ASN B 346 7.91 -14.44 22.57
N VAL B 347 7.93 -13.26 23.18
CA VAL B 347 9.19 -12.57 23.50
C VAL B 347 10.11 -13.44 24.34
N GLU B 348 9.54 -14.33 25.14
CA GLU B 348 10.37 -15.26 25.91
C GLU B 348 11.35 -16.05 25.05
N PHE B 349 10.92 -16.41 23.83
CA PHE B 349 11.79 -17.12 22.95
C PHE B 349 13.08 -16.32 22.71
N ILE B 350 12.94 -15.03 22.34
CA ILE B 350 14.10 -14.25 22.02
C ILE B 350 14.93 -13.96 23.26
N ARG B 351 14.26 -13.68 24.38
CA ARG B 351 14.99 -13.51 25.65
C ARG B 351 15.82 -14.76 25.99
N ASN B 352 15.21 -15.93 25.88
CA ASN B 352 15.92 -17.17 26.18
C ASN B 352 17.07 -17.34 25.23
N LEU B 353 16.90 -17.06 23.96
CA LEU B 353 18.00 -17.18 23.01
C LEU B 353 19.19 -16.25 23.36
N PHE B 354 18.87 -15.04 23.79
CA PHE B 354 19.88 -14.10 24.25
C PHE B 354 20.68 -14.66 25.43
N LEU B 355 20.00 -15.22 26.39
CA LEU B 355 20.69 -15.81 27.52
C LEU B 355 21.50 -17.03 27.08
N LYS B 356 20.97 -17.84 26.17
CA LYS B 356 21.69 -19.03 25.70
C LYS B 356 22.93 -18.58 24.92
N ALA B 357 22.85 -17.47 24.17
CA ALA B 357 24.04 -16.98 23.44
C ALA B 357 25.19 -16.77 24.37
N GLN B 358 24.91 -16.15 25.51
CA GLN B 358 25.96 -15.88 26.49
C GLN B 358 26.50 -17.18 27.09
N ASN B 359 25.61 -18.08 27.37
CA ASN B 359 26.02 -19.37 27.94
C ASN B 359 26.90 -20.18 26.97
N VAL B 360 26.49 -20.27 25.70
CA VAL B 360 27.23 -21.07 24.74
C VAL B 360 28.58 -20.44 24.41
N GLY B 361 28.78 -19.15 24.64
CA GLY B 361 30.06 -18.50 24.44
C GLY B 361 31.12 -18.98 25.38
N ALA B 362 30.72 -19.64 26.49
CA ALA B 362 31.69 -20.27 27.36
C ALA B 362 32.71 -19.25 27.94
N GLY B 363 32.22 -18.05 28.24
CA GLY B 363 33.04 -16.98 28.80
C GLY B 363 33.91 -16.22 27.77
N LYS B 364 33.92 -16.62 26.51
CA LYS B 364 34.68 -16.01 25.41
C LYS B 364 33.89 -14.96 24.66
N LEU B 365 32.56 -14.93 24.88
CA LEU B 365 31.72 -13.86 24.33
C LEU B 365 31.34 -12.98 25.48
N VAL B 366 31.55 -11.68 25.33
CA VAL B 366 31.10 -10.63 26.26
C VAL B 366 30.16 -9.72 25.50
N VAL B 367 29.03 -9.43 26.13
CA VAL B 367 27.98 -8.62 25.52
C VAL B 367 27.65 -7.47 26.36
N GLN B 368 27.55 -6.29 25.79
CA GLN B 368 27.07 -5.08 26.43
C GLN B 368 25.94 -4.50 25.63
N VAL B 369 24.88 -4.12 26.27
CA VAL B 369 23.73 -3.51 25.65
C VAL B 369 23.79 -2.03 25.74
N ARG B 370 23.56 -1.36 24.63
CA ARG B 370 23.52 0.09 24.52
C ARG B 370 22.09 0.51 24.19
N GLN B 371 21.49 1.34 25.03
CA GLN B 371 20.19 1.93 24.76
C GLN B 371 20.39 3.18 23.93
N GLU B 372 20.68 2.94 22.68
CA GLU B 372 21.08 4.00 21.74
C GLU B 372 20.49 3.70 20.40
N ARG B 373 20.12 4.72 19.67
CA ARG B 373 19.69 4.64 18.28
C ARG B 373 20.85 4.93 17.34
N VAL B 374 21.19 3.97 16.50
CA VAL B 374 22.21 4.17 15.45
C VAL B 374 21.62 5.08 14.38
N ALA B 375 22.35 6.12 14.04
CA ALA B 375 21.98 7.07 13.01
C ALA B 375 22.77 6.90 11.71
N ASN B 376 24.02 6.40 11.80
CA ASN B 376 24.90 6.30 10.64
C ASN B 376 25.88 5.16 10.84
N ALA B 377 26.24 4.54 9.72
CA ALA B 377 27.35 3.57 9.59
C ALA B 377 28.22 4.06 8.45
N CYS B 378 29.53 3.79 8.57
CA CYS B 378 30.45 3.99 7.47
C CYS B 378 31.73 3.22 7.74
N HIS B 379 32.62 3.18 6.72
CA HIS B 379 34.00 2.81 6.98
C HIS B 379 34.79 4.10 7.01
N SER B 380 35.74 4.22 7.95
CA SER B 380 36.57 5.44 7.95
C SER B 380 37.87 5.20 8.62
N GLY B 381 38.79 6.14 8.36
CA GLY B 381 40.07 6.18 9.04
C GLY B 381 41.03 5.10 8.57
N THR B 382 42.09 4.94 9.34
CA THR B 382 43.20 4.05 8.99
C THR B 382 43.53 3.01 10.02
N ALA B 383 42.76 2.97 11.08
CA ALA B 383 43.03 2.07 12.15
C ALA B 383 42.44 0.71 11.84
N SER B 384 42.78 -0.26 12.70
CA SER B 384 42.36 -1.63 12.47
C SER B 384 40.82 -1.77 12.40
N ALA B 385 40.18 -1.27 13.42
CA ALA B 385 38.73 -1.24 13.53
C ALA B 385 38.27 -0.04 12.73
N ARG B 386 37.73 -0.26 11.56
CA ARG B 386 37.32 0.85 10.65
C ARG B 386 35.83 0.92 10.42
N ALA B 387 35.07 -0.01 11.00
CA ALA B 387 33.62 0.02 10.80
C ALA B 387 33.00 0.92 11.90
N GLN B 388 32.50 2.07 11.51
CA GLN B 388 32.05 3.13 12.43
C GLN B 388 30.56 3.09 12.56
N LEU B 389 30.10 3.31 13.80
CA LEU B 389 28.70 3.55 14.12
C LEU B 389 28.56 4.82 14.92
N LEU B 390 27.66 5.68 14.46
CA LEU B 390 27.27 6.93 15.12
C LEU B 390 25.89 6.74 15.72
N SER B 391 25.72 6.99 17.01
CA SER B 391 24.47 6.75 17.69
C SER B 391 24.13 7.88 18.60
N TYR B 392 22.89 7.86 19.10
CA TYR B 392 22.38 8.81 20.06
C TYR B 392 21.77 8.07 21.21
N ASP B 393 22.07 8.49 22.46
CA ASP B 393 21.50 7.92 23.66
C ASP B 393 20.21 8.59 24.02
N SER B 394 19.66 8.21 25.18
CA SER B 394 18.28 8.69 25.57
C SER B 394 18.29 10.16 25.94
N HIS B 395 19.47 10.75 26.13
CA HIS B 395 19.58 12.19 26.28
C HIS B 395 19.91 12.92 25.01
N ASN B 396 19.89 12.22 23.90
CA ASN B 396 20.21 12.72 22.58
C ASN B 396 21.66 13.13 22.47
N ALA B 397 22.53 12.58 23.30
CA ALA B 397 23.99 12.81 23.19
C ALA B 397 24.55 11.84 22.15
N VAL B 398 25.50 12.34 21.35
CA VAL B 398 26.15 11.56 20.29
C VAL B 398 27.20 10.67 20.81
N HIS B 399 27.38 9.52 20.22
CA HIS B 399 28.42 8.56 20.45
C HIS B 399 28.95 8.04 19.16
N SER B 400 30.26 7.84 19.07
CA SER B 400 30.92 7.19 17.95
C SER B 400 31.71 6.03 18.43
N GLU B 401 31.65 4.92 17.76
CA GLU B 401 32.41 3.76 18.11
C GLU B 401 32.85 3.02 16.89
N ALA B 402 34.08 2.48 16.91
CA ALA B 402 34.64 1.74 15.81
C ALA B 402 34.70 0.27 16.15
N TYR B 403 34.50 -0.58 15.14
CA TYR B 403 34.40 -2.04 15.26
C TYR B 403 35.21 -2.70 14.17
N ASP B 404 35.55 -3.96 14.44
CA ASP B 404 36.08 -4.87 13.44
C ASP B 404 35.03 -5.26 12.38
N PHE B 405 33.84 -5.59 12.87
CA PHE B 405 32.73 -6.03 12.03
C PHE B 405 31.43 -5.53 12.63
N VAL B 406 30.44 -5.32 11.78
CA VAL B 406 29.11 -4.86 12.27
C VAL B 406 28.07 -5.71 11.53
N ILE B 407 27.09 -6.16 12.31
CA ILE B 407 25.88 -6.78 11.77
C ILE B 407 24.70 -5.79 11.99
N LEU B 408 24.14 -5.35 10.86
CA LEU B 408 23.04 -4.41 10.85
C LEU B 408 21.74 -5.22 10.83
N ALA B 409 21.17 -5.41 12.01
CA ALA B 409 20.04 -6.33 12.21
C ALA B 409 18.73 -5.56 12.43
N VAL B 410 18.42 -4.70 11.45
CA VAL B 410 17.22 -3.89 11.45
C VAL B 410 16.55 -4.00 10.10
N PRO B 411 15.22 -3.90 10.01
CA PRO B 411 14.56 -3.99 8.73
C PRO B 411 14.77 -2.75 7.86
N HIS B 412 14.31 -2.86 6.62
CA HIS B 412 14.89 -1.99 5.57
C HIS B 412 14.61 -0.54 5.75
N ASP B 413 13.45 -0.12 6.18
CA ASP B 413 13.19 1.30 6.35
C ASP B 413 13.97 1.86 7.51
N GLN B 414 14.25 1.06 8.53
CA GLN B 414 15.13 1.49 9.62
C GLN B 414 16.59 1.47 9.21
N LEU B 415 16.98 0.69 8.25
CA LEU B 415 18.34 0.64 7.78
C LEU B 415 18.70 1.80 6.88
N THR B 416 17.75 2.21 6.02
CA THR B 416 17.95 3.26 5.05
C THR B 416 18.72 4.48 5.63
N PRO B 417 18.29 5.10 6.72
CA PRO B 417 19.02 6.33 7.14
C PRO B 417 20.42 6.05 7.55
N ILE B 418 20.72 4.84 7.96
CA ILE B 418 22.02 4.43 8.46
C ILE B 418 23.04 4.22 7.37
N VAL B 419 22.55 3.82 6.17
CA VAL B 419 23.44 3.37 5.09
C VAL B 419 23.38 4.20 3.83
N SER B 420 22.43 5.17 3.72
CA SER B 420 22.17 5.83 2.44
C SER B 420 22.57 7.27 2.38
N ARG B 421 23.11 7.87 3.45
CA ARG B 421 23.30 9.30 3.53
C ARG B 421 24.81 9.70 3.42
N SER B 422 25.67 8.74 3.15
CA SER B 422 27.13 8.90 3.04
C SER B 422 27.58 8.81 1.58
N GLY B 423 26.70 8.88 0.61
CA GLY B 423 27.12 8.70 -0.76
C GLY B 423 27.62 7.33 -1.11
N PHE B 424 28.33 7.24 -2.22
CA PHE B 424 28.55 5.96 -2.88
C PHE B 424 29.99 5.72 -3.30
N GLU B 425 30.92 6.49 -2.74
CA GLU B 425 32.33 6.40 -3.07
C GLU B 425 33.12 7.05 -1.95
N HIS B 426 34.44 7.12 -2.07
CA HIS B 426 35.30 7.77 -1.05
C HIS B 426 34.92 9.19 -0.93
N ALA B 427 34.99 9.68 0.31
CA ALA B 427 34.87 11.10 0.61
C ALA B 427 36.01 11.46 1.56
N ALA B 428 36.65 12.63 1.34
CA ALA B 428 37.73 13.04 2.26
C ALA B 428 37.26 13.17 3.67
N SER B 429 36.09 13.75 3.87
CA SER B 429 35.51 13.90 5.20
C SER B 429 34.01 14.03 5.09
N GLN B 430 33.33 13.61 6.11
CA GLN B 430 31.90 13.76 6.25
C GLN B 430 31.56 14.07 7.68
N ASN B 431 30.63 14.99 7.88
CA ASN B 431 30.08 15.30 9.19
C ASN B 431 28.76 14.56 9.33
N LEU B 432 28.81 13.37 9.86
CA LEU B 432 27.62 12.51 9.86
C LEU B 432 26.84 12.66 11.15
N GLY B 433 25.56 12.33 11.02
CA GLY B 433 24.61 12.34 12.09
C GLY B 433 23.29 12.96 11.70
N ASP B 434 22.45 13.20 12.69
CA ASP B 434 21.12 13.65 12.43
C ASP B 434 21.04 15.19 12.51
N ALA B 435 21.77 15.81 11.58
CA ALA B 435 21.89 17.26 11.60
C ALA B 435 20.51 17.91 11.37
N GLY B 436 19.62 17.32 10.58
CA GLY B 436 18.31 17.96 10.40
C GLY B 436 17.49 18.00 11.66
N LEU B 437 17.74 17.09 12.58
CA LEU B 437 17.09 17.07 13.88
C LEU B 437 17.73 18.04 14.88
N GLY B 438 18.79 18.72 14.51
CA GLY B 438 19.52 19.57 15.43
C GLY B 438 20.44 18.81 16.31
N LEU B 439 20.75 17.54 16.03
CA LEU B 439 21.63 16.75 16.86
C LEU B 439 23.06 16.91 16.38
N GLU B 440 23.97 16.62 17.29
CA GLU B 440 25.40 16.80 17.03
C GLU B 440 25.91 15.79 16.04
N THR B 441 26.77 16.26 15.17
CA THR B 441 27.41 15.43 14.16
C THR B 441 28.80 15.03 14.60
N HIS B 442 29.41 14.11 13.90
CA HIS B 442 30.75 13.65 14.11
C HIS B 442 31.48 13.61 12.81
N THR B 443 32.69 14.17 12.75
CA THR B 443 33.50 14.15 11.58
C THR B 443 34.27 12.85 11.41
N TYR B 444 34.07 12.19 10.29
CA TYR B 444 34.82 11.05 9.86
C TYR B 444 35.68 11.42 8.67
N ASN B 445 36.87 10.88 8.59
CA ASN B 445 37.82 11.16 7.54
C ASN B 445 38.13 9.90 6.77
N GLN B 446 38.36 10.06 5.45
CA GLN B 446 38.64 8.93 4.56
C GLN B 446 37.49 7.94 4.60
N VAL B 447 36.35 8.41 4.19
CA VAL B 447 35.08 7.72 4.44
C VAL B 447 34.67 6.93 3.21
N TYR B 448 34.19 5.73 3.44
CA TYR B 448 33.57 4.91 2.41
C TYR B 448 32.20 4.47 2.93
N PRO B 449 31.25 4.23 2.00
CA PRO B 449 29.93 3.77 2.44
C PRO B 449 30.04 2.46 3.21
N PRO B 450 29.07 2.19 4.07
CA PRO B 450 29.08 0.96 4.84
C PRO B 450 28.82 -0.31 4.01
N LEU B 451 27.86 -0.22 3.09
CA LEU B 451 27.49 -1.41 2.28
C LEU B 451 28.34 -1.37 1.00
N LEU B 452 29.61 -1.70 1.22
CA LEU B 452 30.66 -1.43 0.26
C LEU B 452 30.85 -2.62 -0.71
N LEU B 453 30.15 -2.57 -1.85
CA LEU B 453 30.29 -3.60 -2.85
C LEU B 453 31.37 -3.36 -3.86
N SER B 454 31.90 -2.16 -3.95
CA SER B 454 32.92 -1.86 -4.88
C SER B 454 33.76 -0.74 -4.41
N ASP B 455 35.06 -0.98 -4.73
CA ASP B 455 36.08 -0.04 -4.67
C ASP B 455 36.04 0.89 -5.89
N SER B 456 35.37 0.56 -7.00
CA SER B 456 35.47 1.31 -8.23
C SER B 456 34.20 1.79 -8.89
N SER B 457 33.11 1.36 -8.38
CA SER B 457 31.80 1.59 -9.05
C SER B 457 30.80 2.18 -8.06
N PRO B 458 30.57 3.49 -8.16
CA PRO B 458 29.46 4.01 -7.35
C PRO B 458 28.14 3.32 -7.65
N ALA B 459 27.87 2.94 -8.88
CA ALA B 459 26.61 2.29 -9.18
C ALA B 459 26.45 0.99 -8.41
N ALA B 460 27.50 0.20 -8.24
CA ALA B 460 27.39 -1.02 -7.46
C ALA B 460 27.01 -0.72 -6.04
N ASN B 461 27.64 0.30 -5.44
CA ASN B 461 27.31 0.71 -4.11
C ASN B 461 25.91 1.29 -4.01
N ALA B 462 25.49 2.00 -5.05
CA ALA B 462 24.15 2.52 -5.11
C ALA B 462 23.12 1.41 -5.28
N ARG B 463 23.44 0.32 -5.98
CA ARG B 463 22.43 -0.72 -6.18
C ARG B 463 21.98 -1.32 -4.86
N ILE B 464 22.92 -1.63 -3.96
CA ILE B 464 22.51 -2.23 -2.68
C ILE B 464 21.67 -1.25 -1.86
N VAL B 465 22.11 0.02 -1.77
CA VAL B 465 21.39 1.02 -0.98
C VAL B 465 19.99 1.27 -1.55
N THR B 466 19.93 1.52 -2.84
CA THR B 466 18.65 1.83 -3.49
C THR B 466 17.70 0.62 -3.41
N ALA B 467 18.23 -0.62 -3.52
CA ALA B 467 17.42 -1.83 -3.37
C ALA B 467 16.78 -1.86 -1.99
N ILE B 468 17.60 -1.69 -0.95
CA ILE B 468 17.11 -1.74 0.43
C ILE B 468 16.02 -0.73 0.61
N GLY B 469 16.22 0.49 0.09
CA GLY B 469 15.28 1.58 0.32
C GLY B 469 13.96 1.45 -0.42
N GLN B 470 13.89 0.56 -1.38
CA GLN B 470 12.68 0.35 -2.17
C GLN B 470 12.06 -1.01 -1.95
N LEU B 471 12.49 -1.75 -0.93
CA LEU B 471 11.77 -2.96 -0.58
C LEU B 471 10.39 -2.57 -0.07
N HIS B 472 9.42 -3.45 -0.19
CA HIS B 472 8.07 -3.18 0.23
C HIS B 472 7.79 -3.71 1.62
N MET B 473 7.55 -2.81 2.57
CA MET B 473 7.12 -3.18 3.92
C MET B 473 5.58 -3.26 3.91
N ALA B 474 5.03 -4.43 4.05
CA ALA B 474 3.57 -4.60 4.12
C ALA B 474 3.04 -3.88 5.35
N ARG B 475 1.93 -3.20 5.17
CA ARG B 475 1.23 -2.55 6.28
C ARG B 475 0.44 -3.59 7.08
N SER B 476 0.37 -3.38 8.40
CA SER B 476 -0.40 -4.28 9.24
C SER B 476 -0.78 -3.66 10.53
N SER B 477 -1.93 -4.07 11.07
CA SER B 477 -2.41 -3.59 12.34
C SER B 477 -3.18 -4.71 13.06
N LYS B 478 -3.17 -4.63 14.40
CA LYS B 478 -3.98 -5.55 15.22
C LYS B 478 -4.78 -4.79 16.24
N VAL B 479 -6.09 -5.07 16.25
CA VAL B 479 -7.01 -4.59 17.26
C VAL B 479 -7.36 -5.73 18.21
N PHE B 480 -7.14 -5.50 19.51
CA PHE B 480 -7.39 -6.48 20.55
C PHE B 480 -8.31 -5.96 21.62
N ALA B 481 -8.99 -6.91 22.30
CA ALA B 481 -9.74 -6.63 23.49
C ALA B 481 -9.69 -7.91 24.33
N THR B 482 -10.15 -7.81 25.57
CA THR B 482 -10.20 -8.93 26.48
C THR B 482 -11.66 -9.34 26.68
N VAL B 483 -11.95 -10.63 26.54
CA VAL B 483 -13.31 -11.14 26.70
C VAL B 483 -13.28 -12.36 27.58
N LYS B 484 -14.34 -12.58 28.37
CA LYS B 484 -14.46 -13.82 29.08
C LYS B 484 -14.63 -14.96 28.10
N THR B 485 -13.86 -16.04 28.27
CA THR B 485 -13.96 -17.20 27.38
C THR B 485 -15.39 -17.76 27.38
N ALA B 486 -16.08 -17.68 28.53
CA ALA B 486 -17.46 -18.16 28.65
C ALA B 486 -18.41 -17.43 27.79
N ALA B 487 -18.03 -16.26 27.23
CA ALA B 487 -18.91 -15.58 26.25
C ALA B 487 -19.18 -16.48 25.07
N LEU B 488 -18.21 -17.33 24.69
CA LEU B 488 -18.38 -18.18 23.56
C LEU B 488 -19.49 -19.24 23.77
N ASP B 489 -19.86 -19.49 25.00
CA ASP B 489 -20.88 -20.50 25.35
C ASP B 489 -22.27 -19.93 25.33
N GLN B 490 -22.44 -18.64 25.04
CA GLN B 490 -23.75 -18.06 24.98
C GLN B 490 -24.55 -18.53 23.77
N PRO B 491 -25.86 -18.61 23.88
CA PRO B 491 -26.67 -19.16 22.77
C PRO B 491 -26.58 -18.37 21.46
N TRP B 492 -26.21 -17.12 21.56
CA TRP B 492 -26.04 -16.26 20.47
C TRP B 492 -24.73 -16.46 19.69
N VAL B 493 -23.78 -17.21 20.22
CA VAL B 493 -22.56 -17.58 19.51
C VAL B 493 -22.84 -18.94 18.84
N PRO B 494 -22.68 -19.03 17.52
CA PRO B 494 -22.90 -20.30 16.87
C PRO B 494 -21.93 -21.36 17.25
N GLN B 495 -22.41 -22.57 17.28
CA GLN B 495 -21.63 -23.75 17.50
C GLN B 495 -21.56 -24.48 16.19
N TRP B 496 -20.43 -25.14 15.91
CA TRP B 496 -20.29 -25.97 14.73
C TRP B 496 -19.42 -27.14 15.05
N ARG B 497 -19.86 -28.36 14.79
CA ARG B 497 -19.11 -29.56 15.09
C ARG B 497 -18.61 -29.57 16.51
N GLY B 498 -19.50 -29.21 17.43
CA GLY B 498 -19.27 -29.41 18.86
C GLY B 498 -18.52 -28.32 19.60
N GLU B 499 -18.19 -27.22 18.91
CA GLU B 499 -17.40 -26.14 19.54
C GLU B 499 -17.90 -24.81 19.03
N PRO B 500 -17.75 -23.73 19.80
CA PRO B 500 -18.09 -22.41 19.32
C PRO B 500 -17.18 -21.97 18.19
N ILE B 501 -17.72 -21.10 17.36
CA ILE B 501 -16.89 -20.40 16.33
C ILE B 501 -15.90 -19.54 17.05
N LYS B 502 -14.61 -19.68 16.67
CA LYS B 502 -13.51 -18.97 17.26
C LYS B 502 -12.61 -18.24 16.29
N ALA B 503 -12.95 -18.30 14.99
CA ALA B 503 -12.26 -17.58 13.94
C ALA B 503 -13.32 -17.05 12.99
N VAL B 504 -13.19 -15.78 12.58
CA VAL B 504 -14.13 -15.12 11.69
C VAL B 504 -13.31 -14.42 10.60
N VAL B 505 -13.54 -14.76 9.35
CA VAL B 505 -12.88 -14.15 8.19
C VAL B 505 -13.96 -13.44 7.42
N SER B 506 -13.84 -12.12 7.25
CA SER B 506 -14.99 -11.34 6.76
C SER B 506 -14.53 -10.16 5.94
N ASP B 507 -15.45 -9.69 5.10
CA ASP B 507 -15.28 -8.47 4.34
C ASP B 507 -15.89 -7.26 5.03
N SER B 508 -16.10 -7.30 6.31
CA SER B 508 -16.66 -6.22 7.11
C SER B 508 -15.76 -5.03 7.31
N GLY B 509 -14.45 -5.22 6.97
CA GLY B 509 -13.41 -4.32 7.34
C GLY B 509 -12.49 -4.88 8.37
N LEU B 510 -12.94 -5.84 9.17
CA LEU B 510 -12.13 -6.43 10.22
C LEU B 510 -11.10 -7.43 9.67
N ALA B 511 -11.42 -8.01 8.54
CA ALA B 511 -10.61 -8.96 7.80
C ALA B 511 -10.48 -10.33 8.43
N ALA B 512 -9.85 -10.43 9.59
CA ALA B 512 -9.59 -11.70 10.24
C ALA B 512 -9.65 -11.47 11.73
N SER B 513 -10.39 -12.31 12.43
CA SER B 513 -10.68 -12.16 13.84
C SER B 513 -10.52 -13.54 14.49
N TYR B 514 -9.96 -13.52 15.72
CA TYR B 514 -9.62 -14.71 16.43
C TYR B 514 -9.97 -14.58 17.88
N VAL B 515 -10.55 -15.61 18.52
CA VAL B 515 -10.82 -15.54 19.95
C VAL B 515 -9.90 -16.54 20.63
N VAL B 516 -8.71 -16.06 21.02
CA VAL B 516 -7.60 -16.91 21.41
C VAL B 516 -7.61 -17.12 22.91
N PRO B 517 -7.60 -18.39 23.37
CA PRO B 517 -7.62 -18.58 24.82
C PRO B 517 -6.37 -17.95 25.45
N SER B 518 -6.53 -17.37 26.64
CA SER B 518 -5.36 -16.77 27.30
C SER B 518 -4.33 -17.85 27.52
N PRO B 519 -3.06 -17.52 27.31
CA PRO B 519 -1.98 -18.48 27.61
C PRO B 519 -1.57 -18.48 29.08
N ILE B 520 -2.17 -17.62 29.89
CA ILE B 520 -1.84 -17.52 31.32
C ILE B 520 -2.89 -18.43 32.00
N VAL B 521 -2.50 -19.65 32.11
CA VAL B 521 -3.41 -20.70 32.61
C VAL B 521 -2.58 -21.97 32.87
N ALA B 526 -9.40 -24.47 31.68
CA ALA B 526 -9.59 -23.52 30.58
C ALA B 526 -9.48 -22.17 31.17
N PRO B 527 -8.91 -21.24 30.41
CA PRO B 527 -8.68 -19.92 30.97
C PRO B 527 -9.94 -19.10 31.11
N GLU B 528 -10.02 -18.29 32.12
CA GLU B 528 -11.14 -17.39 32.29
C GLU B 528 -11.31 -16.43 31.15
N TYR B 529 -10.18 -15.97 30.63
CA TYR B 529 -10.15 -14.97 29.60
C TYR B 529 -9.58 -15.45 28.31
N SER B 530 -9.97 -14.74 27.25
CA SER B 530 -9.43 -14.87 25.90
C SER B 530 -9.01 -13.51 25.38
N SER B 531 -8.00 -13.55 24.52
CA SER B 531 -7.57 -12.40 23.73
C SER B 531 -8.46 -12.36 22.51
N LEU B 532 -9.30 -11.34 22.41
CA LEU B 532 -10.19 -11.15 21.25
C LEU B 532 -9.35 -10.34 20.25
N LEU B 533 -8.71 -11.02 19.32
CA LEU B 533 -8.04 -10.33 18.19
C LEU B 533 -9.16 -9.97 17.25
N ALA B 534 -9.76 -8.80 17.47
CA ALA B 534 -10.92 -8.36 16.74
C ALA B 534 -10.65 -8.12 15.28
N SER B 535 -9.42 -7.67 14.97
CA SER B 535 -9.06 -7.41 13.61
C SER B 535 -7.55 -7.49 13.38
N TYR B 536 -7.13 -8.38 12.52
CA TYR B 536 -5.75 -8.47 12.10
C TYR B 536 -5.74 -8.20 10.61
N THR B 537 -5.24 -7.04 10.19
CA THR B 537 -5.33 -6.60 8.83
C THR B 537 -3.93 -6.45 8.18
N TRP B 538 -3.90 -6.64 6.89
CA TRP B 538 -2.77 -6.38 6.02
C TRP B 538 -3.13 -5.35 4.93
N GLU B 539 -2.11 -4.58 4.55
CA GLU B 539 -2.14 -3.83 3.31
C GLU B 539 -3.38 -2.94 3.25
N ASP B 540 -4.16 -2.91 2.18
CA ASP B 540 -5.28 -1.99 2.12
C ASP B 540 -6.33 -2.22 3.17
N ASP B 541 -6.45 -3.44 3.67
CA ASP B 541 -7.38 -3.67 4.76
C ASP B 541 -7.00 -2.85 5.97
N SER B 542 -5.70 -2.74 6.22
CA SER B 542 -5.17 -1.91 7.31
C SER B 542 -5.36 -0.41 6.99
N THR B 543 -5.03 0.01 5.77
CA THR B 543 -5.22 1.40 5.40
C THR B 543 -6.61 1.89 5.66
N ARG B 544 -7.60 1.06 5.32
CA ARG B 544 -8.98 1.48 5.47
C ARG B 544 -9.39 1.77 6.90
N LEU B 545 -8.75 1.12 7.86
CA LEU B 545 -9.06 1.31 9.28
C LEU B 545 -8.26 2.48 9.92
N ARG B 546 -7.14 2.87 9.34
CA ARG B 546 -6.13 3.61 10.08
C ARG B 546 -6.64 4.93 10.61
N HIS B 547 -7.54 5.62 9.92
CA HIS B 547 -8.07 6.88 10.37
C HIS B 547 -8.76 6.77 11.70
N ASP B 548 -9.21 5.58 12.07
CA ASP B 548 -9.96 5.35 13.31
C ASP B 548 -9.09 4.95 14.49
N PHE B 549 -7.78 4.85 14.36
CA PHE B 549 -6.98 4.33 15.46
C PHE B 549 -6.81 5.29 16.60
N GLY B 550 -6.85 6.63 16.35
CA GLY B 550 -6.83 7.61 17.43
C GLY B 550 -5.44 8.07 17.87
N LEU B 551 -4.64 7.11 18.26
CA LEU B 551 -3.26 7.34 18.70
C LEU B 551 -2.40 6.34 17.94
N TYR B 552 -1.17 6.76 17.65
CA TYR B 552 -0.32 6.02 16.75
C TYR B 552 1.10 5.98 17.32
N PRO B 553 1.75 4.82 17.35
CA PRO B 553 1.31 3.52 16.80
C PRO B 553 0.42 2.74 17.74
N GLN B 554 0.32 3.15 19.01
CA GLN B 554 -0.45 2.37 19.99
C GLN B 554 -1.53 3.23 20.65
N ASN B 555 -2.73 2.64 20.73
CA ASN B 555 -3.81 3.23 21.54
C ASN B 555 -4.23 2.07 22.45
N PRO B 556 -4.15 2.24 23.76
CA PRO B 556 -3.72 3.43 24.48
C PRO B 556 -2.21 3.61 24.43
N ALA B 557 -1.75 4.83 24.60
CA ALA B 557 -0.35 5.15 24.68
C ALA B 557 0.17 4.97 26.07
N THR B 558 -0.69 4.77 27.03
CA THR B 558 -0.38 4.64 28.44
C THR B 558 -0.81 3.24 28.92
N GLU B 559 -0.35 2.85 30.06
CA GLU B 559 -0.70 1.54 30.61
C GLU B 559 -2.14 1.47 31.13
N THR B 560 -2.66 2.62 31.59
CA THR B 560 -3.93 2.69 32.27
C THR B 560 -5.14 3.05 31.47
N GLY B 561 -4.90 3.42 30.21
CA GLY B 561 -5.98 3.78 29.31
C GLY B 561 -6.58 2.60 28.62
N THR B 562 -7.61 2.92 27.85
CA THR B 562 -8.31 1.92 27.01
C THR B 562 -8.69 2.60 25.74
N ALA B 563 -8.51 1.90 24.61
CA ALA B 563 -8.82 2.42 23.27
C ALA B 563 -10.31 2.21 22.94
N ASP B 564 -11.18 2.72 23.84
CA ASP B 564 -12.61 2.46 23.75
C ASP B 564 -13.21 3.10 22.49
N GLY B 565 -12.91 4.38 22.25
CA GLY B 565 -13.46 5.02 21.07
C GLY B 565 -13.06 4.30 19.79
N MET B 566 -11.81 3.95 19.68
CA MET B 566 -11.32 3.21 18.53
C MET B 566 -12.08 1.87 18.40
N TYR B 567 -12.17 1.14 19.51
CA TYR B 567 -12.75 -0.19 19.44
C TYR B 567 -14.19 -0.10 19.05
N ARG B 568 -14.92 0.92 19.54
CA ARG B 568 -16.33 1.07 19.13
C ARG B 568 -16.48 1.23 17.63
N THR B 569 -15.51 1.83 16.94
CA THR B 569 -15.60 1.96 15.48
C THR B 569 -15.43 0.58 14.83
N MET B 570 -14.76 -0.36 15.46
CA MET B 570 -14.62 -1.71 14.96
C MET B 570 -15.92 -2.52 15.21
N VAL B 571 -16.45 -2.42 16.43
CA VAL B 571 -17.76 -2.98 16.74
C VAL B 571 -18.75 -2.47 15.72
N ASN B 572 -18.72 -1.18 15.40
CA ASN B 572 -19.66 -0.62 14.47
C ASN B 572 -19.56 -1.13 13.06
N ARG B 573 -18.34 -1.49 12.64
CA ARG B 573 -18.15 -2.17 11.33
C ARG B 573 -18.80 -3.51 11.31
N ALA B 574 -18.93 -4.17 12.47
CA ALA B 574 -19.63 -5.44 12.60
C ALA B 574 -21.14 -5.30 12.70
N TYR B 575 -21.64 -4.06 12.77
CA TYR B 575 -23.12 -3.87 12.89
C TYR B 575 -23.68 -3.91 11.50
N ARG B 576 -23.82 -5.14 10.99
CA ARG B 576 -24.26 -5.44 9.64
C ARG B 576 -25.40 -6.44 9.70
N TYR B 577 -26.41 -6.26 8.90
CA TYR B 577 -27.48 -7.27 8.83
C TYR B 577 -27.00 -8.39 7.98
N VAL B 578 -26.95 -9.61 8.52
CA VAL B 578 -26.50 -10.80 7.83
C VAL B 578 -27.58 -11.81 7.70
N LYS B 579 -27.82 -12.18 6.44
CA LYS B 579 -28.78 -13.18 6.14
C LYS B 579 -28.10 -14.55 6.21
N TYR B 580 -28.71 -15.39 6.99
CA TYR B 580 -28.24 -16.80 7.14
C TYR B 580 -29.29 -17.71 6.53
N ALA B 581 -28.90 -18.90 6.09
CA ALA B 581 -29.86 -19.89 5.60
C ALA B 581 -30.86 -20.30 6.70
N GLY B 582 -30.43 -20.27 7.96
CA GLY B 582 -31.27 -20.78 9.03
C GLY B 582 -32.29 -19.90 9.59
N ALA B 583 -32.46 -18.68 9.06
CA ALA B 583 -33.51 -17.80 9.65
C ALA B 583 -33.95 -16.88 8.54
N SER B 584 -35.24 -16.65 8.44
CA SER B 584 -35.79 -15.74 7.44
C SER B 584 -35.52 -14.28 7.76
N ASN B 585 -35.50 -13.94 9.03
CA ASN B 585 -35.31 -12.54 9.32
C ASN B 585 -33.95 -12.26 9.73
N ALA B 586 -33.25 -11.60 8.85
CA ALA B 586 -31.86 -11.20 9.14
C ALA B 586 -31.81 -10.28 10.29
N GLN B 587 -30.74 -10.42 11.06
CA GLN B 587 -30.51 -9.67 12.25
C GLN B 587 -29.14 -9.18 12.18
N PRO B 588 -28.85 -8.24 13.09
CA PRO B 588 -27.47 -7.84 13.21
C PRO B 588 -26.58 -9.06 13.42
N TRP B 589 -25.45 -9.03 12.75
CA TRP B 589 -24.44 -10.09 12.84
C TRP B 589 -24.19 -10.45 14.32
N TRP B 590 -24.17 -11.75 14.61
CA TRP B 590 -23.88 -12.21 15.97
C TRP B 590 -22.50 -11.71 16.39
N PHE B 591 -21.58 -11.59 15.43
CA PHE B 591 -20.24 -11.20 15.80
C PHE B 591 -20.19 -9.80 16.41
N TYR B 592 -21.13 -8.91 16.04
CA TYR B 592 -21.28 -7.60 16.67
C TYR B 592 -21.45 -7.78 18.19
N GLN B 593 -22.35 -8.69 18.57
CA GLN B 593 -22.61 -8.98 19.98
C GLN B 593 -21.38 -9.49 20.68
N LEU B 594 -20.64 -10.38 20.01
CA LEU B 594 -19.44 -10.92 20.62
C LEU B 594 -18.39 -9.82 20.84
N LEU B 595 -18.15 -9.01 19.81
CA LEU B 595 -17.19 -7.91 19.99
C LEU B 595 -17.62 -6.99 21.10
N ALA B 596 -18.90 -6.68 21.20
CA ALA B 596 -19.37 -5.78 22.24
C ALA B 596 -19.35 -6.40 23.63
N GLU B 597 -19.16 -7.74 23.74
CA GLU B 597 -19.02 -8.45 25.01
C GLU B 597 -17.66 -8.27 25.63
N ALA B 598 -16.67 -7.82 24.88
CA ALA B 598 -15.38 -7.55 25.44
C ALA B 598 -15.52 -6.49 26.51
N ARG B 599 -14.69 -6.60 27.53
CA ARG B 599 -14.76 -5.59 28.59
C ARG B 599 -14.31 -4.23 28.12
N THR B 600 -14.68 -3.20 28.85
CA THR B 600 -14.38 -1.84 28.54
C THR B 600 -12.88 -1.59 28.66
N ALA B 601 -12.27 -2.03 29.76
CA ALA B 601 -10.87 -1.85 29.96
C ALA B 601 -10.09 -2.69 28.96
N ASP B 602 -8.89 -2.21 28.60
CA ASP B 602 -7.88 -2.97 27.90
C ASP B 602 -8.17 -3.17 26.39
N ARG B 603 -9.00 -2.32 25.84
CA ARG B 603 -9.21 -2.27 24.39
C ARG B 603 -7.96 -1.60 23.79
N PHE B 604 -7.52 -2.09 22.63
CA PHE B 604 -6.16 -1.82 22.15
C PHE B 604 -6.05 -1.90 20.66
N VAL B 605 -5.18 -1.06 20.09
CA VAL B 605 -4.72 -1.25 18.71
C VAL B 605 -3.24 -0.96 18.70
N PHE B 606 -2.52 -1.75 17.90
CA PHE B 606 -1.15 -1.41 17.49
C PHE B 606 -1.10 -1.39 15.98
N ASP B 607 -0.54 -0.30 15.46
CA ASP B 607 -0.38 -0.12 14.05
C ASP B 607 1.10 -0.20 13.67
N TRP B 608 1.51 -1.31 13.09
CA TRP B 608 2.91 -1.45 12.70
C TRP B 608 3.30 -0.43 11.67
N THR B 609 2.34 0.10 10.89
CA THR B 609 2.61 1.01 9.87
C THR B 609 3.16 2.32 10.41
N THR B 610 2.68 2.75 11.60
CA THR B 610 3.13 3.96 12.21
C THR B 610 4.16 3.77 13.31
N ASN B 611 4.58 2.53 13.53
CA ASN B 611 5.76 2.19 14.24
C ASN B 611 6.98 2.61 13.38
N LYS B 612 8.17 2.69 13.99
CA LYS B 612 9.36 3.10 13.23
C LYS B 612 9.80 2.11 12.20
N THR B 613 9.26 0.88 12.22
CA THR B 613 9.44 -0.06 11.14
C THR B 613 8.77 0.33 9.85
N ALA B 614 7.82 1.24 9.88
CA ALA B 614 7.08 1.67 8.69
C ALA B 614 6.34 0.47 8.07
N GLY B 615 5.78 -0.35 8.92
CA GLY B 615 5.00 -1.48 8.53
C GLY B 615 5.38 -2.73 9.27
N GLY B 616 4.73 -3.84 8.90
CA GLY B 616 4.91 -5.08 9.59
C GLY B 616 6.04 -5.96 9.13
N PHE B 617 6.27 -6.10 7.83
CA PHE B 617 7.21 -7.08 7.32
C PHE B 617 7.29 -6.98 5.83
N LYS B 618 8.40 -7.38 5.22
CA LYS B 618 8.56 -7.34 3.80
C LYS B 618 7.69 -8.38 3.07
N LEU B 619 7.02 -7.92 2.02
CA LEU B 619 6.41 -8.81 1.01
C LEU B 619 6.73 -8.25 -0.36
N ASP B 620 7.23 -9.10 -1.23
CA ASP B 620 7.73 -8.63 -2.53
C ASP B 620 6.60 -8.47 -3.55
N MET B 621 6.58 -7.28 -4.16
CA MET B 621 5.80 -6.94 -5.34
C MET B 621 6.38 -7.55 -6.58
N THR B 622 5.68 -7.46 -7.70
CA THR B 622 6.27 -7.86 -8.97
C THR B 622 7.52 -7.01 -9.16
N GLY B 623 8.56 -7.66 -9.66
CA GLY B 623 9.85 -7.06 -9.88
C GLY B 623 10.75 -6.98 -8.66
N ASP B 624 10.22 -7.15 -7.48
CA ASP B 624 11.04 -6.94 -6.29
C ASP B 624 12.03 -8.00 -6.04
N HIS B 625 11.91 -9.18 -6.61
CA HIS B 625 12.91 -10.25 -6.47
C HIS B 625 14.33 -9.72 -6.63
N HIS B 626 14.53 -8.90 -7.65
CA HIS B 626 15.84 -8.43 -7.93
C HIS B 626 16.41 -7.58 -6.84
N GLN B 627 15.56 -6.87 -6.11
CA GLN B 627 16.00 -6.12 -4.95
C GLN B 627 16.17 -6.96 -3.74
N SER B 628 15.17 -7.78 -3.39
CA SER B 628 15.29 -8.59 -2.21
C SER B 628 16.41 -9.63 -2.33
N ASN B 629 16.55 -10.23 -3.53
CA ASN B 629 17.54 -11.24 -3.69
C ASN B 629 18.95 -10.65 -3.65
N LEU B 630 19.16 -9.44 -4.08
CA LEU B 630 20.43 -8.78 -3.90
C LEU B 630 20.76 -8.68 -2.44
N CYS B 631 19.79 -8.29 -1.62
CA CYS B 631 19.99 -8.25 -0.18
C CYS B 631 20.28 -9.62 0.38
N PHE B 632 19.51 -10.61 -0.04
CA PHE B 632 19.71 -11.98 0.45
C PHE B 632 21.12 -12.47 0.17
N ARG B 633 21.68 -12.10 -0.97
CA ARG B 633 22.99 -12.54 -1.42
C ARG B 633 24.16 -11.62 -0.94
N TYR B 634 23.81 -10.51 -0.34
CA TYR B 634 24.81 -9.46 -0.04
C TYR B 634 26.01 -9.96 0.70
N HIS B 635 25.82 -10.86 1.66
CA HIS B 635 26.95 -11.39 2.49
C HIS B 635 28.02 -12.06 1.70
N THR B 636 27.76 -12.45 0.46
CA THR B 636 28.76 -13.02 -0.42
C THR B 636 29.87 -12.03 -0.83
N HIS B 637 29.71 -10.75 -0.47
CA HIS B 637 30.81 -9.81 -0.68
C HIS B 637 32.13 -10.25 -0.03
N ALA B 638 31.99 -11.08 1.00
CA ALA B 638 33.15 -11.60 1.76
C ALA B 638 34.10 -12.41 0.89
N LEU B 639 33.61 -12.90 -0.25
CA LEU B 639 34.45 -13.59 -1.19
C LEU B 639 35.54 -12.76 -1.83
N ALA B 640 35.32 -11.46 -1.90
CA ALA B 640 36.29 -10.51 -2.53
C ALA B 640 37.19 -10.05 -1.42
N ALA B 641 38.36 -10.65 -1.37
CA ALA B 641 39.33 -10.37 -0.34
C ALA B 641 39.92 -8.99 -0.43
N SER B 642 40.00 -8.40 -1.63
CA SER B 642 40.62 -7.11 -1.81
C SER B 642 39.63 -5.99 -1.37
N LEU B 643 38.37 -6.30 -1.06
CA LEU B 643 37.35 -5.39 -0.74
C LEU B 643 37.16 -5.26 0.74
N ASP B 644 37.41 -4.13 1.30
CA ASP B 644 37.49 -4.14 2.80
C ASP B 644 36.18 -3.85 3.41
N ASN B 645 35.16 -4.72 3.23
CA ASN B 645 33.79 -4.45 3.68
C ASN B 645 33.49 -5.18 4.95
N ARG B 646 33.25 -4.46 6.04
CA ARG B 646 33.04 -5.00 7.38
C ARG B 646 31.61 -5.16 7.82
N PHE B 647 30.66 -4.83 6.96
CA PHE B 647 29.25 -4.75 7.32
C PHE B 647 28.45 -5.89 6.67
N PHE B 648 27.62 -6.48 7.52
CA PHE B 648 26.63 -7.54 7.13
C PHE B 648 25.28 -7.07 7.56
N ILE B 649 24.23 -7.69 6.98
CA ILE B 649 22.83 -7.33 7.29
C ILE B 649 22.07 -8.57 7.73
N ALA B 650 21.11 -8.41 8.64
CA ALA B 650 20.45 -9.56 9.28
C ALA B 650 19.02 -9.18 9.67
N SER B 651 18.06 -9.45 8.79
CA SER B 651 16.65 -9.17 9.07
C SER B 651 15.81 -9.96 8.10
N ASP B 652 14.53 -10.16 8.45
CA ASP B 652 13.60 -10.73 7.51
C ASP B 652 13.50 -9.89 6.24
N SER B 653 13.82 -8.61 6.28
CA SER B 653 13.82 -7.78 5.09
C SER B 653 14.85 -8.23 4.06
N TYR B 654 15.88 -8.98 4.50
CA TYR B 654 16.94 -9.38 3.63
C TYR B 654 16.92 -10.86 3.40
N SER B 655 15.68 -11.38 3.27
CA SER B 655 15.38 -12.78 3.11
C SER B 655 14.25 -12.94 2.09
N HIS B 656 14.00 -14.20 1.79
CA HIS B 656 12.85 -14.61 0.96
C HIS B 656 11.74 -15.23 1.81
N LEU B 657 11.66 -14.77 3.08
CA LEU B 657 10.61 -15.10 4.01
C LEU B 657 10.33 -13.90 4.89
N GLY B 658 10.12 -12.73 4.26
CA GLY B 658 9.63 -11.59 5.03
C GLY B 658 8.33 -11.96 5.71
N GLY B 659 8.18 -11.49 6.96
CA GLY B 659 7.01 -11.83 7.75
C GLY B 659 7.09 -13.12 8.48
N TRP B 660 8.28 -13.72 8.57
CA TRP B 660 8.48 -14.94 9.35
C TRP B 660 9.77 -14.83 10.14
N LEU B 661 9.77 -15.32 11.37
CA LEU B 661 11.01 -15.50 12.07
C LEU B 661 12.02 -16.29 11.25
N GLU B 662 11.56 -17.25 10.48
CA GLU B 662 12.48 -18.03 9.65
C GLU B 662 13.32 -17.12 8.79
N GLY B 663 12.73 -16.05 8.22
CA GLY B 663 13.50 -15.14 7.38
C GLY B 663 14.53 -14.39 8.17
N ALA B 664 14.17 -13.86 9.32
CA ALA B 664 15.15 -13.17 10.17
C ALA B 664 16.29 -14.11 10.53
N PHE B 665 15.98 -15.34 10.90
CA PHE B 665 16.97 -16.31 11.31
C PHE B 665 17.84 -16.71 10.12
N MET B 666 17.29 -16.89 8.92
CA MET B 666 18.09 -17.22 7.76
C MET B 666 19.06 -16.07 7.46
N SER B 667 18.57 -14.85 7.52
CA SER B 667 19.43 -13.68 7.22
C SER B 667 20.55 -13.58 8.24
N ALA B 668 20.27 -13.85 9.53
CA ALA B 668 21.32 -13.87 10.56
C ALA B 668 22.36 -14.93 10.24
N LEU B 669 21.95 -16.12 9.79
CA LEU B 669 22.88 -17.18 9.48
C LEU B 669 23.77 -16.73 8.31
N ASN B 670 23.16 -16.10 7.31
CA ASN B 670 23.95 -15.53 6.19
C ASN B 670 24.99 -14.56 6.69
N ALA B 671 24.53 -13.63 7.52
CA ALA B 671 25.41 -12.54 8.02
C ALA B 671 26.61 -13.12 8.71
N VAL B 672 26.42 -14.08 9.62
CA VAL B 672 27.54 -14.66 10.36
C VAL B 672 28.43 -15.51 9.47
N ALA B 673 27.86 -16.24 8.52
CA ALA B 673 28.66 -16.96 7.57
C ALA B 673 29.56 -16.01 6.78
N GLY B 674 28.99 -14.91 6.29
CA GLY B 674 29.82 -13.93 5.57
C GLY B 674 30.90 -13.34 6.47
N LEU B 675 30.52 -13.01 7.70
CA LEU B 675 31.50 -12.44 8.62
C LEU B 675 32.65 -13.39 8.80
N ILE B 676 32.40 -14.67 8.94
CA ILE B 676 33.50 -15.64 9.06
C ILE B 676 34.40 -15.59 7.85
N VAL B 677 33.83 -15.59 6.66
CA VAL B 677 34.65 -15.58 5.46
C VAL B 677 35.46 -14.28 5.41
N ARG B 678 34.88 -13.12 5.74
CA ARG B 678 35.60 -11.85 5.73
C ARG B 678 36.71 -11.86 6.78
N ALA B 679 36.44 -12.39 7.98
CA ALA B 679 37.45 -12.40 9.02
C ALA B 679 38.62 -13.32 8.61
N ASN B 680 38.39 -14.31 7.73
CA ASN B 680 39.40 -15.15 7.16
C ASN B 680 39.86 -14.66 5.79
N ARG B 681 39.64 -13.41 5.50
CA ARG B 681 40.19 -12.77 4.32
C ARG B 681 39.88 -13.50 3.05
N GLY B 682 38.64 -13.91 2.94
CA GLY B 682 38.09 -14.53 1.75
C GLY B 682 38.13 -16.04 1.70
N ASP B 683 38.66 -16.71 2.70
CA ASP B 683 38.85 -18.15 2.67
C ASP B 683 37.59 -18.88 3.09
N VAL B 684 36.88 -19.41 2.13
CA VAL B 684 35.67 -20.15 2.36
C VAL B 684 35.87 -21.45 3.14
N SER B 685 37.05 -21.99 3.13
CA SER B 685 37.36 -23.19 3.91
C SER B 685 37.23 -23.00 5.39
N ALA B 686 37.14 -21.74 5.84
CA ALA B 686 36.93 -21.47 7.25
C ALA B 686 35.49 -21.74 7.68
N LEU B 687 34.56 -21.83 6.75
CA LEU B 687 33.20 -22.30 7.05
C LEU B 687 33.26 -23.80 7.19
N SER B 688 32.37 -24.33 8.04
CA SER B 688 32.17 -25.78 8.14
C SER B 688 31.72 -26.31 6.82
N THR B 689 31.89 -27.61 6.62
CA THR B 689 31.42 -28.22 5.40
C THR B 689 29.95 -27.96 5.13
N GLU B 690 29.14 -28.09 6.17
CA GLU B 690 27.72 -27.91 6.01
C GLU B 690 27.28 -26.45 5.85
N ALA B 691 28.07 -25.52 6.35
CA ALA B 691 27.74 -24.09 6.28
C ALA B 691 28.29 -23.45 5.01
N ARG B 692 29.29 -24.03 4.35
CA ARG B 692 29.87 -23.41 3.17
C ARG B 692 28.83 -22.98 2.15
N PRO B 693 27.85 -23.85 1.86
CA PRO B 693 26.90 -23.46 0.84
C PRO B 693 26.08 -22.22 1.15
N LEU B 694 26.03 -21.77 2.43
CA LEU B 694 25.37 -20.53 2.73
C LEU B 694 25.96 -19.36 1.95
N VAL B 695 27.25 -19.44 1.67
CA VAL B 695 27.96 -18.47 0.86
C VAL B 695 28.07 -18.93 -0.59
N ILE B 696 28.58 -20.14 -0.82
CA ILE B 696 28.93 -20.57 -2.18
C ILE B 696 27.76 -21.10 -3.00
N GLY B 697 26.61 -21.36 -2.38
CA GLY B 697 25.45 -21.82 -3.10
C GLY B 697 24.60 -20.73 -3.76
N LEU B 698 24.99 -19.48 -3.58
CA LEU B 698 24.35 -18.34 -4.12
C LEU B 698 25.17 -17.69 -5.20
N ARG B 699 24.53 -16.97 -6.13
CA ARG B 699 25.30 -16.14 -7.07
C ARG B 699 25.96 -14.99 -6.29
N PRO B 700 27.29 -14.85 -6.45
CA PRO B 700 27.95 -13.81 -5.71
C PRO B 700 27.56 -12.42 -6.14
N VAL B 701 27.68 -11.47 -5.21
CA VAL B 701 27.39 -10.09 -5.50
C VAL B 701 28.66 -9.35 -6.02
N VAL B 702 29.80 -9.95 -5.90
CA VAL B 702 31.08 -9.52 -6.42
C VAL B 702 31.66 -10.62 -7.27
N LYS B 703 32.29 -10.26 -8.33
CA LYS B 703 32.89 -11.25 -9.19
C LYS B 703 34.25 -11.57 -8.64
N VAL B 704 34.55 -12.84 -8.43
CA VAL B 704 35.92 -13.28 -8.04
C VAL B 704 36.23 -14.56 -8.81
N PRO B 705 37.49 -14.95 -8.88
CA PRO B 705 37.84 -16.13 -9.66
C PRO B 705 37.15 -17.41 -9.17
N ALA B 706 36.99 -18.35 -10.09
CA ALA B 706 36.48 -19.70 -9.78
C ALA B 706 37.27 -20.37 -8.70
N ALA B 707 36.62 -21.14 -7.82
CA ALA B 707 37.38 -22.34 -7.21
C ALA B 707 38.67 -22.17 -6.47
S SO4 C . -0.57 3.14 4.93
O1 SO4 C . 0.80 3.14 5.22
O2 SO4 C . -1.33 2.03 4.57
O3 SO4 C . 0.27 3.42 3.75
O4 SO4 C . -0.72 3.86 5.94
S SO4 D . 12.54 31.69 11.70
O1 SO4 D . 13.78 31.67 12.49
O2 SO4 D . 11.24 31.26 11.64
O3 SO4 D . 12.61 30.52 10.84
O4 SO4 D . 12.55 33.04 10.89
PA FAD E . -14.20 14.15 -2.45
O1A FAD E . -13.37 15.29 -2.89
O2A FAD E . -13.58 13.14 -1.54
O5B FAD E . -15.54 14.75 -1.86
C5B FAD E . -16.48 13.96 -1.08
C4B FAD E . -17.16 14.89 -0.15
O4B FAD E . -18.12 14.08 0.57
C3B FAD E . -16.24 15.54 0.90
O3B FAD E . -16.43 16.93 0.97
C2B FAD E . -16.62 14.81 2.18
O2B FAD E . -16.43 15.54 3.39
C1B FAD E . -18.05 14.37 1.95
N9A FAD E . -18.48 13.23 2.70
C8A FAD E . -17.83 12.02 2.71
N7A FAD E . -18.51 11.09 3.36
C5A FAD E . -19.66 11.72 3.81
C6A FAD E . -20.75 11.27 4.57
N6A FAD E . -20.83 10.01 5.03
N1A FAD E . -21.73 12.17 4.80
C2A FAD E . -21.59 13.42 4.37
N3A FAD E . -20.58 13.98 3.68
C4A FAD E . -19.65 13.05 3.41
N1 FAD E . -7.04 16.05 -9.27
C2 FAD E . -6.63 16.78 -10.35
O2 FAD E . -7.36 17.01 -11.33
N3 FAD E . -5.34 17.27 -10.32
C4 FAD E . -4.43 17.00 -9.30
O4 FAD E . -3.32 17.65 -9.27
C4X FAD E . -4.85 16.15 -8.34
N5 FAD E . -3.96 15.78 -7.33
C5X FAD E . -4.46 15.27 -6.13
C6 FAD E . -3.63 15.07 -5.06
C7 FAD E . -4.10 14.60 -3.83
C7M FAD E . -3.09 14.39 -2.68
C8 FAD E . -5.48 14.38 -3.70
C8M FAD E . -6.06 14.00 -2.38
C9 FAD E . -6.29 14.55 -4.81
C9A FAD E . -5.82 14.96 -6.06
N10 FAD E . -6.63 15.08 -7.20
C10 FAD E . -6.17 15.77 -8.29
C1' FAD E . -7.94 14.43 -7.29
C2' FAD E . -9.09 15.32 -6.96
O2' FAD E . -8.81 16.02 -5.76
C3' FAD E . -10.36 14.44 -6.82
O3' FAD E . -10.55 13.68 -7.99
C4' FAD E . -11.66 15.15 -6.55
O4' FAD E . -11.43 16.31 -5.68
C5' FAD E . -12.60 14.15 -5.83
O5' FAD E . -13.92 14.64 -5.76
P FAD E . -15.05 13.64 -5.27
O1P FAD E . -16.31 14.42 -5.29
O2P FAD E . -14.92 12.34 -5.96
O3P FAD E . -14.65 13.30 -3.74
N MET F . -3.42 13.32 -10.39
CA MET F . -2.59 13.41 -9.15
C MET F . -1.24 14.07 -9.39
O MET F . -0.50 14.27 -8.42
CB MET F . -2.44 12.06 -8.48
CG MET F . -1.53 11.13 -9.13
SD MET F . -1.88 10.57 -10.80
CE MET F . -3.31 9.85 -10.46
OXT MET F . -0.97 14.43 -10.56
C1 GOL G . -13.25 15.34 6.68
O1 GOL G . -13.07 14.64 7.86
C2 GOL G . -14.14 14.61 5.73
O2 GOL G . -13.51 13.48 5.17
C3 GOL G . -15.47 14.17 6.31
O3 GOL G . -16.31 13.64 5.35
PA FAD H . 12.86 -6.50 14.13
O1A FAD H . 12.02 -7.44 14.88
O2A FAD H . 12.22 -5.33 13.50
O5B FAD H . 14.02 -6.08 15.12
C5B FAD H . 14.91 -5.00 14.83
C4B FAD H . 15.36 -4.40 16.17
O4B FAD H . 16.26 -3.32 15.84
C3B FAD H . 14.22 -3.83 16.99
O3B FAD H . 14.24 -4.32 18.34
C2B FAD H . 14.44 -2.32 16.92
O2B FAD H . 14.03 -1.56 18.03
C1B FAD H . 15.94 -2.18 16.70
N9A FAD H . 16.33 -1.01 15.96
C8A FAD H . 15.84 -0.56 14.77
N7A FAD H . 16.46 0.49 14.30
C5A FAD H . 17.44 0.75 15.25
C6A FAD H . 18.43 1.72 15.27
N6A FAD H . 18.58 2.66 14.35
N1A FAD H . 19.29 1.69 16.34
C2A FAD H . 19.08 0.75 17.29
N3A FAD H . 18.16 -0.22 17.34
C4A FAD H . 17.36 -0.17 16.27
N1 FAD H . 6.68 -14.24 12.13
C2 FAD H . 6.37 -15.52 12.29
O2 FAD H . 7.24 -16.41 12.23
N3 FAD H . 5.09 -15.87 12.55
C4 FAD H . 4.07 -14.93 12.55
O4 FAD H . 2.91 -15.28 12.97
C4X FAD H . 4.36 -13.66 12.24
N5 FAD H . 3.38 -12.66 12.12
C5X FAD H . 3.76 -11.33 12.18
C6 FAD H . 2.79 -10.34 12.31
C7 FAD H . 3.09 -8.99 12.44
C7M FAD H . 1.96 -7.98 12.54
C8 FAD H . 4.44 -8.65 12.50
C8M FAD H . 4.85 -7.23 12.79
C9 FAD H . 5.43 -9.63 12.35
C9A FAD H . 5.10 -10.97 12.15
N10 FAD H . 6.07 -11.99 11.98
C10 FAD H . 5.71 -13.30 12.08
C1' FAD H . 7.45 -11.65 11.56
C2' FAD H . 8.45 -11.61 12.67
O2' FAD H . 7.90 -10.80 13.75
C3' FAD H . 9.72 -10.97 12.13
O3' FAD H . 10.19 -11.74 10.99
C4' FAD H . 10.90 -10.86 13.08
O4' FAD H . 10.45 -10.60 14.40
C5' FAD H . 11.80 -9.76 12.53
O5' FAD H . 13.07 -9.73 13.23
P FAD H . 14.20 -8.77 12.69
O1P FAD H . 15.36 -8.95 13.56
O2P FAD H . 14.31 -8.89 11.22
O3P FAD H . 13.60 -7.27 12.91
N MET I . 3.56 -14.53 8.65
CA MET I . 2.56 -13.51 9.08
C MET I . 1.22 -14.16 9.35
O MET I . 0.32 -13.43 9.78
CB MET I . 2.49 -12.32 8.12
CG MET I . 1.79 -12.63 6.79
SD MET I . 2.46 -13.94 5.74
CE MET I . 3.79 -13.21 5.39
OXT MET I . 1.12 -15.37 9.20
C1 GOL J . 10.36 1.19 18.58
O1 GOL J . 10.08 2.53 18.42
C2 GOL J . 11.44 0.71 17.73
O2 GOL J . 11.08 0.57 16.37
C3 GOL J . 12.74 1.53 17.80
O3 GOL J . 13.75 0.99 17.06
#